data_9MQ6
#
_entry.id   9MQ6
#
_cell.length_a   1.00
_cell.length_b   1.00
_cell.length_c   1.00
_cell.angle_alpha   90.00
_cell.angle_beta   90.00
_cell.angle_gamma   90.00
#
_symmetry.space_group_name_H-M   'P 1'
#
loop_
_entity.id
_entity.type
_entity.pdbx_description
1 polymer 'Transitional endoplasmic reticulum ATPase'
2 polymer 'Deubiquitinating protein VCPIP1'
3 non-polymer "ADENOSINE-5'-DIPHOSPHATE"
4 non-polymer 'PHOSPHOAMINOPHOSPHONIC ACID-ADENYLATE ESTER'
#
loop_
_entity_poly.entity_id
_entity_poly.type
_entity_poly.pdbx_seq_one_letter_code
_entity_poly.pdbx_strand_id
1 'polypeptide(L)'
;MASGADSKGDDLSTAILKQKNRPNRLIVDEAINEDNSVVSLSQPKMDELQLFRGDTVLLKGKKRREAVCIVLSDDTCSDE
KIRMNRVVRNNLRVRLGDVISIQPCPDVKYGKRIHVLPIDDTVEGITGNLFEVYLKPYFLEAYRPIRKGDIFLVRGGMRA
VEFKVVETDPSPYCIVAPDTVIHCEGEPIKREDEEESLNEVGYDDIGGCRKQLAQIKEMVELPLRHPALFKAIGVKPPRG
ILLYGPPGTGKTLIARAVANETGAFFFLINGPEIMSKLAGESESNLRKAFEEAEKNAPAIIFIDELDAIAPKREKTHGEV
ERRIVSQLLTLMDGLKQRAHVIVMAATNRPNSIDPALRRFGRFDREVDIGIPDATGRLEILQIHTKNMKLADDVDLEQVA
NETHGHVGADLAALCSEAALQAIRKKMDLIDLEDETIDAEVMNSLAVTMDDFRWALSQSNPSALRETVVEVPQVTWEDIG
GLEDVKRELQELVQYPVEHPDKFLKFGMTPSKGVLFYGPPGCGKTLLAKAIANECQANFISIKGPELLTMWFGESEANVR
EIFDKARQAAPCVLFFDELDSIAKARGGNIGDGGGAADRVINQILTEMDGMSTKKNVFIIGATNRPDIIDPAILRPGRLD
QLIYIPLPDEKSRVAILKANLRKSPVAKDVDLEFLAKMTNGFSGADLTEICQRACKLAIRESIESEIRRERERQTNPSAM
EVEEDDPVPEIRRDHFEEAMRFARRSVSDNDIRKYEMFAQTLQQSRGFGSFRFPSGNQGGAGPSQGSGGGTGGSVYTEDN
DDDLYG
;
A,B
2 'polypeptide(L)'
;MSQPPPPPPPLPPPPPPPEAPQTPSSLASAAASGGLLKRRDRRILSGSCPDPKCQARLFFPASGSVSIECTECGQRHEQQ
QLLGVEEVTDPDVVLHNLLRNALLGVTGAPKKNTELVKVMGLSNYHCKLLSPILARYGMDKQTGRAKLLRDMNQGELFDC
ALLGDRAFLIEPEHVNTVGYGKDRSGSLLYLHDTLEDIKRANKSQECLIPVHVDGDGHCLVHAVSRALVGRELFWHALRE
NLKQHFQQHLARYQALFHDFIDAAEWEDIINECDPLFVPPEGVPLGLRNIHIFGLANVLHRPIILLDSLSGMRSSGDYSA
TFLPGLIPAEKCTGKDGHLNKPICIAWSSSGRNHYIPLVGIKGAALPKLPMNLLPKAWGVPQDLIKKYIKLEEDGGCVIG
GDRSLQDKYLLRLVAAMEEVFMDKHGIHPSLVADVHQYFYRRTGVIGVQPEEVTAAAKKAVMDNRLHKCLLCGALSELHV
PPEWLAPGGKLYNLAKSTHGQLRTDKNYSFPLNNLVCSYDSVKDVLVPDYGMSNLTACNWCHGTSVRKVRGDGSIVYLDG
DRTNSRSTGGKCGCGFKHFWDGKEYDNLPEAFPITLEWGGRVVRETVYWFQYESDSSLNSNVYDVAMKLVTKHFPGEFGS
EILVQKVVHTILHQTAKKNPDDYTPVNIDGAHAQRVGDVQGQESESQLPTKIILTGQKTKTLHKEELNMSKTERTIQQNI
TEQASVMQKRKTEKLKQEQKGQPRTVSPSTIRDGPSSAPATPTKAPYSPTTSKEKKIRITTNDGRQSMVTLKSSTTFFEL
QESIAREFNIPPYLQCIRYGFPPKELMPPQAGMEKEPVPLQHGDRITIEILKSKAEGGQSAAAHSAHTVKQEDIAVTGKL
SSKELQEQAEKEMYSLCLLATLMGEDVWSYAKGLPHMFQQGGVFYSIMKKTMGMADGKHCTFPHLPGKTFVYNASEDRLE
LCVDAAGHFPIGPDVEDLVKEAVSQVRAEATTRSRESSPSHGLLKLGSGGVVKKKSEQLHNVTAFQGKGHSLGTASGNPH
LDPRARETSVVRKHNTGTDFSNSSTKTEPSVFTASSSNSELIRIAPGVVTMRDGRQLDPDLVEAQRKKLQEMVSSIQASM
DRHLRDQSTEQSPSDLPQRKTEVVSSSAKSGSLQTGLPESFPLTGGTENLNTETTDGCVADALGAAFATRSKAQRGNSVE
ELEEMDSQDAEMTNTTEPMDHS
;
C
#
loop_
_chem_comp.id
_chem_comp.type
_chem_comp.name
_chem_comp.formula
ADP non-polymer ADENOSINE-5'-DIPHOSPHATE 'C10 H15 N5 O10 P2'
ANP non-polymer 'PHOSPHOAMINOPHOSPHONIC ACID-ADENYLATE ESTER' 'C10 H17 N6 O12 P3'
#
# COMPACT_ATOMS: atom_id res chain seq x y z
N ASP A 193 -34.91 -36.39 28.25
CA ASP A 193 -35.73 -36.26 27.05
C ASP A 193 -35.12 -35.26 26.08
N GLU A 194 -35.86 -34.19 25.81
CA GLU A 194 -35.40 -33.12 24.91
C GLU A 194 -34.77 -32.03 25.76
N GLU A 195 -33.56 -32.31 26.24
CA GLU A 195 -32.79 -31.37 27.05
C GLU A 195 -31.77 -30.62 26.19
N GLU A 196 -32.11 -30.42 24.91
CA GLU A 196 -31.27 -29.64 24.01
C GLU A 196 -31.41 -28.15 24.23
N SER A 197 -32.41 -27.71 25.00
CA SER A 197 -32.53 -26.31 25.34
C SER A 197 -31.45 -25.85 26.30
N LEU A 198 -30.89 -26.77 27.09
CA LEU A 198 -29.73 -26.48 27.92
C LEU A 198 -28.46 -26.34 27.09
N ASN A 199 -28.43 -26.88 25.88
CA ASN A 199 -27.29 -26.79 24.98
C ASN A 199 -27.67 -25.85 23.85
N GLU A 200 -27.41 -24.56 24.05
CA GLU A 200 -27.71 -23.56 23.04
C GLU A 200 -26.46 -22.74 22.71
N VAL A 201 -26.63 -21.70 21.93
CA VAL A 201 -25.51 -20.87 21.48
C VAL A 201 -25.79 -19.44 21.96
N GLY A 202 -24.98 -18.96 22.90
CA GLY A 202 -25.04 -17.60 23.35
C GLY A 202 -23.77 -16.83 23.01
N TYR A 203 -23.76 -15.55 23.39
CA TYR A 203 -22.60 -14.72 23.13
C TYR A 203 -21.37 -15.18 23.92
N ASP A 204 -21.57 -15.99 24.97
CA ASP A 204 -20.45 -16.50 25.74
C ASP A 204 -19.74 -17.65 25.03
N ASP A 205 -20.45 -18.39 24.17
CA ASP A 205 -19.84 -19.52 23.49
C ASP A 205 -18.87 -19.08 22.40
N ILE A 206 -19.05 -17.88 21.85
CA ILE A 206 -18.20 -17.38 20.78
C ILE A 206 -16.95 -16.79 21.42
N GLY A 207 -15.86 -17.56 21.44
CA GLY A 207 -14.61 -17.13 22.02
C GLY A 207 -13.61 -16.70 20.97
N GLY A 208 -12.75 -15.75 21.35
CA GLY A 208 -11.70 -15.28 20.47
C GLY A 208 -12.12 -14.25 19.46
N CYS A 209 -13.41 -13.89 19.40
CA CYS A 209 -13.92 -12.89 18.47
C CYS A 209 -14.79 -11.93 19.27
N ARG A 210 -14.17 -10.87 19.79
CA ARG A 210 -14.88 -9.86 20.57
C ARG A 210 -15.13 -8.58 19.78
N LYS A 211 -14.14 -8.13 19.00
CA LYS A 211 -14.32 -6.93 18.19
C LYS A 211 -15.39 -7.15 17.12
N GLN A 212 -15.31 -8.28 16.42
CA GLN A 212 -16.30 -8.57 15.39
C GLN A 212 -17.70 -8.70 15.99
N LEU A 213 -17.79 -9.33 17.16
CA LEU A 213 -19.09 -9.43 17.84
C LEU A 213 -19.61 -8.05 18.21
N ALA A 214 -18.72 -7.16 18.65
CA ALA A 214 -19.14 -5.79 18.94
C ALA A 214 -19.67 -5.08 17.71
N GLN A 215 -18.98 -5.25 16.57
CA GLN A 215 -19.47 -4.63 15.34
C GLN A 215 -20.84 -5.19 14.94
N ILE A 216 -21.01 -6.51 15.06
CA ILE A 216 -22.30 -7.11 14.74
C ILE A 216 -23.40 -6.56 15.63
N LYS A 217 -23.11 -6.42 16.93
CA LYS A 217 -24.09 -5.81 17.82
C LYS A 217 -24.40 -4.38 17.42
N GLU A 218 -23.38 -3.64 16.96
CA GLU A 218 -23.58 -2.26 16.58
C GLU A 218 -24.51 -2.13 15.38
N MET A 219 -24.24 -2.88 14.31
CA MET A 219 -24.91 -2.63 13.04
C MET A 219 -26.01 -3.62 12.71
N VAL A 220 -26.40 -4.50 13.65
CA VAL A 220 -27.47 -5.45 13.37
C VAL A 220 -28.56 -5.36 14.43
N GLU A 221 -28.19 -4.94 15.65
CA GLU A 221 -29.14 -4.86 16.76
C GLU A 221 -29.63 -3.46 17.02
N LEU A 222 -28.72 -2.48 17.08
CA LEU A 222 -29.12 -1.10 17.35
C LEU A 222 -30.06 -0.53 16.30
N PRO A 223 -29.82 -0.68 14.99
CA PRO A 223 -30.71 -0.04 14.01
C PRO A 223 -32.16 -0.46 14.12
N LEU A 224 -32.44 -1.73 14.41
CA LEU A 224 -33.81 -2.23 14.42
C LEU A 224 -34.42 -2.31 15.81
N ARG A 225 -33.69 -1.92 16.85
CA ARG A 225 -34.26 -1.84 18.19
C ARG A 225 -34.50 -0.41 18.65
N HIS A 226 -33.75 0.55 18.10
CA HIS A 226 -33.96 1.98 18.37
C HIS A 226 -33.98 2.71 17.03
N PRO A 227 -35.05 2.56 16.26
CA PRO A 227 -35.10 3.20 14.93
C PRO A 227 -34.99 4.70 14.97
N ALA A 228 -35.52 5.34 16.01
CA ALA A 228 -35.54 6.80 16.07
C ALA A 228 -34.15 7.40 16.29
N LEU A 229 -33.21 6.62 16.81
CA LEU A 229 -31.87 7.16 17.09
C LEU A 229 -31.17 7.56 15.80
N PHE A 230 -31.25 6.72 14.76
CA PHE A 230 -30.66 7.08 13.48
C PHE A 230 -31.48 8.14 12.76
N LYS A 231 -32.79 8.16 13.00
CA LYS A 231 -33.63 9.20 12.39
C LYS A 231 -33.27 10.57 12.92
N ALA A 232 -32.96 10.68 14.22
CA ALA A 232 -32.63 11.97 14.81
C ALA A 232 -31.38 12.56 14.16
N ILE A 233 -30.34 11.76 14.00
CA ILE A 233 -29.16 12.22 13.28
C ILE A 233 -29.47 12.36 11.79
N GLY A 234 -30.14 11.37 11.21
CA GLY A 234 -30.52 11.40 9.83
C GLY A 234 -29.73 10.50 8.89
N VAL A 235 -28.97 9.54 9.41
CA VAL A 235 -28.20 8.63 8.58
C VAL A 235 -28.97 7.34 8.38
N LYS A 236 -28.76 6.70 7.23
CA LYS A 236 -29.47 5.48 6.88
C LYS A 236 -28.70 4.26 7.39
N PRO A 237 -29.35 3.36 8.12
CA PRO A 237 -28.67 2.15 8.57
C PRO A 237 -28.36 1.23 7.40
N PRO A 238 -27.35 0.37 7.53
CA PRO A 238 -27.00 -0.53 6.42
C PRO A 238 -28.11 -1.54 6.16
N ARG A 239 -28.18 -1.98 4.90
CA ARG A 239 -29.21 -2.92 4.47
C ARG A 239 -28.63 -4.28 4.08
N GLY A 240 -27.38 -4.55 4.43
CA GLY A 240 -26.76 -5.83 4.15
C GLY A 240 -25.38 -5.97 4.75
N ILE A 241 -25.11 -7.12 5.38
CA ILE A 241 -23.84 -7.38 6.03
C ILE A 241 -23.29 -8.70 5.52
N LEU A 242 -22.00 -8.71 5.20
CA LEU A 242 -21.32 -9.91 4.71
C LEU A 242 -20.26 -10.34 5.72
N LEU A 243 -20.02 -11.65 5.79
CA LEU A 243 -19.06 -12.22 6.73
C LEU A 243 -17.98 -12.97 5.96
N TYR A 244 -16.72 -12.58 6.18
CA TYR A 244 -15.59 -13.24 5.57
C TYR A 244 -15.14 -14.41 6.45
N GLY A 245 -13.97 -14.97 6.16
CA GLY A 245 -13.36 -15.95 7.02
C GLY A 245 -13.01 -17.24 6.33
N PRO A 246 -11.86 -17.80 6.67
CA PRO A 246 -11.49 -19.12 6.17
C PRO A 246 -12.41 -20.18 6.72
N PRO A 247 -12.42 -21.38 6.13
CA PRO A 247 -13.36 -22.41 6.58
C PRO A 247 -13.12 -22.79 8.03
N GLY A 248 -14.22 -23.11 8.71
CA GLY A 248 -14.16 -23.54 10.10
C GLY A 248 -13.69 -22.48 11.08
N THR A 249 -14.20 -21.25 10.96
CA THR A 249 -13.84 -20.19 11.88
C THR A 249 -14.97 -19.76 12.80
N GLY A 250 -16.22 -20.09 12.47
CA GLY A 250 -17.32 -19.77 13.35
C GLY A 250 -18.37 -18.88 12.72
N LYS A 251 -18.44 -18.89 11.39
CA LYS A 251 -19.40 -18.03 10.70
C LYS A 251 -20.84 -18.44 11.01
N THR A 252 -21.12 -19.74 11.04
CA THR A 252 -22.48 -20.19 11.33
C THR A 252 -22.81 -20.15 12.82
N LEU A 253 -21.80 -20.12 13.68
CA LEU A 253 -22.06 -20.00 15.12
C LEU A 253 -22.72 -18.66 15.44
N ILE A 254 -22.20 -17.58 14.85
CA ILE A 254 -22.78 -16.27 15.08
C ILE A 254 -24.21 -16.21 14.57
N ALA A 255 -24.50 -16.94 13.49
CA ALA A 255 -25.87 -17.00 12.98
C ALA A 255 -26.83 -17.53 14.04
N ARG A 256 -26.49 -18.67 14.65
CA ARG A 256 -27.37 -19.24 15.67
C ARG A 256 -27.41 -18.36 16.91
N ALA A 257 -26.28 -17.77 17.30
CA ALA A 257 -26.27 -16.90 18.47
C ALA A 257 -27.22 -15.73 18.28
N VAL A 258 -27.13 -15.06 17.13
CA VAL A 258 -28.04 -13.96 16.83
C VAL A 258 -29.47 -14.46 16.72
N ALA A 259 -29.65 -15.66 16.18
CA ALA A 259 -31.00 -16.19 16.01
C ALA A 259 -31.71 -16.37 17.34
N ASN A 260 -31.01 -16.90 18.34
CA ASN A 260 -31.65 -17.19 19.62
C ASN A 260 -31.27 -16.19 20.71
N GLU A 261 -30.66 -15.05 20.36
CA GLU A 261 -30.32 -14.06 21.39
C GLU A 261 -30.61 -12.64 20.90
N THR A 262 -31.68 -12.47 20.12
CA THR A 262 -32.11 -11.14 19.69
C THR A 262 -33.52 -10.78 20.14
N GLY A 263 -34.48 -11.68 19.91
CA GLY A 263 -35.87 -11.40 20.18
C GLY A 263 -36.64 -10.92 18.97
N ALA A 264 -35.96 -10.43 17.95
CA ALA A 264 -36.62 -10.08 16.69
C ALA A 264 -36.84 -11.32 15.85
N PHE A 265 -37.76 -11.21 14.89
CA PHE A 265 -38.05 -12.34 14.02
C PHE A 265 -36.81 -12.71 13.21
N PHE A 266 -36.54 -14.01 13.13
CA PHE A 266 -35.36 -14.53 12.46
C PHE A 266 -35.76 -15.59 11.46
N PHE A 267 -35.26 -15.48 10.24
CA PHE A 267 -35.54 -16.45 9.18
C PHE A 267 -34.22 -16.94 8.60
N LEU A 268 -34.08 -18.26 8.48
CA LEU A 268 -32.86 -18.88 8.01
C LEU A 268 -33.06 -19.40 6.59
N ILE A 269 -32.17 -19.02 5.68
CA ILE A 269 -32.19 -19.49 4.31
C ILE A 269 -30.85 -20.16 4.03
N ASN A 270 -30.84 -21.48 3.99
CA ASN A 270 -29.63 -22.21 3.66
C ASN A 270 -29.27 -21.97 2.20
N GLY A 271 -27.96 -21.91 1.92
CA GLY A 271 -27.49 -21.74 0.58
C GLY A 271 -27.83 -22.91 -0.31
N PRO A 272 -27.20 -24.06 -0.06
CA PRO A 272 -27.45 -25.23 -0.92
C PRO A 272 -28.90 -25.70 -0.91
N GLU A 273 -29.62 -25.51 0.19
CA GLU A 273 -30.99 -26.01 0.27
C GLU A 273 -31.90 -25.32 -0.75
N ILE A 274 -31.73 -24.01 -0.93
CA ILE A 274 -32.59 -23.29 -1.85
C ILE A 274 -32.29 -23.64 -3.30
N MET A 275 -31.09 -24.13 -3.59
CA MET A 275 -30.74 -24.50 -4.96
C MET A 275 -31.11 -25.94 -5.29
N SER A 276 -31.35 -26.78 -4.29
CA SER A 276 -31.70 -28.16 -4.55
C SER A 276 -33.14 -28.33 -5.04
N LYS A 277 -33.99 -27.35 -4.80
CA LYS A 277 -35.38 -27.44 -5.22
C LYS A 277 -35.48 -27.38 -6.75
N LEU A 278 -36.62 -27.82 -7.27
CA LEU A 278 -36.86 -27.81 -8.70
C LEU A 278 -36.89 -26.38 -9.22
N ALA A 279 -36.53 -26.20 -10.48
CA ALA A 279 -36.55 -24.88 -11.09
C ALA A 279 -37.95 -24.29 -11.04
N GLY A 280 -38.03 -23.03 -10.66
CA GLY A 280 -39.31 -22.35 -10.46
C GLY A 280 -39.78 -22.36 -9.03
N GLU A 281 -39.62 -23.50 -8.34
CA GLU A 281 -40.00 -23.57 -6.93
C GLU A 281 -38.99 -22.85 -6.04
N SER A 282 -37.73 -22.82 -6.44
CA SER A 282 -36.72 -22.10 -5.65
C SER A 282 -37.04 -20.61 -5.58
N GLU A 283 -37.42 -20.02 -6.72
CA GLU A 283 -37.82 -18.62 -6.71
C GLU A 283 -39.06 -18.42 -5.86
N SER A 284 -40.01 -19.35 -5.91
CA SER A 284 -41.19 -19.25 -5.07
C SER A 284 -40.82 -19.25 -3.59
N ASN A 285 -39.90 -20.12 -3.19
CA ASN A 285 -39.47 -20.16 -1.79
C ASN A 285 -38.75 -18.88 -1.39
N LEU A 286 -37.86 -18.38 -2.26
CA LEU A 286 -37.13 -17.16 -1.94
C LEU A 286 -38.06 -15.97 -1.80
N ARG A 287 -39.01 -15.83 -2.73
CA ARG A 287 -39.97 -14.75 -2.66
C ARG A 287 -40.87 -14.89 -1.45
N LYS A 288 -41.28 -16.12 -1.12
CA LYS A 288 -42.11 -16.35 0.05
C LYS A 288 -41.38 -15.96 1.32
N ALA A 289 -40.09 -16.30 1.42
CA ALA A 289 -39.31 -15.90 2.59
C ALA A 289 -39.20 -14.39 2.69
N PHE A 290 -38.85 -13.73 1.59
CA PHE A 290 -38.69 -12.28 1.62
C PHE A 290 -40.00 -11.55 1.87
N GLU A 291 -41.13 -12.13 1.50
CA GLU A 291 -42.42 -11.51 1.75
C GLU A 291 -42.93 -11.78 3.16
N GLU A 292 -42.69 -13.00 3.67
CA GLU A 292 -43.15 -13.34 5.01
C GLU A 292 -42.34 -12.60 6.07
N ALA A 293 -41.03 -12.46 5.86
CA ALA A 293 -40.24 -11.69 6.80
C ALA A 293 -40.69 -10.24 6.85
N GLU A 294 -40.98 -9.65 5.69
CA GLU A 294 -41.39 -8.25 5.65
C GLU A 294 -42.70 -8.01 6.39
N LYS A 295 -43.54 -9.04 6.50
CA LYS A 295 -44.79 -8.90 7.24
C LYS A 295 -44.52 -8.61 8.72
N ASN A 296 -43.54 -9.29 9.30
CA ASN A 296 -43.13 -9.03 10.66
C ASN A 296 -42.03 -7.96 10.67
N ALA A 297 -41.68 -7.50 11.88
CA ALA A 297 -40.67 -6.47 12.02
C ALA A 297 -40.16 -6.40 13.45
N PRO A 298 -38.84 -6.35 13.67
CA PRO A 298 -37.76 -6.48 12.69
C PRO A 298 -37.59 -7.92 12.22
N ALA A 299 -36.96 -8.14 11.07
CA ALA A 299 -37.00 -9.43 10.39
C ALA A 299 -35.63 -9.83 9.84
N ILE A 300 -34.61 -9.82 10.70
CA ILE A 300 -33.26 -10.25 10.31
C ILE A 300 -33.33 -11.54 9.48
N ILE A 301 -32.70 -11.51 8.31
CA ILE A 301 -32.66 -12.65 7.40
C ILE A 301 -31.20 -13.06 7.21
N PHE A 302 -30.90 -14.33 7.44
CA PHE A 302 -29.56 -14.85 7.30
C PHE A 302 -29.53 -15.83 6.14
N ILE A 303 -28.63 -15.58 5.19
CA ILE A 303 -28.39 -16.48 4.07
C ILE A 303 -27.05 -17.14 4.32
N ASP A 304 -27.05 -18.47 4.43
CA ASP A 304 -25.89 -19.18 4.96
C ASP A 304 -24.72 -19.15 3.99
N GLU A 305 -24.90 -19.73 2.80
CA GLU A 305 -23.83 -19.82 1.80
C GLU A 305 -24.36 -19.30 0.47
N LEU A 306 -24.27 -17.99 0.25
CA LEU A 306 -24.72 -17.46 -1.03
C LEU A 306 -23.71 -17.66 -2.13
N ASP A 307 -22.47 -18.07 -1.81
CA ASP A 307 -21.53 -18.41 -2.86
C ASP A 307 -22.01 -19.57 -3.71
N ALA A 308 -22.93 -20.39 -3.17
CA ALA A 308 -23.63 -21.40 -3.94
C ALA A 308 -24.90 -20.87 -4.57
N ILE A 309 -25.32 -19.66 -4.23
CA ILE A 309 -26.50 -19.04 -4.81
C ILE A 309 -26.13 -18.06 -5.92
N ALA A 310 -25.14 -17.21 -5.66
CA ALA A 310 -24.73 -16.17 -6.61
C ALA A 310 -23.23 -16.27 -6.84
N PRO A 311 -22.79 -17.20 -7.67
CA PRO A 311 -21.36 -17.29 -7.99
C PRO A 311 -20.92 -16.17 -8.91
N LYS A 312 -19.67 -16.21 -9.37
CA LYS A 312 -19.22 -15.24 -10.36
C LYS A 312 -20.07 -15.36 -11.62
N ARG A 313 -20.46 -14.21 -12.18
CA ARG A 313 -21.42 -14.22 -13.28
C ARG A 313 -20.88 -14.97 -14.49
N GLU A 314 -19.61 -14.75 -14.83
CA GLU A 314 -19.02 -15.46 -15.96
C GLU A 314 -18.94 -16.96 -15.71
N LYS A 315 -18.81 -17.37 -14.45
CA LYS A 315 -18.71 -18.78 -14.10
C LYS A 315 -20.07 -19.44 -13.94
N THR A 316 -21.16 -18.68 -14.08
CA THR A 316 -22.51 -19.23 -13.98
C THR A 316 -22.81 -19.99 -15.27
N HIS A 317 -22.25 -21.19 -15.38
CA HIS A 317 -22.45 -22.03 -16.55
C HIS A 317 -23.87 -22.58 -16.50
N GLY A 318 -24.79 -21.89 -17.16
CA GLY A 318 -26.18 -22.27 -17.15
C GLY A 318 -27.06 -21.05 -17.35
N GLU A 319 -28.36 -21.27 -17.17
CA GLU A 319 -29.35 -20.21 -17.35
C GLU A 319 -30.21 -19.98 -16.13
N VAL A 320 -30.58 -21.03 -15.40
CA VAL A 320 -31.42 -20.86 -14.22
C VAL A 320 -30.66 -20.14 -13.12
N GLU A 321 -29.35 -20.36 -13.02
CA GLU A 321 -28.56 -19.71 -11.98
C GLU A 321 -28.56 -18.20 -12.14
N ARG A 322 -28.42 -17.71 -13.38
CA ARG A 322 -28.47 -16.27 -13.60
C ARG A 322 -29.85 -15.71 -13.27
N ARG A 323 -30.91 -16.47 -13.54
CA ARG A 323 -32.24 -16.04 -13.17
C ARG A 323 -32.39 -15.95 -11.66
N ILE A 324 -31.81 -16.91 -10.93
CA ILE A 324 -31.84 -16.86 -9.46
C ILE A 324 -31.10 -15.63 -8.96
N VAL A 325 -29.93 -15.36 -9.53
CA VAL A 325 -29.16 -14.18 -9.11
C VAL A 325 -29.96 -12.91 -9.36
N SER A 326 -30.58 -12.80 -10.54
CA SER A 326 -31.37 -11.61 -10.84
C SER A 326 -32.57 -11.49 -9.90
N GLN A 327 -33.21 -12.61 -9.56
CA GLN A 327 -34.32 -12.58 -8.61
C GLN A 327 -33.84 -12.10 -7.24
N LEU A 328 -32.65 -12.54 -6.83
CA LEU A 328 -32.10 -12.05 -5.57
C LEU A 328 -31.84 -10.55 -5.63
N LEU A 329 -31.33 -10.06 -6.77
CA LEU A 329 -31.06 -8.63 -6.90
C LEU A 329 -32.34 -7.81 -6.82
N THR A 330 -33.40 -8.27 -7.48
CA THR A 330 -34.65 -7.51 -7.48
C THR A 330 -35.26 -7.42 -6.09
N LEU A 331 -35.30 -8.54 -5.37
CA LEU A 331 -35.89 -8.52 -4.02
C LEU A 331 -35.09 -7.63 -3.08
N MET A 332 -33.76 -7.65 -3.20
CA MET A 332 -32.94 -6.85 -2.31
C MET A 332 -33.17 -5.37 -2.53
N ASP A 333 -33.27 -4.93 -3.78
CA ASP A 333 -33.50 -3.52 -4.06
C ASP A 333 -34.91 -3.08 -3.72
N GLY A 334 -35.81 -4.00 -3.40
CA GLY A 334 -37.16 -3.66 -3.00
C GLY A 334 -37.32 -3.30 -1.55
N LEU A 335 -36.23 -3.29 -0.78
CA LEU A 335 -36.29 -2.97 0.65
C LEU A 335 -36.06 -1.47 0.83
N LYS A 336 -37.15 -0.71 0.70
CA LYS A 336 -37.09 0.73 0.86
C LYS A 336 -37.37 1.12 2.32
N GLN A 337 -36.48 0.64 3.20
CA GLN A 337 -36.63 0.81 4.64
C GLN A 337 -38.00 0.32 5.10
N ARG A 338 -38.42 -0.81 4.54
CA ARG A 338 -39.75 -1.37 4.81
C ARG A 338 -39.65 -2.30 6.00
N ALA A 339 -40.28 -1.91 7.11
CA ALA A 339 -40.38 -2.72 8.33
C ALA A 339 -39.01 -3.06 8.90
N HIS A 340 -37.97 -2.32 8.53
CA HIS A 340 -36.63 -2.46 9.09
C HIS A 340 -36.14 -3.90 8.97
N VAL A 341 -35.99 -4.35 7.73
CA VAL A 341 -35.51 -5.69 7.43
C VAL A 341 -34.04 -5.62 7.08
N ILE A 342 -33.23 -6.46 7.70
CA ILE A 342 -31.79 -6.49 7.48
C ILE A 342 -31.39 -7.89 7.04
N VAL A 343 -30.55 -7.96 6.01
CA VAL A 343 -30.14 -9.22 5.40
C VAL A 343 -28.67 -9.45 5.69
N MET A 344 -28.34 -10.65 6.17
CA MET A 344 -26.97 -11.05 6.44
C MET A 344 -26.58 -12.22 5.55
N ALA A 345 -25.28 -12.37 5.30
CA ALA A 345 -24.80 -13.47 4.48
C ALA A 345 -23.40 -13.84 4.90
N ALA A 346 -23.03 -15.09 4.65
CA ALA A 346 -21.73 -15.63 5.04
C ALA A 346 -21.06 -16.27 3.83
N THR A 347 -19.74 -16.06 3.71
CA THR A 347 -18.99 -16.59 2.59
C THR A 347 -17.59 -16.97 3.06
N ASN A 348 -16.99 -17.96 2.39
CA ASN A 348 -15.62 -18.32 2.66
C ASN A 348 -14.62 -17.38 2.00
N ARG A 349 -15.05 -16.60 1.02
CA ARG A 349 -14.15 -15.70 0.31
C ARG A 349 -14.94 -14.62 -0.42
N PRO A 350 -14.55 -13.35 -0.26
CA PRO A 350 -15.24 -12.28 -1.00
C PRO A 350 -15.15 -12.43 -2.51
N ASN A 351 -14.04 -12.96 -3.02
CA ASN A 351 -13.83 -13.04 -4.47
C ASN A 351 -14.43 -14.32 -5.05
N SER A 352 -15.69 -14.57 -4.71
CA SER A 352 -16.46 -15.62 -5.34
C SER A 352 -17.91 -15.23 -5.56
N ILE A 353 -18.29 -14.00 -5.23
CA ILE A 353 -19.65 -13.52 -5.35
C ILE A 353 -19.76 -12.63 -6.58
N ASP A 354 -20.95 -12.57 -7.15
CA ASP A 354 -21.18 -11.69 -8.28
C ASP A 354 -20.88 -10.25 -7.85
N PRO A 355 -20.01 -9.54 -8.57
CA PRO A 355 -19.68 -8.17 -8.15
C PRO A 355 -20.86 -7.23 -8.11
N ALA A 356 -21.96 -7.56 -8.79
CA ALA A 356 -23.16 -6.75 -8.70
C ALA A 356 -23.77 -6.74 -7.31
N LEU A 357 -23.43 -7.73 -6.48
CA LEU A 357 -23.97 -7.83 -5.13
C LEU A 357 -23.19 -7.02 -4.11
N ARG A 358 -22.08 -6.40 -4.49
CA ARG A 358 -21.27 -5.62 -3.58
C ARG A 358 -21.37 -4.12 -3.88
N ARG A 359 -22.52 -3.68 -4.39
CA ARG A 359 -22.74 -2.29 -4.72
C ARG A 359 -23.47 -1.59 -3.57
N PHE A 360 -23.79 -0.31 -3.78
CA PHE A 360 -24.56 0.44 -2.80
C PHE A 360 -25.99 -0.08 -2.76
N GLY A 361 -26.55 -0.15 -1.54
CA GLY A 361 -27.86 -0.73 -1.35
C GLY A 361 -27.88 -2.23 -1.31
N ARG A 362 -26.73 -2.88 -1.43
CA ARG A 362 -26.61 -4.33 -1.41
C ARG A 362 -25.55 -4.65 -0.35
N PHE A 363 -25.03 -5.87 -0.38
CA PHE A 363 -24.06 -6.27 0.63
C PHE A 363 -22.79 -5.44 0.47
N ASP A 364 -22.71 -4.34 1.21
CA ASP A 364 -21.58 -3.43 1.14
C ASP A 364 -20.75 -3.39 2.42
N ARG A 365 -21.36 -3.72 3.56
CA ARG A 365 -20.64 -3.75 4.83
C ARG A 365 -20.21 -5.19 5.10
N GLU A 366 -18.94 -5.38 5.41
CA GLU A 366 -18.37 -6.71 5.59
C GLU A 366 -17.58 -6.78 6.88
N VAL A 367 -17.56 -7.97 7.47
CA VAL A 367 -16.79 -8.26 8.67
C VAL A 367 -15.73 -9.29 8.30
N ASP A 368 -14.64 -9.31 9.06
CA ASP A 368 -13.42 -10.01 8.69
C ASP A 368 -12.99 -10.99 9.77
N ILE A 369 -13.91 -11.86 10.20
CA ILE A 369 -13.58 -12.94 11.11
C ILE A 369 -12.34 -13.67 10.61
N GLY A 370 -11.32 -13.78 11.46
CA GLY A 370 -10.05 -14.32 11.02
C GLY A 370 -9.45 -15.37 11.92
N ILE A 371 -8.18 -15.68 11.69
CA ILE A 371 -7.49 -16.71 12.47
C ILE A 371 -7.30 -16.22 13.91
N PRO A 372 -7.62 -17.03 14.91
CA PRO A 372 -7.43 -16.60 16.30
C PRO A 372 -5.96 -16.51 16.67
N ASP A 373 -5.69 -15.70 17.68
CA ASP A 373 -4.36 -15.56 18.25
C ASP A 373 -4.23 -16.48 19.46
N ALA A 374 -3.12 -16.34 20.20
CA ALA A 374 -2.87 -17.23 21.33
C ALA A 374 -3.94 -17.09 22.40
N THR A 375 -4.31 -15.84 22.74
CA THR A 375 -5.36 -15.62 23.72
C THR A 375 -6.70 -16.18 23.22
N GLY A 376 -6.99 -15.98 21.94
CA GLY A 376 -8.22 -16.53 21.38
C GLY A 376 -8.25 -18.04 21.45
N ARG A 377 -7.12 -18.69 21.13
CA ARG A 377 -7.06 -20.14 21.21
C ARG A 377 -7.24 -20.62 22.65
N LEU A 378 -6.64 -19.93 23.61
CA LEU A 378 -6.82 -20.30 25.00
C LEU A 378 -8.29 -20.16 25.42
N GLU A 379 -8.95 -19.08 24.99
CA GLU A 379 -10.35 -18.89 25.33
C GLU A 379 -11.21 -19.98 24.71
N ILE A 380 -10.93 -20.34 23.45
CA ILE A 380 -11.69 -21.41 22.80
C ILE A 380 -11.50 -22.72 23.53
N LEU A 381 -10.26 -23.03 23.91
CA LEU A 381 -9.99 -24.27 24.65
C LEU A 381 -10.74 -24.29 25.98
N GLN A 382 -10.74 -23.16 26.70
CA GLN A 382 -11.47 -23.11 27.95
C GLN A 382 -12.97 -23.26 27.73
N ILE A 383 -13.49 -22.75 26.63
CA ILE A 383 -14.91 -22.91 26.33
C ILE A 383 -15.25 -24.37 26.05
N HIS A 384 -14.42 -25.04 25.24
CA HIS A 384 -14.73 -26.41 24.84
C HIS A 384 -14.56 -27.39 26.00
N THR A 385 -13.55 -27.20 26.82
CA THR A 385 -13.26 -28.11 27.93
C THR A 385 -14.07 -27.80 29.18
N LYS A 386 -15.18 -27.07 29.04
CA LYS A 386 -16.00 -26.71 30.19
C LYS A 386 -16.86 -27.87 30.68
N ASN A 387 -16.98 -28.95 29.92
CA ASN A 387 -17.84 -30.06 30.28
C ASN A 387 -17.09 -31.33 30.65
N MET A 388 -15.97 -31.62 30.00
CA MET A 388 -15.24 -32.84 30.28
C MET A 388 -14.45 -32.71 31.57
N LYS A 389 -14.08 -33.86 32.13
CA LYS A 389 -13.37 -33.92 33.40
C LYS A 389 -11.87 -33.94 33.11
N LEU A 390 -11.18 -32.89 33.54
CA LEU A 390 -9.74 -32.78 33.36
C LEU A 390 -9.00 -33.22 34.62
N ALA A 391 -7.71 -33.49 34.45
CA ALA A 391 -6.85 -33.82 35.57
C ALA A 391 -6.34 -32.55 36.24
N ASP A 392 -5.51 -32.71 37.25
CA ASP A 392 -5.00 -31.58 38.02
C ASP A 392 -3.68 -31.05 37.51
N ASP A 393 -3.12 -31.64 36.45
CA ASP A 393 -1.86 -31.19 35.87
C ASP A 393 -2.02 -30.63 34.47
N VAL A 394 -3.25 -30.44 34.01
CA VAL A 394 -3.52 -29.96 32.66
C VAL A 394 -3.57 -28.44 32.69
N ASP A 395 -2.54 -27.81 32.13
CA ASP A 395 -2.48 -26.36 31.97
C ASP A 395 -2.78 -26.03 30.52
N LEU A 396 -3.98 -25.51 30.26
CA LEU A 396 -4.39 -25.23 28.89
C LEU A 396 -3.56 -24.12 28.25
N GLU A 397 -2.85 -23.32 29.05
CA GLU A 397 -2.04 -22.24 28.48
C GLU A 397 -0.91 -22.80 27.64
N GLN A 398 -0.26 -23.88 28.10
CA GLN A 398 0.79 -24.49 27.32
C GLN A 398 0.26 -25.03 25.99
N VAL A 399 -0.91 -25.66 26.02
CA VAL A 399 -1.52 -26.17 24.80
C VAL A 399 -1.83 -25.02 23.85
N ALA A 400 -2.38 -23.92 24.38
CA ALA A 400 -2.70 -22.77 23.54
C ALA A 400 -1.44 -22.19 22.91
N ASN A 401 -0.35 -22.11 23.67
CA ASN A 401 0.90 -21.60 23.11
C ASN A 401 1.45 -22.53 22.03
N GLU A 402 1.35 -23.85 22.24
CA GLU A 402 1.98 -24.79 21.32
C GLU A 402 1.26 -24.84 19.97
N THR A 403 -0.06 -24.82 19.98
CA THR A 403 -0.80 -24.82 18.72
C THR A 403 -0.57 -23.51 17.98
N HIS A 404 -0.30 -23.62 16.67
CA HIS A 404 0.11 -22.46 15.88
C HIS A 404 -0.92 -22.06 14.84
N GLY A 405 -1.29 -22.97 13.94
CA GLY A 405 -2.20 -22.67 12.86
C GLY A 405 -3.63 -23.14 13.03
N HIS A 406 -4.01 -23.59 14.22
CA HIS A 406 -5.33 -24.17 14.40
C HIS A 406 -6.41 -23.09 14.38
N VAL A 407 -7.63 -23.53 14.08
CA VAL A 407 -8.82 -22.70 14.17
C VAL A 407 -9.79 -23.38 15.12
N GLY A 408 -10.99 -22.82 15.29
CA GLY A 408 -11.92 -23.36 16.26
C GLY A 408 -12.25 -24.83 16.01
N ALA A 409 -12.51 -25.19 14.75
CA ALA A 409 -12.80 -26.58 14.43
C ALA A 409 -11.62 -27.48 14.76
N ASP A 410 -10.40 -27.02 14.47
CA ASP A 410 -9.21 -27.81 14.78
C ASP A 410 -9.04 -28.01 16.29
N LEU A 411 -9.32 -26.96 17.08
CA LEU A 411 -9.23 -27.10 18.53
C LEU A 411 -10.29 -28.07 19.06
N ALA A 412 -11.50 -28.02 18.50
CA ALA A 412 -12.52 -28.99 18.90
C ALA A 412 -12.09 -30.41 18.56
N ALA A 413 -11.51 -30.60 17.38
CA ALA A 413 -11.00 -31.93 17.01
C ALA A 413 -9.89 -32.38 17.94
N LEU A 414 -9.02 -31.46 18.33
CA LEU A 414 -7.95 -31.79 19.27
C LEU A 414 -8.51 -32.25 20.61
N CYS A 415 -9.51 -31.54 21.12
CA CYS A 415 -10.13 -31.95 22.38
C CYS A 415 -10.79 -33.31 22.25
N SER A 416 -11.47 -33.56 21.13
CA SER A 416 -12.09 -34.86 20.92
C SER A 416 -11.05 -35.97 20.87
N GLU A 417 -9.93 -35.73 20.19
CA GLU A 417 -8.87 -36.74 20.13
C GLU A 417 -8.24 -36.98 21.49
N ALA A 418 -8.08 -35.93 22.28
CA ALA A 418 -7.56 -36.12 23.64
C ALA A 418 -8.51 -36.98 24.46
N ALA A 419 -9.82 -36.72 24.36
CA ALA A 419 -10.78 -37.54 25.09
C ALA A 419 -10.73 -38.99 24.61
N LEU A 420 -10.62 -39.20 23.30
CA LEU A 420 -10.57 -40.56 22.78
C LEU A 420 -9.32 -41.28 23.25
N GLN A 421 -8.18 -40.59 23.28
CA GLN A 421 -6.96 -41.19 23.81
C GLN A 421 -7.10 -41.54 25.28
N ALA A 422 -7.75 -40.67 26.05
CA ALA A 422 -7.97 -40.96 27.46
C ALA A 422 -8.84 -42.20 27.63
N ILE A 423 -9.86 -42.35 26.81
CA ILE A 423 -10.71 -43.53 26.88
C ILE A 423 -9.91 -44.79 26.50
N ARG A 424 -9.12 -44.70 25.43
CA ARG A 424 -8.41 -45.87 24.94
C ARG A 424 -7.26 -46.30 25.85
N LYS A 425 -6.79 -45.41 26.71
CA LYS A 425 -5.55 -45.68 27.45
C LYS A 425 -5.72 -46.81 28.45
N LYS A 426 -6.59 -46.60 29.44
CA LYS A 426 -6.73 -47.55 30.55
C LYS A 426 -8.03 -48.33 30.52
N MET A 427 -9.15 -47.69 30.19
CA MET A 427 -10.43 -48.40 30.22
C MET A 427 -10.58 -49.42 29.09
N ASP A 428 -9.66 -49.44 28.13
CA ASP A 428 -9.78 -50.38 27.02
C ASP A 428 -9.71 -51.82 27.50
N LEU A 429 -8.79 -52.11 28.42
CA LEU A 429 -8.68 -53.46 28.96
C LEU A 429 -9.79 -53.78 29.96
N ILE A 430 -10.49 -52.77 30.46
CA ILE A 430 -11.62 -52.99 31.36
C ILE A 430 -12.93 -53.02 30.58
N ASP A 431 -13.10 -52.12 29.61
CA ASP A 431 -14.28 -52.14 28.77
C ASP A 431 -14.28 -53.39 27.89
N LEU A 432 -15.47 -53.91 27.62
CA LEU A 432 -15.63 -55.16 26.90
C LEU A 432 -16.42 -55.04 25.60
N GLU A 433 -16.94 -53.84 25.29
CA GLU A 433 -17.73 -53.62 24.07
C GLU A 433 -18.94 -54.55 24.02
N ASP A 434 -19.60 -54.73 25.16
CA ASP A 434 -20.81 -55.53 25.22
C ASP A 434 -21.59 -55.11 26.47
N GLU A 435 -22.90 -55.41 26.44
CA GLU A 435 -23.80 -55.07 27.52
C GLU A 435 -23.73 -53.58 27.85
N THR A 436 -23.27 -53.25 29.05
CA THR A 436 -23.05 -51.87 29.45
C THR A 436 -21.75 -51.77 30.22
N ILE A 437 -21.15 -50.59 30.19
CA ILE A 437 -19.91 -50.36 30.90
C ILE A 437 -20.20 -50.13 32.38
N ASP A 438 -19.24 -50.47 33.23
CA ASP A 438 -19.39 -50.25 34.65
C ASP A 438 -19.42 -48.75 34.96
N ALA A 439 -20.32 -48.36 35.86
CA ALA A 439 -20.40 -46.95 36.24
C ALA A 439 -19.14 -46.48 36.94
N GLU A 440 -18.45 -47.38 37.63
CA GLU A 440 -17.24 -47.00 38.36
C GLU A 440 -16.17 -46.46 37.43
N VAL A 441 -15.84 -47.21 36.38
CA VAL A 441 -14.85 -46.75 35.41
C VAL A 441 -15.41 -45.60 34.58
N MET A 442 -16.72 -45.63 34.32
CA MET A 442 -17.33 -44.59 33.49
C MET A 442 -17.19 -43.22 34.12
N ASN A 443 -17.56 -43.10 35.40
CA ASN A 443 -17.47 -41.79 36.06
C ASN A 443 -16.01 -41.40 36.30
N SER A 444 -15.16 -42.37 36.66
CA SER A 444 -13.77 -42.09 37.00
C SER A 444 -12.93 -42.07 35.72
N LEU A 445 -13.08 -40.97 34.98
CA LEU A 445 -12.31 -40.73 33.77
C LEU A 445 -11.69 -39.35 33.84
N ALA A 446 -10.38 -39.28 33.62
CA ALA A 446 -9.66 -38.02 33.64
C ALA A 446 -8.74 -37.95 32.43
N VAL A 447 -8.59 -36.76 31.87
CA VAL A 447 -7.74 -36.52 30.71
C VAL A 447 -6.49 -35.82 31.22
N THR A 448 -5.35 -36.50 31.13
CA THR A 448 -4.11 -35.96 31.65
C THR A 448 -3.41 -35.10 30.59
N MET A 449 -2.31 -34.48 31.00
CA MET A 449 -1.53 -33.67 30.05
C MET A 449 -0.89 -34.54 28.98
N ASP A 450 -0.55 -35.78 29.31
CA ASP A 450 0.06 -36.67 28.33
C ASP A 450 -0.90 -36.93 27.17
N ASP A 451 -2.19 -37.11 27.46
CA ASP A 451 -3.17 -37.33 26.40
C ASP A 451 -3.28 -36.11 25.50
N PHE A 452 -3.28 -34.91 26.07
CA PHE A 452 -3.31 -33.71 25.26
C PHE A 452 -2.06 -33.59 24.40
N ARG A 453 -0.91 -33.95 24.96
CA ARG A 453 0.33 -33.93 24.17
C ARG A 453 0.27 -34.91 23.01
N TRP A 454 -0.24 -36.11 23.26
CA TRP A 454 -0.39 -37.09 22.20
C TRP A 454 -1.35 -36.59 21.12
N ALA A 455 -2.48 -36.01 21.53
CA ALA A 455 -3.43 -35.50 20.56
C ALA A 455 -2.83 -34.37 19.74
N LEU A 456 -2.05 -33.50 20.39
CA LEU A 456 -1.37 -32.43 19.67
C LEU A 456 -0.34 -32.98 18.69
N SER A 457 0.29 -34.11 19.01
CA SER A 457 1.21 -34.73 18.07
C SER A 457 0.49 -35.18 16.81
N GLN A 458 -0.70 -35.74 16.96
CA GLN A 458 -1.50 -36.19 15.81
C GLN A 458 -2.50 -35.12 15.40
N SER A 459 -1.98 -33.94 15.05
CA SER A 459 -2.81 -32.81 14.66
C SER A 459 -2.37 -32.28 13.31
N ASN A 460 -3.34 -31.87 12.50
CA ASN A 460 -3.09 -31.32 11.17
C ASN A 460 -3.79 -29.97 11.07
N PRO A 461 -3.07 -28.88 11.34
CA PRO A 461 -3.67 -27.55 11.22
C PRO A 461 -4.11 -27.26 9.79
N SER A 462 -5.22 -26.55 9.66
CA SER A 462 -5.78 -26.22 8.36
C SER A 462 -5.49 -24.80 7.92
N ALA A 463 -4.62 -24.08 8.64
CA ALA A 463 -4.30 -22.70 8.30
C ALA A 463 -2.80 -22.46 8.43
N LEU A 464 -2.00 -23.45 8.07
CA LEU A 464 -0.54 -23.29 8.16
C LEU A 464 -0.02 -22.35 7.10
N ARG A 465 -0.57 -22.41 5.89
CA ARG A 465 -0.07 -21.62 4.78
C ARG A 465 -0.60 -20.19 4.76
N GLU A 466 -1.47 -19.83 5.70
CA GLU A 466 -1.97 -18.47 5.76
C GLU A 466 -0.89 -17.53 6.27
N THR A 467 -1.09 -16.23 6.01
CA THR A 467 -0.16 -15.21 6.46
C THR A 467 -0.51 -14.81 7.89
N VAL A 468 0.46 -14.89 8.79
CA VAL A 468 0.23 -14.60 10.19
C VAL A 468 0.21 -13.09 10.40
N VAL A 469 -0.85 -12.60 11.03
CA VAL A 469 -1.00 -11.17 11.33
C VAL A 469 -1.27 -11.08 12.83
N GLU A 470 -0.24 -10.71 13.60
CA GLU A 470 -0.38 -10.65 15.05
C GLU A 470 0.68 -9.73 15.61
N VAL A 471 0.48 -9.31 16.84
CA VAL A 471 1.44 -8.44 17.53
C VAL A 471 2.61 -9.30 18.02
N PRO A 472 3.85 -8.96 17.69
CA PRO A 472 4.98 -9.78 18.12
C PRO A 472 5.13 -9.78 19.64
N GLN A 473 5.69 -10.86 20.15
CA GLN A 473 5.91 -11.02 21.59
C GLN A 473 7.30 -10.58 22.02
N VAL A 474 8.11 -10.04 21.12
CA VAL A 474 9.47 -9.64 21.44
C VAL A 474 9.45 -8.21 21.96
N THR A 475 10.11 -7.98 23.09
CA THR A 475 10.25 -6.66 23.68
C THR A 475 11.69 -6.19 23.54
N TRP A 476 11.96 -5.00 24.08
CA TRP A 476 13.30 -4.44 24.00
C TRP A 476 14.32 -5.19 24.84
N GLU A 477 13.87 -6.05 25.77
CA GLU A 477 14.80 -6.75 26.64
C GLU A 477 15.52 -7.89 25.91
N ASP A 478 14.89 -8.46 24.88
CA ASP A 478 15.51 -9.55 24.14
C ASP A 478 16.69 -9.10 23.28
N ILE A 479 16.87 -7.79 23.11
CA ILE A 479 17.92 -7.23 22.25
C ILE A 479 18.95 -6.56 23.14
N GLY A 480 20.22 -6.91 22.95
CA GLY A 480 21.31 -6.33 23.70
C GLY A 480 22.01 -5.25 22.90
N GLY A 481 22.28 -4.13 23.55
CA GLY A 481 22.92 -3.02 22.86
C GLY A 481 21.96 -2.33 21.89
N LEU A 482 22.56 -1.68 20.90
CA LEU A 482 21.82 -0.96 19.86
C LEU A 482 20.86 0.06 20.46
N GLU A 483 21.36 0.82 21.44
CA GLU A 483 20.50 1.78 22.14
C GLU A 483 20.07 2.92 21.21
N ASP A 484 20.99 3.44 20.41
CA ASP A 484 20.66 4.58 19.55
C ASP A 484 19.63 4.21 18.50
N VAL A 485 19.74 3.00 17.93
CA VAL A 485 18.81 2.58 16.88
C VAL A 485 17.40 2.49 17.44
N LYS A 486 17.27 2.07 18.71
CA LYS A 486 15.96 2.06 19.34
C LYS A 486 15.37 3.47 19.41
N ARG A 487 16.20 4.45 19.77
CA ARG A 487 15.73 5.83 19.82
C ARG A 487 15.29 6.32 18.45
N GLU A 488 16.07 6.02 17.42
CA GLU A 488 15.70 6.45 16.07
C GLU A 488 14.41 5.80 15.61
N LEU A 489 14.25 4.51 15.89
CA LEU A 489 13.02 3.82 15.51
C LEU A 489 11.82 4.40 16.23
N GLN A 490 11.96 4.68 17.54
CA GLN A 490 10.87 5.30 18.28
C GLN A 490 10.52 6.66 17.69
N GLU A 491 11.53 7.43 17.31
CA GLU A 491 11.27 8.73 16.69
C GLU A 491 10.54 8.58 15.37
N LEU A 492 10.94 7.60 14.55
CA LEU A 492 10.37 7.49 13.20
C LEU A 492 8.95 6.94 13.23
N VAL A 493 8.69 5.94 14.07
CA VAL A 493 7.42 5.21 14.03
C VAL A 493 6.42 5.74 15.05
N GLN A 494 6.86 5.91 16.30
CA GLN A 494 5.93 6.22 17.39
C GLN A 494 5.46 7.67 17.39
N TYR A 495 6.35 8.61 17.06
CA TYR A 495 5.97 10.02 17.13
C TYR A 495 4.83 10.40 16.19
N PRO A 496 4.86 10.08 14.89
CA PRO A 496 3.75 10.52 14.02
C PRO A 496 2.41 9.91 14.35
N VAL A 497 2.39 8.77 15.06
CA VAL A 497 1.11 8.15 15.41
C VAL A 497 0.57 8.62 16.74
N GLU A 498 1.34 9.40 17.50
CA GLU A 498 0.91 9.87 18.81
C GLU A 498 0.74 11.38 18.90
N HIS A 499 1.43 12.15 18.08
CA HIS A 499 1.35 13.62 18.13
C HIS A 499 1.11 14.18 16.73
N PRO A 500 -0.06 13.91 16.15
CA PRO A 500 -0.34 14.48 14.82
C PRO A 500 -0.37 16.00 14.81
N ASP A 501 -0.79 16.62 15.91
CA ASP A 501 -0.90 18.07 15.96
C ASP A 501 0.45 18.73 15.76
N LYS A 502 1.51 18.17 16.34
CA LYS A 502 2.84 18.74 16.18
C LYS A 502 3.27 18.71 14.71
N PHE A 503 3.04 17.59 14.03
CA PHE A 503 3.40 17.50 12.62
C PHE A 503 2.59 18.45 11.76
N LEU A 504 1.30 18.60 12.08
CA LEU A 504 0.48 19.55 11.33
C LEU A 504 0.94 20.98 11.57
N LYS A 505 1.37 21.30 12.79
CA LYS A 505 1.76 22.67 13.11
C LYS A 505 2.98 23.11 12.31
N PHE A 506 3.98 22.24 12.19
CA PHE A 506 5.22 22.58 11.50
C PHE A 506 5.21 22.17 10.04
N GLY A 507 4.11 21.61 9.54
CA GLY A 507 4.00 21.22 8.15
C GLY A 507 5.10 20.30 7.67
N MET A 508 5.14 19.08 8.22
CA MET A 508 6.14 18.10 7.85
C MET A 508 5.47 16.79 7.47
N THR A 509 5.95 16.17 6.40
CA THR A 509 5.44 14.87 5.98
C THR A 509 6.23 13.77 6.64
N PRO A 510 5.60 12.87 7.39
CA PRO A 510 6.35 11.81 8.08
C PRO A 510 6.99 10.84 7.08
N SER A 511 8.09 10.23 7.52
CA SER A 511 8.74 9.21 6.71
C SER A 511 7.88 7.96 6.63
N LYS A 512 8.12 7.16 5.60
CA LYS A 512 7.29 6.01 5.30
C LYS A 512 8.15 4.80 4.97
N GLY A 513 9.16 4.53 5.78
CA GLY A 513 9.97 3.33 5.63
C GLY A 513 11.45 3.54 5.88
N VAL A 514 12.12 2.47 6.32
CA VAL A 514 13.55 2.49 6.58
C VAL A 514 14.18 1.27 5.92
N LEU A 515 15.50 1.35 5.73
CA LEU A 515 16.27 0.26 5.13
C LEU A 515 17.47 -0.04 6.02
N PHE A 516 17.52 -1.24 6.57
CA PHE A 516 18.63 -1.70 7.40
C PHE A 516 19.68 -2.38 6.53
N TYR A 517 20.95 -2.09 6.81
CA TYR A 517 22.05 -2.76 6.13
C TYR A 517 23.17 -3.02 7.13
N GLY A 518 23.78 -4.20 7.02
CA GLY A 518 24.86 -4.59 7.90
C GLY A 518 25.24 -6.04 7.70
N PRO A 519 26.18 -6.53 8.53
CA PRO A 519 26.59 -7.92 8.40
C PRO A 519 25.45 -8.85 8.77
N PRO A 520 25.44 -10.07 8.24
CA PRO A 520 24.32 -10.99 8.50
C PRO A 520 24.25 -11.41 9.95
N GLY A 521 23.02 -11.62 10.41
CA GLY A 521 22.78 -12.13 11.75
C GLY A 521 23.24 -11.22 12.86
N CYS A 522 22.66 -10.02 12.96
CA CYS A 522 22.99 -9.10 14.01
C CYS A 522 21.77 -8.45 14.67
N GLY A 523 20.56 -8.79 14.23
CA GLY A 523 19.37 -8.28 14.89
C GLY A 523 18.49 -7.42 14.01
N LYS A 524 18.60 -7.59 12.70
CA LYS A 524 17.80 -6.78 11.77
C LYS A 524 16.32 -7.17 11.77
N THR A 525 15.96 -8.31 12.36
CA THR A 525 14.56 -8.71 12.48
C THR A 525 14.01 -8.48 13.88
N LEU A 526 14.85 -8.67 14.90
CA LEU A 526 14.43 -8.41 16.27
C LEU A 526 14.03 -6.96 16.46
N LEU A 527 14.75 -6.04 15.80
CA LEU A 527 14.40 -4.62 15.91
C LEU A 527 13.01 -4.35 15.33
N ALA A 528 12.71 -4.92 14.17
CA ALA A 528 11.40 -4.74 13.57
C ALA A 528 10.31 -5.32 14.46
N LYS A 529 10.53 -6.53 14.99
CA LYS A 529 9.53 -7.13 15.86
C LYS A 529 9.32 -6.30 17.11
N ALA A 530 10.40 -5.79 17.70
CA ALA A 530 10.28 -5.01 18.93
C ALA A 530 9.55 -3.69 18.68
N ILE A 531 9.88 -3.01 17.58
CA ILE A 531 9.22 -1.73 17.30
C ILE A 531 7.76 -1.95 16.95
N ALA A 532 7.42 -3.09 16.35
CA ALA A 532 6.01 -3.40 16.14
C ALA A 532 5.31 -3.69 17.46
N ASN A 533 5.99 -4.35 18.39
CA ASN A 533 5.38 -4.71 19.67
C ASN A 533 5.14 -3.48 20.54
N GLU A 534 6.09 -2.54 20.55
CA GLU A 534 5.97 -1.40 21.45
C GLU A 534 4.75 -0.55 21.11
N CYS A 535 4.51 -0.31 19.82
CA CYS A 535 3.40 0.51 19.40
C CYS A 535 2.08 -0.25 19.34
N GLN A 536 2.09 -1.54 19.67
CA GLN A 536 0.89 -2.39 19.62
C GLN A 536 0.27 -2.39 18.23
N ALA A 537 1.12 -2.56 17.23
CA ALA A 537 0.69 -2.61 15.83
C ALA A 537 0.99 -3.99 15.26
N ASN A 538 0.12 -4.44 14.35
CA ASN A 538 0.28 -5.76 13.76
C ASN A 538 1.55 -5.82 12.92
N PHE A 539 2.08 -7.03 12.79
CA PHE A 539 3.34 -7.26 12.07
C PHE A 539 3.11 -8.30 10.99
N ILE A 540 3.45 -7.95 9.76
CA ILE A 540 3.36 -8.86 8.62
C ILE A 540 4.75 -8.98 8.01
N SER A 541 5.26 -10.20 7.93
CA SER A 541 6.61 -10.47 7.48
C SER A 541 6.59 -11.10 6.11
N ILE A 542 7.39 -10.57 5.19
CA ILE A 542 7.57 -11.13 3.85
C ILE A 542 9.04 -11.50 3.71
N LYS A 543 9.31 -12.79 3.57
CA LYS A 543 10.68 -13.30 3.59
C LYS A 543 11.25 -13.39 2.18
N GLY A 544 12.53 -13.70 2.11
CA GLY A 544 13.23 -13.78 0.84
C GLY A 544 12.68 -14.81 -0.11
N PRO A 545 12.45 -16.03 0.37
CA PRO A 545 11.80 -17.04 -0.50
C PRO A 545 10.44 -16.60 -1.00
N GLU A 546 9.68 -15.84 -0.22
CA GLU A 546 8.39 -15.35 -0.70
C GLU A 546 8.56 -14.44 -1.92
N LEU A 547 9.55 -13.56 -1.88
CA LEU A 547 9.82 -12.72 -3.04
C LEU A 547 10.32 -13.54 -4.22
N LEU A 548 11.25 -14.47 -3.96
CA LEU A 548 11.80 -15.26 -5.06
C LEU A 548 10.74 -16.13 -5.71
N THR A 549 9.70 -16.52 -4.97
CA THR A 549 8.62 -17.28 -5.57
C THR A 549 7.90 -16.49 -6.65
N MET A 550 7.65 -15.20 -6.40
CA MET A 550 6.93 -14.40 -7.37
C MET A 550 7.79 -14.09 -8.59
N TRP A 551 9.09 -13.89 -8.40
CA TRP A 551 9.97 -13.63 -9.53
C TRP A 551 10.05 -14.83 -10.46
N PHE A 552 10.18 -16.03 -9.90
CA PHE A 552 10.19 -17.24 -10.72
C PHE A 552 8.82 -17.53 -11.30
N GLY A 553 7.77 -17.37 -10.51
CA GLY A 553 6.43 -17.73 -10.93
C GLY A 553 5.72 -16.73 -11.80
N GLU A 554 6.33 -15.57 -12.06
CA GLU A 554 5.73 -14.53 -12.90
C GLU A 554 4.37 -14.11 -12.37
N SER A 555 4.25 -14.00 -11.06
CA SER A 555 3.00 -13.67 -10.39
C SER A 555 3.19 -12.49 -9.45
N GLU A 556 3.82 -11.43 -9.95
CA GLU A 556 4.04 -10.24 -9.13
C GLU A 556 2.75 -9.52 -8.77
N ALA A 557 1.65 -9.83 -9.45
CA ALA A 557 0.37 -9.21 -9.10
C ALA A 557 -0.01 -9.51 -7.65
N ASN A 558 0.42 -10.66 -7.13
CA ASN A 558 0.14 -11.00 -5.74
C ASN A 558 0.67 -9.94 -4.78
N VAL A 559 1.68 -9.17 -5.20
CA VAL A 559 2.19 -8.10 -4.35
C VAL A 559 1.06 -7.17 -3.94
N ARG A 560 0.18 -6.83 -4.88
CA ARG A 560 -0.97 -5.98 -4.55
C ARG A 560 -1.73 -6.53 -3.36
N GLU A 561 -2.02 -7.83 -3.38
CA GLU A 561 -2.78 -8.44 -2.29
C GLU A 561 -2.11 -8.16 -0.94
N ILE A 562 -0.78 -8.26 -0.89
CA ILE A 562 -0.08 -7.99 0.35
C ILE A 562 -0.42 -6.59 0.87
N PHE A 563 -0.31 -5.59 -0.01
CA PHE A 563 -0.59 -4.23 0.42
C PHE A 563 -2.07 -4.01 0.71
N ASP A 564 -2.94 -4.92 0.25
CA ASP A 564 -4.31 -4.87 0.72
C ASP A 564 -4.41 -5.35 2.16
N LYS A 565 -3.72 -6.44 2.48
CA LYS A 565 -3.84 -7.02 3.82
C LYS A 565 -3.38 -6.04 4.88
N ALA A 566 -2.24 -5.39 4.65
CA ALA A 566 -1.78 -4.37 5.58
C ALA A 566 -2.79 -3.23 5.69
N ARG A 567 -3.41 -2.86 4.58
CA ARG A 567 -4.42 -1.82 4.61
C ARG A 567 -5.62 -2.22 5.45
N GLN A 568 -5.85 -3.52 5.62
CA GLN A 568 -6.93 -4.00 6.47
C GLN A 568 -6.51 -4.19 7.92
N ALA A 569 -5.26 -3.88 8.26
CA ALA A 569 -4.76 -4.08 9.60
C ALA A 569 -4.02 -2.85 10.10
N ALA A 570 -4.46 -1.67 9.72
CA ALA A 570 -3.83 -0.44 10.20
C ALA A 570 -4.13 -0.24 11.68
N PRO A 571 -3.14 0.18 12.48
CA PRO A 571 -1.73 0.41 12.12
C PRO A 571 -0.97 -0.89 11.95
N CYS A 572 -0.04 -0.96 11.00
CA CYS A 572 0.69 -2.19 10.73
C CYS A 572 2.12 -1.84 10.33
N VAL A 573 3.00 -2.81 10.51
CA VAL A 573 4.39 -2.71 10.09
C VAL A 573 4.66 -3.81 9.07
N LEU A 574 5.15 -3.42 7.90
CA LEU A 574 5.41 -4.36 6.81
C LEU A 574 6.91 -4.51 6.67
N PHE A 575 7.40 -5.74 6.81
CA PHE A 575 8.83 -6.02 6.84
C PHE A 575 9.20 -6.86 5.63
N PHE A 576 10.13 -6.36 4.82
CA PHE A 576 10.67 -7.09 3.68
C PHE A 576 12.09 -7.53 4.02
N ASP A 577 12.33 -8.83 3.94
CA ASP A 577 13.62 -9.40 4.29
C ASP A 577 14.36 -9.79 3.02
N GLU A 578 15.64 -9.45 2.95
CA GLU A 578 16.49 -9.76 1.80
C GLU A 578 15.92 -9.17 0.51
N LEU A 579 15.85 -7.84 0.47
CA LEU A 579 15.43 -7.16 -0.75
C LEU A 579 16.39 -7.39 -1.90
N ASP A 580 17.64 -7.77 -1.61
CA ASP A 580 18.64 -8.00 -2.63
C ASP A 580 18.66 -9.44 -3.12
N SER A 581 17.74 -10.28 -2.67
CA SER A 581 17.75 -11.68 -3.07
C SER A 581 17.57 -11.81 -4.59
N ILE A 582 16.66 -11.04 -5.16
CA ILE A 582 16.47 -11.09 -6.62
C ILE A 582 17.72 -10.59 -7.33
N ALA A 583 18.31 -9.50 -6.85
CA ALA A 583 19.53 -9.00 -7.46
C ALA A 583 20.68 -9.98 -7.29
N LYS A 584 20.74 -10.64 -6.13
CA LYS A 584 21.78 -11.65 -5.91
C LYS A 584 21.62 -12.83 -6.85
N ALA A 585 20.37 -13.24 -7.11
CA ALA A 585 20.14 -14.36 -8.02
C ALA A 585 20.59 -14.04 -9.43
N ARG A 586 20.36 -12.80 -9.87
CA ARG A 586 20.73 -12.37 -11.22
C ARG A 586 22.22 -12.05 -11.26
N GLY A 587 23.02 -13.09 -11.11
CA GLY A 587 24.48 -12.95 -11.21
C GLY A 587 25.17 -12.32 -10.02
N GLY A 588 24.72 -11.16 -9.57
CA GLY A 588 25.36 -10.46 -8.46
C GLY A 588 26.12 -9.24 -8.91
N ASN A 589 27.42 -9.20 -8.61
CA ASN A 589 28.26 -8.11 -9.11
C ASN A 589 28.31 -8.12 -10.63
N ILE A 590 28.47 -9.29 -11.23
CA ILE A 590 28.48 -9.45 -12.68
C ILE A 590 27.23 -10.24 -13.04
N GLY A 591 26.19 -9.54 -13.46
CA GLY A 591 24.91 -10.14 -13.79
C GLY A 591 24.83 -10.57 -15.23
N ASP A 592 23.59 -10.72 -15.71
CA ASP A 592 23.31 -11.12 -17.07
C ASP A 592 23.37 -9.95 -18.05
N GLY A 593 23.95 -8.83 -17.66
CA GLY A 593 24.05 -7.66 -18.50
C GLY A 593 22.89 -6.70 -18.41
N GLY A 594 21.83 -7.05 -17.68
CA GLY A 594 20.70 -6.17 -17.54
C GLY A 594 20.93 -5.09 -16.50
N GLY A 595 19.99 -4.15 -16.45
CA GLY A 595 20.05 -3.07 -15.50
C GLY A 595 19.60 -3.48 -14.12
N ALA A 596 19.67 -2.53 -13.18
CA ALA A 596 19.28 -2.78 -11.79
C ALA A 596 17.78 -2.53 -11.64
N ALA A 597 17.00 -3.39 -12.29
CA ALA A 597 15.55 -3.31 -12.21
C ALA A 597 14.98 -4.67 -12.54
N ASP A 598 13.94 -5.07 -11.81
CA ASP A 598 13.35 -6.39 -11.97
C ASP A 598 11.84 -6.27 -11.90
N ARG A 599 11.17 -7.41 -11.85
CA ARG A 599 9.72 -7.49 -11.98
C ARG A 599 8.98 -7.22 -10.67
N VAL A 600 9.52 -7.70 -9.55
CA VAL A 600 8.80 -7.61 -8.29
C VAL A 600 9.07 -6.30 -7.57
N ILE A 601 10.32 -5.82 -7.59
CA ILE A 601 10.64 -4.56 -6.93
C ILE A 601 9.91 -3.42 -7.60
N ASN A 602 9.75 -3.48 -8.92
CA ASN A 602 9.02 -2.44 -9.63
C ASN A 602 7.55 -2.41 -9.19
N GLN A 603 6.94 -3.58 -9.03
CA GLN A 603 5.56 -3.62 -8.55
C GLN A 603 5.46 -3.10 -7.13
N ILE A 604 6.46 -3.41 -6.30
CA ILE A 604 6.49 -2.89 -4.93
C ILE A 604 6.56 -1.37 -4.95
N LEU A 605 7.40 -0.81 -5.82
CA LEU A 605 7.48 0.64 -5.95
C LEU A 605 6.16 1.24 -6.39
N THR A 606 5.52 0.63 -7.39
CA THR A 606 4.24 1.14 -7.88
C THR A 606 3.20 1.14 -6.78
N GLU A 607 3.14 0.06 -5.98
CA GLU A 607 2.14 -0.01 -4.94
C GLU A 607 2.47 0.92 -3.77
N MET A 608 3.75 1.11 -3.47
CA MET A 608 4.12 2.00 -2.37
C MET A 608 3.84 3.45 -2.72
N ASP A 609 4.08 3.84 -3.97
CA ASP A 609 3.82 5.22 -4.38
C ASP A 609 2.34 5.52 -4.57
N GLY A 610 1.45 4.63 -4.16
CA GLY A 610 0.02 4.85 -4.34
C GLY A 610 -0.83 4.53 -3.14
N MET A 611 -0.27 4.73 -1.94
CA MET A 611 -0.99 4.46 -0.70
C MET A 611 -1.26 5.76 0.04
N SER A 612 -2.46 5.88 0.58
CA SER A 612 -2.85 7.10 1.28
C SER A 612 -2.03 7.27 2.55
N THR A 613 -1.59 8.51 2.79
CA THR A 613 -0.79 8.80 3.98
C THR A 613 -1.61 8.81 5.26
N LYS A 614 -2.95 8.86 5.15
CA LYS A 614 -3.77 8.81 6.35
C LYS A 614 -3.60 7.48 7.08
N LYS A 615 -3.49 6.39 6.33
CA LYS A 615 -3.21 5.10 6.92
C LYS A 615 -1.82 5.10 7.54
N ASN A 616 -1.65 4.26 8.56
CA ASN A 616 -0.37 4.10 9.25
C ASN A 616 0.17 2.71 8.92
N VAL A 617 0.89 2.63 7.80
CA VAL A 617 1.51 1.39 7.35
C VAL A 617 2.98 1.68 7.11
N PHE A 618 3.80 1.45 8.12
CA PHE A 618 5.23 1.65 8.00
C PHE A 618 5.86 0.49 7.23
N ILE A 619 6.93 0.78 6.49
CA ILE A 619 7.58 -0.21 5.63
C ILE A 619 9.06 -0.27 5.99
N ILE A 620 9.55 -1.46 6.27
CA ILE A 620 10.94 -1.68 6.63
C ILE A 620 11.53 -2.75 5.72
N GLY A 621 12.73 -2.48 5.22
CA GLY A 621 13.45 -3.44 4.42
C GLY A 621 14.81 -3.72 5.02
N ALA A 622 15.37 -4.86 4.66
CA ALA A 622 16.66 -5.29 5.21
C ALA A 622 17.49 -5.93 4.11
N THR A 623 18.78 -5.58 4.06
CA THR A 623 19.66 -6.12 3.03
C THR A 623 21.09 -6.04 3.52
N ASN A 624 21.82 -7.15 3.44
CA ASN A 624 23.22 -7.19 3.83
C ASN A 624 24.17 -6.93 2.68
N ARG A 625 23.65 -6.57 1.51
CA ARG A 625 24.46 -6.19 0.35
C ARG A 625 23.94 -4.87 -0.18
N PRO A 626 24.24 -3.76 0.51
CA PRO A 626 23.61 -2.48 0.19
C PRO A 626 24.09 -1.84 -1.11
N ASP A 627 25.06 -2.44 -1.79
CA ASP A 627 25.59 -1.84 -3.01
C ASP A 627 24.90 -2.31 -4.28
N ILE A 628 24.21 -3.45 -4.24
CA ILE A 628 23.52 -3.97 -5.42
C ILE A 628 22.02 -3.72 -5.36
N ILE A 629 21.56 -2.90 -4.43
CA ILE A 629 20.14 -2.59 -4.31
C ILE A 629 19.77 -1.58 -5.39
N ASP A 630 18.51 -1.62 -5.81
CA ASP A 630 18.01 -0.71 -6.83
C ASP A 630 18.09 0.73 -6.34
N PRO A 631 18.78 1.62 -7.04
CA PRO A 631 18.83 3.03 -6.60
C PRO A 631 17.47 3.71 -6.59
N ALA A 632 16.49 3.21 -7.34
CA ALA A 632 15.17 3.83 -7.35
C ALA A 632 14.46 3.71 -6.01
N ILE A 633 14.82 2.72 -5.19
CA ILE A 633 14.21 2.57 -3.88
C ILE A 633 14.55 3.77 -3.00
N LEU A 634 15.82 4.18 -3.01
CA LEU A 634 16.30 5.18 -2.06
C LEU A 634 15.82 6.60 -2.37
N ARG A 635 14.96 6.79 -3.37
CA ARG A 635 14.47 8.11 -3.67
C ARG A 635 13.53 8.60 -2.57
N PRO A 636 13.44 9.91 -2.36
CA PRO A 636 12.53 10.45 -1.35
C PRO A 636 11.08 10.06 -1.63
N GLY A 637 10.30 9.93 -0.56
CA GLY A 637 8.98 9.36 -0.66
C GLY A 637 8.96 7.85 -0.61
N ARG A 638 10.12 7.23 -0.38
CA ARG A 638 10.27 5.78 -0.36
C ARG A 638 11.24 5.45 0.77
N LEU A 639 11.80 4.24 0.74
CA LEU A 639 12.74 3.80 1.77
C LEU A 639 14.04 4.58 1.60
N ASP A 640 14.04 5.81 2.13
CA ASP A 640 15.17 6.72 1.97
C ASP A 640 16.09 6.78 3.18
N GLN A 641 15.61 6.41 4.36
CA GLN A 641 16.44 6.40 5.55
C GLN A 641 17.35 5.18 5.54
N LEU A 642 18.63 5.39 5.81
CA LEU A 642 19.61 4.32 5.89
C LEU A 642 20.14 4.22 7.31
N ILE A 643 20.07 3.01 7.88
CA ILE A 643 20.56 2.73 9.23
C ILE A 643 21.54 1.58 9.16
N TYR A 644 22.69 1.74 9.79
CA TYR A 644 23.76 0.75 9.77
C TYR A 644 23.79 0.01 11.10
N ILE A 645 23.70 -1.31 11.04
CA ILE A 645 23.70 -2.17 12.21
C ILE A 645 25.08 -2.84 12.28
N PRO A 646 25.95 -2.45 13.20
CA PRO A 646 27.31 -2.98 13.23
C PRO A 646 27.40 -4.27 14.05
N LEU A 647 28.60 -4.86 14.01
CA LEU A 647 28.88 -6.00 14.87
C LEU A 647 28.89 -5.57 16.34
N PRO A 648 28.40 -6.40 17.24
CA PRO A 648 28.35 -6.00 18.65
C PRO A 648 29.74 -5.87 19.25
N ASP A 649 29.84 -4.99 20.25
CA ASP A 649 31.08 -4.77 20.97
C ASP A 649 31.07 -5.63 22.24
N GLU A 650 32.06 -5.39 23.12
CA GLU A 650 32.23 -6.25 24.29
C GLU A 650 31.04 -6.15 25.23
N LYS A 651 30.63 -4.93 25.58
CA LYS A 651 29.49 -4.76 26.47
C LYS A 651 28.22 -5.32 25.84
N SER A 652 28.02 -5.05 24.55
CA SER A 652 26.86 -5.61 23.86
C SER A 652 26.93 -7.13 23.81
N ARG A 653 28.12 -7.70 23.68
CA ARG A 653 28.24 -9.16 23.72
C ARG A 653 27.88 -9.71 25.09
N VAL A 654 28.27 -9.02 26.16
CA VAL A 654 27.83 -9.41 27.50
C VAL A 654 26.31 -9.40 27.56
N ALA A 655 25.69 -8.34 27.04
CA ALA A 655 24.24 -8.23 27.07
C ALA A 655 23.59 -9.37 26.28
N ILE A 656 24.14 -9.70 25.11
CA ILE A 656 23.57 -10.77 24.29
C ILE A 656 23.67 -12.10 25.01
N LEU A 657 24.85 -12.40 25.58
CA LEU A 657 25.02 -13.66 26.29
C LEU A 657 24.08 -13.77 27.46
N LYS A 658 23.91 -12.69 28.23
CA LYS A 658 22.98 -12.72 29.35
C LYS A 658 21.54 -12.90 28.86
N ALA A 659 21.18 -12.25 27.76
CA ALA A 659 19.81 -12.33 27.25
C ALA A 659 19.46 -13.71 26.75
N ASN A 660 20.41 -14.39 26.10
CA ASN A 660 20.11 -15.69 25.50
C ASN A 660 20.09 -16.83 26.50
N LEU A 661 20.51 -16.60 27.74
CA LEU A 661 20.61 -17.66 28.74
C LEU A 661 19.47 -17.66 29.75
N ARG A 662 18.37 -16.95 29.45
CA ARG A 662 17.26 -16.90 30.39
C ARG A 662 16.50 -18.22 30.49
N LYS A 663 16.75 -19.16 29.57
CA LYS A 663 16.10 -20.46 29.60
C LYS A 663 16.95 -21.54 30.25
N SER A 664 18.23 -21.60 29.95
CA SER A 664 19.09 -22.66 30.45
C SER A 664 19.44 -22.40 31.92
N PRO A 665 19.17 -23.36 32.81
CA PRO A 665 19.56 -23.17 34.22
C PRO A 665 21.06 -23.28 34.42
N VAL A 666 21.78 -22.21 34.14
CA VAL A 666 23.24 -22.20 34.26
C VAL A 666 23.61 -21.92 35.72
N ALA A 667 24.65 -22.61 36.19
CA ALA A 667 25.14 -22.38 37.54
C ALA A 667 25.76 -20.99 37.66
N LYS A 668 25.68 -20.43 38.87
CA LYS A 668 26.15 -19.06 39.12
C LYS A 668 27.64 -19.02 39.42
N ASP A 669 28.45 -19.59 38.52
CA ASP A 669 29.89 -19.62 38.71
C ASP A 669 30.70 -19.29 37.47
N VAL A 670 30.09 -19.25 36.29
CA VAL A 670 30.81 -19.00 35.04
C VAL A 670 30.82 -17.51 34.75
N ASP A 671 31.98 -16.99 34.36
CA ASP A 671 32.16 -15.56 34.09
C ASP A 671 31.83 -15.30 32.63
N LEU A 672 30.61 -14.81 32.36
CA LEU A 672 30.25 -14.46 31.00
C LEU A 672 31.10 -13.31 30.47
N GLU A 673 31.60 -12.46 31.37
CA GLU A 673 32.44 -11.34 30.94
C GLU A 673 33.72 -11.85 30.28
N PHE A 674 34.29 -12.92 30.81
CA PHE A 674 35.50 -13.48 30.19
C PHE A 674 35.21 -14.00 28.79
N LEU A 675 34.07 -14.68 28.62
CA LEU A 675 33.69 -15.14 27.29
C LEU A 675 33.51 -13.99 26.33
N ALA A 676 32.85 -12.91 26.78
CA ALA A 676 32.67 -11.76 25.91
C ALA A 676 34.02 -11.12 25.55
N LYS A 677 34.94 -11.06 26.51
CA LYS A 677 36.25 -10.49 26.24
C LYS A 677 37.02 -11.33 25.23
N MET A 678 36.94 -12.66 25.35
CA MET A 678 37.71 -13.52 24.45
C MET A 678 37.13 -13.54 23.05
N THR A 679 35.82 -13.64 22.92
CA THR A 679 35.16 -13.68 21.61
C THR A 679 35.02 -12.26 21.09
N ASN A 680 35.85 -11.90 20.12
CA ASN A 680 35.86 -10.53 19.62
C ASN A 680 35.00 -10.36 18.36
N GLY A 681 35.34 -11.06 17.29
CA GLY A 681 34.65 -10.90 16.03
C GLY A 681 33.50 -11.87 15.82
N PHE A 682 32.51 -11.83 16.71
CA PHE A 682 31.38 -12.75 16.68
C PHE A 682 30.08 -11.97 16.55
N SER A 683 29.14 -12.53 15.80
CA SER A 683 27.80 -11.96 15.72
C SER A 683 26.89 -12.65 16.74
N GLY A 684 25.63 -12.27 16.76
CA GLY A 684 24.70 -12.86 17.71
C GLY A 684 24.46 -14.34 17.46
N ALA A 685 24.43 -14.74 16.19
CA ALA A 685 24.17 -16.12 15.85
C ALA A 685 25.25 -17.05 16.42
N ASP A 686 26.51 -16.60 16.40
CA ASP A 686 27.58 -17.42 16.93
C ASP A 686 27.45 -17.63 18.43
N LEU A 687 27.09 -16.58 19.17
CA LEU A 687 26.89 -16.73 20.60
C LEU A 687 25.71 -17.64 20.90
N THR A 688 24.63 -17.53 20.12
CA THR A 688 23.52 -18.44 20.28
C THR A 688 23.95 -19.88 20.01
N GLU A 689 24.78 -20.10 18.99
CA GLU A 689 25.27 -21.44 18.71
C GLU A 689 26.13 -21.98 19.86
N ILE A 690 26.94 -21.11 20.47
CA ILE A 690 27.75 -21.54 21.61
C ILE A 690 26.85 -22.00 22.76
N CYS A 691 25.81 -21.21 23.05
CA CYS A 691 24.87 -21.59 24.10
C CYS A 691 24.18 -22.90 23.77
N GLN A 692 23.76 -23.08 22.52
CA GLN A 692 23.09 -24.31 22.12
C GLN A 692 24.01 -25.51 22.27
N ARG A 693 25.28 -25.38 21.88
CA ARG A 693 26.21 -26.49 22.04
C ARG A 693 26.43 -26.83 23.50
N ALA A 694 26.54 -25.82 24.37
CA ALA A 694 26.70 -26.10 25.79
C ALA A 694 25.49 -26.85 26.33
N CYS A 695 24.29 -26.42 25.96
CA CYS A 695 23.08 -27.11 26.42
C CYS A 695 23.04 -28.55 25.91
N LYS A 696 23.43 -28.76 24.65
CA LYS A 696 23.41 -30.10 24.09
C LYS A 696 24.39 -31.01 24.82
N LEU A 697 25.58 -30.50 25.12
CA LEU A 697 26.55 -31.31 25.87
C LEU A 697 26.02 -31.66 27.25
N ALA A 698 25.39 -30.70 27.93
CA ALA A 698 24.84 -30.99 29.25
C ALA A 698 23.75 -32.05 29.16
N ILE A 699 22.87 -31.95 28.16
CA ILE A 699 21.81 -32.94 28.00
C ILE A 699 22.39 -34.33 27.76
N ARG A 700 23.40 -34.42 26.89
CA ARG A 700 24.02 -35.71 26.60
C ARG A 700 24.64 -36.31 27.86
N GLU A 701 25.36 -35.49 28.63
CA GLU A 701 25.98 -36.01 29.85
C GLU A 701 24.93 -36.48 30.84
N SER A 702 23.85 -35.72 31.00
CA SER A 702 22.79 -36.14 31.92
C SER A 702 22.17 -37.46 31.49
N ILE A 703 21.89 -37.61 30.19
CA ILE A 703 21.28 -38.84 29.71
C ILE A 703 22.21 -40.02 29.94
N GLU A 704 23.49 -39.85 29.63
CA GLU A 704 24.44 -40.95 29.82
C GLU A 704 24.56 -41.33 31.28
N SER A 705 24.64 -40.34 32.17
CA SER A 705 24.75 -40.63 33.59
C SER A 705 23.51 -41.35 34.11
N GLU A 706 22.32 -40.91 33.67
CA GLU A 706 21.10 -41.58 34.10
C GLU A 706 21.05 -43.02 33.62
N ILE A 707 21.45 -43.27 32.37
CA ILE A 707 21.44 -44.64 31.85
C ILE A 707 22.41 -45.51 32.64
N ARG A 708 23.62 -45.00 32.89
CA ARG A 708 24.60 -45.79 33.63
C ARG A 708 24.12 -46.07 35.06
N ARG A 709 23.53 -45.07 35.71
CA ARG A 709 23.06 -45.28 37.07
C ARG A 709 21.93 -46.30 37.12
N GLU A 710 20.99 -46.22 36.16
CA GLU A 710 19.91 -47.21 36.12
C GLU A 710 20.45 -48.61 35.86
N ARG A 711 21.43 -48.73 34.95
CA ARG A 711 22.04 -50.04 34.70
C ARG A 711 22.72 -50.58 35.94
N GLU A 712 23.41 -49.72 36.69
CA GLU A 712 24.04 -50.15 37.93
C GLU A 712 23.00 -50.59 38.96
N ARG A 713 21.92 -49.83 39.09
CA ARG A 713 20.87 -50.16 40.05
C ARG A 713 20.06 -51.37 39.64
N GLN A 714 20.14 -51.77 38.37
CA GLN A 714 19.40 -52.96 37.93
C GLN A 714 19.86 -54.21 38.68
N THR A 715 21.14 -54.29 39.04
CA THR A 715 21.65 -55.42 39.79
C THR A 715 21.10 -55.44 41.21
N ASP A 726 19.54 -36.37 40.45
CA ASP A 726 19.97 -35.65 39.26
C ASP A 726 21.44 -35.30 39.35
N PRO A 727 22.28 -36.11 38.70
CA PRO A 727 23.73 -35.83 38.73
C PRO A 727 24.10 -34.47 38.16
N VAL A 728 23.43 -34.03 37.11
CA VAL A 728 23.74 -32.76 36.46
C VAL A 728 22.45 -31.95 36.32
N PRO A 729 21.98 -31.28 37.38
CA PRO A 729 20.79 -30.44 37.26
C PRO A 729 21.06 -29.05 36.70
N GLU A 730 22.31 -28.72 36.38
CA GLU A 730 22.62 -27.41 35.84
C GLU A 730 23.92 -27.49 35.05
N ILE A 731 24.13 -26.49 34.21
CA ILE A 731 25.33 -26.43 33.36
C ILE A 731 26.47 -25.84 34.18
N ARG A 732 27.64 -26.48 34.12
CA ARG A 732 28.80 -26.04 34.87
C ARG A 732 29.90 -25.54 33.92
N ARG A 733 31.06 -25.23 34.51
CA ARG A 733 32.10 -24.52 33.77
C ARG A 733 32.68 -25.35 32.64
N ASP A 734 32.91 -26.65 32.88
CA ASP A 734 33.67 -27.46 31.92
C ASP A 734 32.96 -27.51 30.57
N HIS A 735 31.63 -27.65 30.57
CA HIS A 735 30.89 -27.73 29.32
C HIS A 735 31.18 -26.54 28.43
N PHE A 736 31.07 -25.33 28.98
CA PHE A 736 31.32 -24.13 28.18
C PHE A 736 32.74 -24.10 27.65
N GLU A 737 33.68 -24.76 28.33
CA GLU A 737 35.02 -24.89 27.77
C GLU A 737 34.99 -25.76 26.52
N GLU A 738 34.39 -26.95 26.62
CA GLU A 738 34.36 -27.85 25.47
C GLU A 738 33.59 -27.24 24.32
N ALA A 739 32.42 -26.65 24.60
CA ALA A 739 31.66 -25.98 23.57
C ALA A 739 32.41 -24.80 22.98
N MET A 740 33.43 -24.28 23.69
CA MET A 740 34.23 -23.20 23.14
C MET A 740 35.16 -23.69 22.04
N ARG A 741 35.49 -24.98 22.01
CA ARG A 741 36.34 -25.50 20.96
C ARG A 741 35.63 -25.51 19.61
N PHE A 742 34.32 -25.67 19.60
CA PHE A 742 33.52 -25.62 18.38
C PHE A 742 32.91 -24.22 18.20
N ALA A 743 33.79 -23.23 18.08
CA ALA A 743 33.37 -21.85 17.89
C ALA A 743 34.07 -21.30 16.64
N ARG A 744 33.28 -20.79 15.70
CA ARG A 744 33.81 -20.24 14.47
C ARG A 744 33.16 -18.90 14.19
N ARG A 745 33.91 -17.99 13.59
CA ARG A 745 33.40 -16.66 13.27
C ARG A 745 32.55 -16.73 12.01
N SER A 746 31.28 -16.37 12.13
CA SER A 746 30.38 -16.42 10.98
C SER A 746 30.80 -15.42 9.91
N VAL A 747 31.19 -14.22 10.31
CA VAL A 747 31.60 -13.16 9.39
C VAL A 747 33.11 -13.04 9.45
N SER A 748 33.75 -13.18 8.30
CA SER A 748 35.20 -13.14 8.24
C SER A 748 35.71 -11.73 8.50
N ASP A 749 37.02 -11.62 8.75
CA ASP A 749 37.63 -10.33 9.02
C ASP A 749 37.77 -9.50 7.74
N ASN A 750 37.88 -10.14 6.58
CA ASN A 750 38.02 -9.44 5.32
C ASN A 750 36.68 -9.10 4.68
N ASP A 751 35.57 -9.44 5.32
CA ASP A 751 34.25 -9.11 4.79
C ASP A 751 33.69 -7.82 5.37
N ILE A 752 34.11 -7.43 6.57
CA ILE A 752 33.60 -6.19 7.16
C ILE A 752 34.20 -4.95 6.54
N ARG A 753 35.26 -5.09 5.73
CA ARG A 753 35.85 -3.93 5.07
C ARG A 753 34.85 -3.25 4.16
N LYS A 754 34.04 -4.02 3.43
CA LYS A 754 33.05 -3.45 2.54
C LYS A 754 32.07 -2.58 3.32
N TYR A 755 31.50 -3.10 4.40
CA TYR A 755 30.54 -2.34 5.18
C TYR A 755 31.17 -1.11 5.81
N GLU A 756 32.37 -1.27 6.39
CA GLU A 756 33.00 -0.14 7.06
C GLU A 756 33.33 0.97 6.07
N MET A 757 33.84 0.62 4.89
CA MET A 757 34.18 1.64 3.90
C MET A 757 32.93 2.29 3.33
N PHE A 758 31.86 1.51 3.12
CA PHE A 758 30.61 2.10 2.65
C PHE A 758 30.06 3.10 3.66
N ALA A 759 30.06 2.73 4.94
CA ALA A 759 29.59 3.66 5.97
C ALA A 759 30.49 4.88 6.06
N GLN A 760 31.80 4.69 5.93
CA GLN A 760 32.72 5.83 5.98
C GLN A 760 32.46 6.79 4.84
N THR A 761 32.24 6.29 3.62
CA THR A 761 31.92 7.17 2.50
C THR A 761 30.60 7.89 2.72
N LEU A 762 29.59 7.16 3.18
CA LEU A 762 28.28 7.79 3.39
C LEU A 762 28.37 8.88 4.44
N GLN A 763 29.22 8.70 5.45
CA GLN A 763 29.43 9.74 6.45
C GLN A 763 30.25 10.89 5.88
N GLN A 764 31.27 10.60 5.07
CA GLN A 764 32.14 11.62 4.55
C GLN A 764 31.46 12.50 3.51
N SER A 765 30.39 12.00 2.88
CA SER A 765 29.65 12.84 1.94
C SER A 765 29.04 14.07 2.61
N ARG A 766 28.90 14.04 3.94
CA ARG A 766 28.36 15.17 4.70
C ARG A 766 29.54 15.95 5.27
N GLY A 767 29.98 16.97 4.52
CA GLY A 767 31.14 17.73 4.93
C GLY A 767 30.86 19.20 5.18
N PHE A 768 29.69 19.51 5.74
CA PHE A 768 29.30 20.88 6.04
C PHE A 768 28.97 21.03 7.52
N GLY A 769 29.76 20.39 8.38
CA GLY A 769 29.54 20.50 9.82
C GLY A 769 30.10 21.75 10.45
N SER A 770 30.83 22.56 9.70
CA SER A 770 31.43 23.79 10.20
C SER A 770 30.61 25.02 9.87
N PHE A 771 29.38 24.85 9.40
CA PHE A 771 28.54 25.98 9.01
C PHE A 771 28.13 26.75 10.26
N ARG A 772 28.42 28.06 10.25
CA ARG A 772 28.13 28.94 11.38
C ARG A 772 27.48 30.21 10.87
N PHE A 773 26.37 30.61 11.49
CA PHE A 773 25.75 31.87 11.16
C PHE A 773 26.64 33.03 11.63
N PRO A 774 26.65 34.15 10.90
CA PRO A 774 27.46 35.29 11.32
C PRO A 774 26.98 35.91 12.62
N SER A 775 25.69 36.18 12.71
CA SER A 775 25.06 36.77 13.89
C SER A 775 25.75 38.09 14.29
N ASP B 193 -48.49 8.14 3.52
CA ASP B 193 -47.09 8.53 3.56
C ASP B 193 -46.95 10.05 3.53
N GLU B 194 -46.15 10.58 4.46
CA GLU B 194 -45.95 12.02 4.59
C GLU B 194 -44.52 12.43 4.28
N GLU B 195 -43.53 11.81 4.94
CA GLU B 195 -42.14 12.18 4.72
C GLU B 195 -41.67 11.75 3.34
N GLU B 196 -42.16 10.62 2.83
CA GLU B 196 -41.75 10.14 1.52
C GLU B 196 -42.17 11.11 0.42
N SER B 197 -43.35 11.72 0.56
CA SER B 197 -43.83 12.65 -0.44
C SER B 197 -42.93 13.88 -0.55
N LEU B 198 -42.46 14.39 0.58
CA LEU B 198 -41.64 15.60 0.60
C LEU B 198 -40.15 15.30 0.67
N ASN B 199 -39.77 14.03 0.54
CA ASN B 199 -38.37 13.66 0.46
C ASN B 199 -37.94 13.24 -0.93
N GLU B 200 -38.79 13.43 -1.94
CA GLU B 200 -38.43 13.07 -3.30
C GLU B 200 -37.24 13.88 -3.78
N VAL B 201 -36.31 13.21 -4.45
CA VAL B 201 -35.10 13.88 -4.91
C VAL B 201 -35.42 14.80 -6.07
N GLY B 202 -34.49 15.71 -6.36
CA GLY B 202 -34.65 16.66 -7.44
C GLY B 202 -33.33 17.16 -7.97
N TYR B 203 -33.38 18.24 -8.77
CA TYR B 203 -32.16 18.79 -9.35
C TYR B 203 -31.20 19.30 -8.28
N ASP B 204 -31.74 19.75 -7.14
CA ASP B 204 -30.90 20.38 -6.12
C ASP B 204 -30.00 19.38 -5.40
N ASP B 205 -30.29 18.09 -5.49
CA ASP B 205 -29.55 17.10 -4.72
C ASP B 205 -28.31 16.57 -5.43
N ILE B 206 -28.10 16.91 -6.69
CA ILE B 206 -26.91 16.47 -7.40
C ILE B 206 -25.73 17.34 -6.98
N GLY B 207 -24.55 16.73 -6.91
CA GLY B 207 -23.40 17.41 -6.36
C GLY B 207 -22.51 18.08 -7.39
N GLY B 208 -21.35 17.50 -7.64
CA GLY B 208 -20.38 18.11 -8.52
C GLY B 208 -20.69 18.02 -9.99
N CYS B 209 -21.73 17.29 -10.37
CA CYS B 209 -22.12 17.14 -11.77
C CYS B 209 -22.83 18.40 -12.22
N ARG B 210 -22.08 19.32 -12.83
CA ARG B 210 -22.62 20.56 -13.37
C ARG B 210 -22.64 20.58 -14.89
N LYS B 211 -21.49 20.32 -15.53
CA LYS B 211 -21.46 20.26 -16.98
C LYS B 211 -22.28 19.09 -17.50
N GLN B 212 -22.15 17.92 -16.86
CA GLN B 212 -22.90 16.75 -17.29
C GLN B 212 -24.41 16.97 -17.14
N LEU B 213 -24.81 17.58 -16.02
CA LEU B 213 -26.23 17.85 -15.81
C LEU B 213 -26.75 18.84 -16.85
N ALA B 214 -25.94 19.85 -17.20
CA ALA B 214 -26.33 20.77 -18.25
C ALA B 214 -26.50 20.07 -19.58
N GLN B 215 -25.57 19.16 -19.91
CA GLN B 215 -25.68 18.41 -21.16
C GLN B 215 -26.93 17.55 -21.18
N ILE B 216 -27.23 16.87 -20.07
CA ILE B 216 -28.41 16.02 -20.02
C ILE B 216 -29.68 16.87 -20.16
N LYS B 217 -29.71 18.03 -19.51
CA LYS B 217 -30.87 18.91 -19.65
C LYS B 217 -31.01 19.40 -21.08
N GLU B 218 -29.88 19.64 -21.74
CA GLU B 218 -29.91 20.15 -23.12
C GLU B 218 -30.39 19.09 -24.10
N MET B 219 -30.01 17.83 -23.89
CA MET B 219 -30.33 16.76 -24.83
C MET B 219 -31.71 16.16 -24.63
N VAL B 220 -32.45 16.56 -23.58
CA VAL B 220 -33.73 15.94 -23.24
C VAL B 220 -34.85 16.97 -23.18
N GLU B 221 -34.68 18.01 -22.37
CA GLU B 221 -35.75 19.00 -22.22
C GLU B 221 -36.02 19.75 -23.52
N LEU B 222 -34.97 20.16 -24.22
CA LEU B 222 -35.16 20.92 -25.46
C LEU B 222 -35.94 20.15 -26.53
N PRO B 223 -35.60 18.90 -26.87
CA PRO B 223 -36.38 18.20 -27.89
C PRO B 223 -37.79 17.83 -27.46
N LEU B 224 -38.17 18.09 -26.21
CA LEU B 224 -39.51 17.80 -25.74
C LEU B 224 -40.32 19.04 -25.40
N ARG B 225 -39.73 20.01 -24.72
CA ARG B 225 -40.44 21.25 -24.42
C ARG B 225 -40.82 21.98 -25.70
N HIS B 226 -39.90 22.08 -26.65
CA HIS B 226 -40.10 22.82 -27.89
C HIS B 226 -39.70 21.93 -29.06
N PRO B 227 -40.55 20.98 -29.44
CA PRO B 227 -40.22 20.13 -30.60
C PRO B 227 -40.07 20.91 -31.89
N ALA B 228 -40.82 22.01 -32.06
CA ALA B 228 -40.80 22.74 -33.32
C ALA B 228 -39.46 23.41 -33.56
N LEU B 229 -38.76 23.81 -32.51
CA LEU B 229 -37.49 24.54 -32.68
C LEU B 229 -36.49 23.71 -33.47
N PHE B 230 -36.34 22.43 -33.12
CA PHE B 230 -35.41 21.57 -33.84
C PHE B 230 -35.83 21.38 -35.29
N LYS B 231 -37.13 21.53 -35.58
CA LYS B 231 -37.55 21.50 -36.98
C LYS B 231 -37.14 22.77 -37.72
N ALA B 232 -37.11 23.90 -37.02
CA ALA B 232 -36.74 25.15 -37.68
C ALA B 232 -35.29 25.12 -38.14
N ILE B 233 -34.37 24.72 -37.25
CA ILE B 233 -32.98 24.60 -37.64
C ILE B 233 -32.78 23.43 -38.59
N GLY B 234 -33.51 22.34 -38.37
CA GLY B 234 -33.42 21.15 -39.19
C GLY B 234 -32.65 20.02 -38.57
N VAL B 235 -31.98 20.24 -37.45
CA VAL B 235 -31.21 19.18 -36.80
C VAL B 235 -32.17 18.20 -36.13
N LYS B 236 -31.94 16.91 -36.38
CA LYS B 236 -32.78 15.89 -35.76
C LYS B 236 -32.39 15.70 -34.29
N PRO B 237 -33.37 15.50 -33.42
CA PRO B 237 -33.07 15.30 -31.99
C PRO B 237 -32.40 13.95 -31.76
N PRO B 238 -31.67 13.81 -30.66
CA PRO B 238 -31.04 12.52 -30.36
C PRO B 238 -32.09 11.48 -29.97
N ARG B 239 -31.68 10.22 -30.05
CA ARG B 239 -32.55 9.10 -29.74
C ARG B 239 -32.08 8.23 -28.59
N GLY B 240 -30.81 8.25 -28.23
CA GLY B 240 -30.33 7.44 -27.14
C GLY B 240 -29.19 8.08 -26.37
N ILE B 241 -29.21 7.99 -25.05
CA ILE B 241 -28.19 8.57 -24.19
C ILE B 241 -27.68 7.49 -23.26
N LEU B 242 -26.36 7.39 -23.15
CA LEU B 242 -25.71 6.40 -22.30
C LEU B 242 -24.83 7.10 -21.29
N LEU B 243 -24.85 6.61 -20.05
CA LEU B 243 -24.12 7.23 -18.94
C LEU B 243 -23.00 6.32 -18.48
N TYR B 244 -21.78 6.85 -18.46
CA TYR B 244 -20.61 6.10 -18.02
C TYR B 244 -20.39 6.33 -16.53
N GLY B 245 -19.23 5.89 -16.04
CA GLY B 245 -18.85 6.18 -14.68
C GLY B 245 -18.65 4.95 -13.82
N PRO B 246 -17.66 5.00 -12.95
CA PRO B 246 -17.44 3.90 -12.00
C PRO B 246 -18.61 3.78 -11.05
N PRO B 247 -18.70 2.69 -10.28
CA PRO B 247 -19.85 2.49 -9.41
C PRO B 247 -19.99 3.60 -8.36
N GLY B 248 -21.24 3.92 -8.04
CA GLY B 248 -21.55 4.87 -7.00
C GLY B 248 -21.20 6.31 -7.30
N THR B 249 -21.44 6.78 -8.51
CA THR B 249 -21.23 8.17 -8.87
C THR B 249 -22.54 8.90 -9.18
N GLY B 250 -23.68 8.32 -8.83
CA GLY B 250 -24.96 8.97 -9.02
C GLY B 250 -25.62 8.75 -10.36
N LYS B 251 -25.34 7.63 -11.03
CA LYS B 251 -25.91 7.39 -12.36
C LYS B 251 -27.43 7.26 -12.28
N THR B 252 -27.93 6.41 -11.40
CA THR B 252 -29.37 6.25 -11.25
C THR B 252 -29.99 7.38 -10.46
N LEU B 253 -29.20 8.12 -9.67
CA LEU B 253 -29.73 9.28 -8.98
C LEU B 253 -30.20 10.34 -9.98
N ILE B 254 -29.44 10.53 -11.05
CA ILE B 254 -29.84 11.48 -12.09
C ILE B 254 -31.14 11.04 -12.74
N ALA B 255 -31.37 9.73 -12.83
CA ALA B 255 -32.63 9.24 -13.39
C ALA B 255 -33.82 9.70 -12.55
N ARG B 256 -33.75 9.48 -11.24
CA ARG B 256 -34.83 9.90 -10.36
C ARG B 256 -34.97 11.42 -10.35
N ALA B 257 -33.84 12.14 -10.41
CA ALA B 257 -33.91 13.60 -10.47
C ALA B 257 -34.60 14.08 -11.74
N VAL B 258 -34.28 13.46 -12.87
CA VAL B 258 -34.92 13.83 -14.14
C VAL B 258 -36.39 13.51 -14.10
N ALA B 259 -36.76 12.38 -13.48
CA ALA B 259 -38.19 12.06 -13.40
C ALA B 259 -38.83 12.79 -12.24
N ASN B 260 -38.50 14.06 -12.07
CA ASN B 260 -39.25 15.03 -11.27
C ASN B 260 -39.44 16.35 -11.99
N GLU B 261 -38.44 16.79 -12.74
CA GLU B 261 -38.49 18.09 -13.41
C GLU B 261 -39.27 18.01 -14.72
N THR B 262 -38.86 17.10 -15.60
CA THR B 262 -39.47 16.97 -16.92
C THR B 262 -40.82 16.27 -16.74
N GLY B 263 -41.82 17.05 -16.35
CA GLY B 263 -43.14 16.50 -16.11
C GLY B 263 -43.91 16.22 -17.37
N ALA B 264 -43.38 15.34 -18.22
CA ALA B 264 -44.06 14.93 -19.43
C ALA B 264 -44.51 13.47 -19.35
N PHE B 265 -43.59 12.55 -19.14
CA PHE B 265 -43.91 11.14 -18.88
C PHE B 265 -42.62 10.39 -18.55
N PHE B 266 -42.70 9.36 -17.73
CA PHE B 266 -41.52 8.61 -17.37
C PHE B 266 -41.88 7.16 -17.11
N PHE B 267 -41.10 6.24 -17.68
CA PHE B 267 -41.27 4.82 -17.46
C PHE B 267 -39.91 4.21 -17.17
N LEU B 268 -39.81 3.47 -16.07
CA LEU B 268 -38.54 2.96 -15.60
C LEU B 268 -38.45 1.46 -15.87
N ILE B 269 -37.31 1.04 -16.41
CA ILE B 269 -37.04 -0.37 -16.70
C ILE B 269 -35.75 -0.75 -15.98
N ASN B 270 -35.81 -1.82 -15.19
CA ASN B 270 -34.65 -2.33 -14.47
C ASN B 270 -34.11 -3.57 -15.18
N GLY B 271 -32.79 -3.68 -15.24
CA GLY B 271 -32.15 -4.82 -15.84
C GLY B 271 -32.47 -6.12 -15.12
N PRO B 272 -32.04 -6.24 -13.86
CA PRO B 272 -32.35 -7.45 -13.10
C PRO B 272 -33.82 -7.75 -12.98
N GLU B 273 -34.67 -6.73 -12.90
CA GLU B 273 -36.11 -6.97 -12.84
C GLU B 273 -36.60 -7.64 -14.12
N ILE B 274 -36.12 -7.19 -15.27
CA ILE B 274 -36.50 -7.82 -16.53
C ILE B 274 -35.95 -9.23 -16.62
N MET B 275 -34.67 -9.42 -16.24
CA MET B 275 -34.04 -10.72 -16.40
C MET B 275 -34.55 -11.75 -15.40
N SER B 276 -35.18 -11.32 -14.30
CA SER B 276 -35.68 -12.26 -13.31
C SER B 276 -37.00 -12.90 -13.73
N LYS B 277 -37.68 -12.36 -14.72
CA LYS B 277 -38.95 -12.92 -15.15
C LYS B 277 -38.73 -14.22 -15.90
N LEU B 278 -39.81 -15.00 -16.02
CA LEU B 278 -39.75 -16.26 -16.75
C LEU B 278 -39.50 -16.00 -18.23
N ALA B 279 -38.79 -16.91 -18.87
CA ALA B 279 -38.50 -16.79 -20.29
C ALA B 279 -39.80 -16.73 -21.10
N GLY B 280 -39.86 -15.80 -22.04
CA GLY B 280 -41.08 -15.57 -22.79
C GLY B 280 -41.89 -14.43 -22.22
N GLU B 281 -41.99 -14.36 -20.89
CA GLU B 281 -42.66 -13.24 -20.25
C GLU B 281 -41.78 -11.99 -20.26
N SER B 282 -40.46 -12.17 -20.12
CA SER B 282 -39.55 -11.04 -20.18
C SER B 282 -39.63 -10.33 -21.52
N GLU B 283 -39.55 -11.11 -22.61
CA GLU B 283 -39.65 -10.53 -23.95
C GLU B 283 -40.98 -9.83 -24.14
N SER B 284 -42.06 -10.44 -23.66
CA SER B 284 -43.37 -9.82 -23.75
C SER B 284 -43.53 -8.62 -22.83
N ASN B 285 -42.58 -8.37 -21.94
CA ASN B 285 -42.71 -7.24 -21.04
C ASN B 285 -42.24 -5.94 -21.69
N LEU B 286 -41.03 -5.95 -22.26
CA LEU B 286 -40.47 -4.74 -22.85
C LEU B 286 -41.43 -4.10 -23.83
N ARG B 287 -42.05 -4.92 -24.69
CA ARG B 287 -42.97 -4.38 -25.70
C ARG B 287 -44.00 -3.47 -25.05
N LYS B 288 -44.60 -3.92 -23.93
CA LYS B 288 -45.61 -3.11 -23.26
C LYS B 288 -45.07 -1.72 -22.97
N ALA B 289 -43.89 -1.65 -22.35
CA ALA B 289 -43.29 -0.35 -22.08
C ALA B 289 -43.17 0.45 -23.36
N PHE B 290 -42.58 -0.14 -24.39
CA PHE B 290 -42.32 0.61 -25.61
C PHE B 290 -43.58 0.94 -26.37
N GLU B 291 -44.74 0.39 -25.99
CA GLU B 291 -45.98 0.92 -26.53
C GLU B 291 -46.67 1.87 -25.57
N GLU B 292 -46.55 1.63 -24.26
CA GLU B 292 -47.16 2.53 -23.29
C GLU B 292 -46.59 3.93 -23.41
N ALA B 293 -45.26 4.03 -23.37
CA ALA B 293 -44.61 5.31 -23.59
C ALA B 293 -44.92 5.86 -24.98
N GLU B 294 -45.22 4.99 -25.94
CA GLU B 294 -45.61 5.49 -27.25
C GLU B 294 -47.04 6.01 -27.25
N LYS B 295 -47.90 5.43 -26.41
CA LYS B 295 -49.31 5.83 -26.40
C LYS B 295 -49.49 7.22 -25.79
N ASN B 296 -48.67 7.57 -24.82
CA ASN B 296 -48.83 8.82 -24.08
C ASN B 296 -48.02 9.94 -24.72
N ALA B 297 -47.89 11.05 -23.99
CA ALA B 297 -47.22 12.27 -24.40
C ALA B 297 -45.73 12.01 -24.60
N PRO B 298 -44.94 13.01 -25.06
CA PRO B 298 -43.48 12.85 -25.06
C PRO B 298 -42.95 12.22 -23.78
N ALA B 299 -42.31 11.07 -23.90
CA ALA B 299 -41.97 10.25 -22.75
C ALA B 299 -40.48 9.94 -22.73
N ILE B 300 -39.99 9.59 -21.54
CA ILE B 300 -38.62 9.16 -21.33
C ILE B 300 -38.65 7.71 -20.87
N ILE B 301 -37.79 6.88 -21.44
CA ILE B 301 -37.63 5.50 -21.01
C ILE B 301 -36.22 5.32 -20.51
N PHE B 302 -36.08 4.93 -19.25
CA PHE B 302 -34.78 4.77 -18.61
C PHE B 302 -34.54 3.29 -18.33
N ILE B 303 -33.44 2.77 -18.83
CA ILE B 303 -33.00 1.40 -18.56
C ILE B 303 -31.84 1.48 -17.57
N ASP B 304 -32.04 0.91 -16.39
CA ASP B 304 -31.12 1.18 -15.28
C ASP B 304 -29.80 0.45 -15.47
N GLU B 305 -29.83 -0.87 -15.49
CA GLU B 305 -28.63 -1.69 -15.64
C GLU B 305 -28.64 -2.30 -17.04
N LEU B 306 -28.08 -1.55 -17.99
CA LEU B 306 -28.08 -2.00 -19.38
C LEU B 306 -27.26 -3.27 -19.55
N ASP B 307 -26.09 -3.33 -18.91
CA ASP B 307 -25.21 -4.49 -19.06
C ASP B 307 -25.80 -5.76 -18.48
N ALA B 308 -26.85 -5.66 -17.67
CA ALA B 308 -27.49 -6.85 -17.13
C ALA B 308 -28.36 -7.56 -18.16
N ILE B 309 -28.77 -6.87 -19.22
CA ILE B 309 -29.61 -7.49 -20.24
C ILE B 309 -28.94 -7.56 -21.61
N ALA B 310 -27.90 -6.77 -21.88
CA ALA B 310 -27.22 -6.77 -23.17
C ALA B 310 -25.72 -6.83 -22.96
N PRO B 311 -25.20 -7.99 -22.55
CA PRO B 311 -23.75 -8.13 -22.42
C PRO B 311 -23.09 -8.37 -23.76
N LYS B 312 -21.79 -8.64 -23.75
CA LYS B 312 -21.10 -9.01 -24.99
C LYS B 312 -21.72 -10.27 -25.57
N ARG B 313 -21.88 -10.28 -26.90
CA ARG B 313 -22.57 -11.39 -27.55
C ARG B 313 -21.79 -12.68 -27.40
N GLU B 314 -20.55 -12.71 -27.92
CA GLU B 314 -19.77 -13.94 -27.91
C GLU B 314 -19.33 -14.32 -26.50
N LYS B 315 -19.17 -13.33 -25.61
CA LYS B 315 -18.72 -13.63 -24.26
C LYS B 315 -19.78 -14.29 -23.41
N THR B 316 -21.02 -14.36 -23.87
CA THR B 316 -22.11 -14.97 -23.13
C THR B 316 -22.73 -16.08 -23.95
N HIS B 317 -22.90 -17.25 -23.35
CA HIS B 317 -23.52 -18.40 -23.99
C HIS B 317 -24.92 -18.58 -23.45
N GLY B 318 -25.89 -18.66 -24.36
CA GLY B 318 -27.28 -18.82 -23.97
C GLY B 318 -28.19 -18.59 -25.15
N GLU B 319 -29.48 -18.70 -24.88
CA GLU B 319 -30.50 -18.51 -25.90
C GLU B 319 -31.45 -17.37 -25.58
N VAL B 320 -31.97 -17.31 -24.35
CA VAL B 320 -32.94 -16.28 -24.01
C VAL B 320 -32.28 -14.90 -24.01
N GLU B 321 -31.01 -14.83 -23.60
CA GLU B 321 -30.32 -13.54 -23.56
C GLU B 321 -30.17 -12.95 -24.96
N ARG B 322 -29.84 -13.78 -25.94
CA ARG B 322 -29.74 -13.30 -27.31
C ARG B 322 -31.08 -12.80 -27.81
N ARG B 323 -32.15 -13.51 -27.47
CA ARG B 323 -33.49 -13.07 -27.86
C ARG B 323 -33.84 -11.73 -27.22
N ILE B 324 -33.46 -11.53 -25.96
CA ILE B 324 -33.73 -10.26 -25.30
C ILE B 324 -32.96 -9.13 -25.97
N VAL B 325 -31.69 -9.37 -26.30
CA VAL B 325 -30.90 -8.34 -26.97
C VAL B 325 -31.50 -8.00 -28.32
N SER B 326 -31.92 -9.02 -29.07
CA SER B 326 -32.53 -8.77 -30.37
C SER B 326 -33.84 -8.01 -30.22
N GLN B 327 -34.63 -8.33 -29.20
CA GLN B 327 -35.88 -7.61 -28.96
C GLN B 327 -35.61 -6.14 -28.66
N LEU B 328 -34.60 -5.87 -27.83
CA LEU B 328 -34.26 -4.48 -27.52
C LEU B 328 -33.81 -3.73 -28.76
N LEU B 329 -32.96 -4.36 -29.58
CA LEU B 329 -32.50 -3.71 -30.80
C LEU B 329 -33.67 -3.44 -31.74
N THR B 330 -34.58 -4.40 -31.89
CA THR B 330 -35.72 -4.21 -32.77
C THR B 330 -36.62 -3.08 -32.29
N LEU B 331 -36.87 -3.01 -30.98
CA LEU B 331 -37.71 -1.94 -30.45
C LEU B 331 -37.06 -0.58 -30.65
N MET B 332 -35.76 -0.47 -30.37
CA MET B 332 -35.08 0.81 -30.54
C MET B 332 -35.06 1.24 -32.00
N ASP B 333 -34.84 0.29 -32.92
CA ASP B 333 -34.87 0.63 -34.34
C ASP B 333 -36.26 1.03 -34.78
N GLY B 334 -37.29 0.32 -34.34
CA GLY B 334 -38.65 0.62 -34.77
C GLY B 334 -39.23 1.86 -34.13
N LEU B 335 -38.61 2.35 -33.07
CA LEU B 335 -39.06 3.60 -32.44
C LEU B 335 -38.64 4.84 -33.23
N LYS B 336 -38.21 4.68 -34.48
CA LYS B 336 -37.77 5.81 -35.28
C LYS B 336 -38.91 6.66 -35.82
N GLN B 337 -40.16 6.25 -35.62
CA GLN B 337 -41.28 6.99 -36.18
C GLN B 337 -41.46 8.37 -35.57
N ARG B 338 -40.57 8.77 -34.66
CA ARG B 338 -40.58 10.12 -34.07
C ARG B 338 -41.90 10.38 -33.33
N ALA B 339 -42.12 9.61 -32.28
CA ALA B 339 -43.21 9.85 -31.34
C ALA B 339 -42.75 10.66 -30.14
N HIS B 340 -41.64 11.39 -30.26
CA HIS B 340 -41.08 12.20 -29.19
C HIS B 340 -40.74 11.35 -27.97
N VAL B 341 -40.05 10.24 -28.22
CA VAL B 341 -39.63 9.32 -27.18
C VAL B 341 -38.12 9.27 -27.17
N ILE B 342 -37.52 9.47 -25.99
CA ILE B 342 -36.07 9.43 -25.81
C ILE B 342 -35.76 8.32 -24.83
N VAL B 343 -34.81 7.46 -25.19
CA VAL B 343 -34.42 6.32 -24.37
C VAL B 343 -33.08 6.61 -23.73
N MET B 344 -33.00 6.43 -22.41
CA MET B 344 -31.77 6.63 -21.66
C MET B 344 -31.36 5.32 -21.00
N ALA B 345 -30.05 5.11 -20.87
CA ALA B 345 -29.53 3.91 -20.26
C ALA B 345 -28.27 4.25 -19.48
N ALA B 346 -27.96 3.40 -18.50
CA ALA B 346 -26.81 3.59 -17.63
C ALA B 346 -26.05 2.28 -17.51
N THR B 347 -24.72 2.38 -17.38
CA THR B 347 -23.88 1.21 -17.21
C THR B 347 -22.62 1.60 -16.47
N ASN B 348 -21.98 0.60 -15.86
CA ASN B 348 -20.76 0.85 -15.11
C ASN B 348 -19.56 1.10 -16.01
N ARG B 349 -19.54 0.49 -17.20
CA ARG B 349 -18.40 0.65 -18.09
C ARG B 349 -18.83 0.39 -19.53
N PRO B 350 -18.49 1.29 -20.46
CA PRO B 350 -18.93 1.12 -21.85
C PRO B 350 -18.43 -0.16 -22.50
N ASN B 351 -17.23 -0.63 -22.17
CA ASN B 351 -16.68 -1.79 -22.84
C ASN B 351 -17.22 -3.08 -22.25
N SER B 352 -18.54 -3.14 -22.05
CA SER B 352 -19.23 -4.37 -21.72
C SER B 352 -20.55 -4.54 -22.45
N ILE B 353 -21.09 -3.48 -23.05
CA ILE B 353 -22.35 -3.56 -23.78
C ILE B 353 -22.09 -4.19 -25.14
N ASP B 354 -23.10 -4.85 -25.68
CA ASP B 354 -23.03 -5.37 -27.04
C ASP B 354 -22.76 -4.21 -27.99
N PRO B 355 -21.70 -4.26 -28.80
CA PRO B 355 -21.38 -3.12 -29.66
C PRO B 355 -22.47 -2.77 -30.65
N ALA B 356 -23.40 -3.69 -30.92
CA ALA B 356 -24.52 -3.37 -31.80
C ALA B 356 -25.42 -2.29 -31.22
N LEU B 357 -25.33 -2.05 -29.91
CA LEU B 357 -26.14 -1.03 -29.24
C LEU B 357 -25.43 0.31 -29.14
N ARG B 358 -24.25 0.45 -29.76
CA ARG B 358 -23.51 1.70 -29.74
C ARG B 358 -23.48 2.37 -31.11
N ARG B 359 -24.34 1.94 -32.03
CA ARG B 359 -24.34 2.45 -33.40
C ARG B 359 -25.20 3.70 -33.49
N PHE B 360 -25.26 4.27 -34.70
CA PHE B 360 -26.10 5.44 -34.92
C PHE B 360 -27.57 5.07 -34.77
N GLY B 361 -28.32 5.96 -34.11
CA GLY B 361 -29.72 5.72 -33.86
C GLY B 361 -30.01 4.84 -32.66
N ARG B 362 -28.97 4.33 -31.99
CA ARG B 362 -29.14 3.48 -30.81
C ARG B 362 -28.02 3.83 -29.84
N PHE B 363 -28.33 4.65 -28.84
CA PHE B 363 -27.38 5.06 -27.82
C PHE B 363 -26.14 5.70 -28.43
N ASP B 364 -26.35 6.53 -29.45
CA ASP B 364 -25.24 7.23 -30.08
C ASP B 364 -24.59 8.21 -29.12
N ARG B 365 -25.40 9.03 -28.44
CA ARG B 365 -24.88 10.00 -27.51
C ARG B 365 -24.40 9.32 -26.23
N GLU B 366 -23.45 9.97 -25.56
CA GLU B 366 -22.91 9.44 -24.31
C GLU B 366 -22.54 10.59 -23.39
N VAL B 367 -22.71 10.37 -22.09
CA VAL B 367 -22.36 11.34 -21.07
C VAL B 367 -21.48 10.63 -20.04
N ASP B 368 -20.34 11.22 -19.74
CA ASP B 368 -19.38 10.62 -18.82
C ASP B 368 -19.45 11.32 -17.47
N ILE B 369 -19.81 10.55 -16.43
CA ILE B 369 -19.92 11.06 -15.08
C ILE B 369 -18.69 10.56 -14.32
N GLY B 370 -17.67 11.40 -14.24
CA GLY B 370 -16.39 11.00 -13.69
C GLY B 370 -16.31 11.17 -12.19
N ILE B 371 -15.10 10.98 -11.68
CA ILE B 371 -14.83 11.12 -10.24
C ILE B 371 -14.82 12.60 -9.88
N PRO B 372 -15.49 13.01 -8.80
CA PRO B 372 -15.50 14.43 -8.44
C PRO B 372 -14.12 14.93 -8.05
N ASP B 373 -13.91 16.22 -8.29
CA ASP B 373 -12.67 16.90 -7.90
C ASP B 373 -12.83 17.44 -6.48
N ALA B 374 -11.90 18.31 -6.07
CA ALA B 374 -11.90 18.82 -4.71
C ALA B 374 -13.17 19.60 -4.40
N THR B 375 -13.58 20.48 -5.32
CA THR B 375 -14.79 21.27 -5.09
C THR B 375 -16.03 20.38 -5.09
N GLY B 376 -16.07 19.38 -5.99
CA GLY B 376 -17.23 18.50 -6.06
C GLY B 376 -17.44 17.72 -4.77
N ARG B 377 -16.35 17.23 -4.17
CA ARG B 377 -16.48 16.52 -2.91
C ARG B 377 -17.02 17.43 -1.82
N LEU B 378 -16.56 18.68 -1.77
CA LEU B 378 -17.09 19.64 -0.80
C LEU B 378 -18.58 19.86 -1.01
N GLU B 379 -18.99 20.02 -2.26
CA GLU B 379 -20.41 20.23 -2.55
C GLU B 379 -21.24 19.02 -2.13
N ILE B 380 -20.74 17.82 -2.39
CA ILE B 380 -21.47 16.61 -2.01
C ILE B 380 -21.56 16.51 -0.50
N LEU B 381 -20.48 16.84 0.21
CA LEU B 381 -20.54 16.83 1.67
C LEU B 381 -21.55 17.83 2.20
N GLN B 382 -21.59 19.03 1.61
CA GLN B 382 -22.58 20.01 2.05
C GLN B 382 -24.00 19.54 1.79
N ILE B 383 -24.21 18.85 0.67
CA ILE B 383 -25.54 18.31 0.38
C ILE B 383 -25.92 17.24 1.40
N HIS B 384 -24.98 16.35 1.73
CA HIS B 384 -25.30 15.23 2.61
C HIS B 384 -25.50 15.68 4.05
N THR B 385 -24.72 16.64 4.52
CA THR B 385 -24.80 17.07 5.91
C THR B 385 -25.90 18.11 6.15
N LYS B 386 -26.90 18.18 5.27
CA LYS B 386 -27.94 19.19 5.39
C LYS B 386 -28.81 18.94 6.63
N ASN B 387 -29.47 17.79 6.68
CA ASN B 387 -30.32 17.45 7.82
C ASN B 387 -29.54 16.58 8.80
N MET B 388 -28.50 17.18 9.37
CA MET B 388 -27.62 16.48 10.30
C MET B 388 -26.96 17.52 11.20
N LYS B 389 -27.33 17.53 12.47
CA LYS B 389 -26.78 18.51 13.40
C LYS B 389 -25.28 18.31 13.55
N LEU B 390 -24.54 19.42 13.50
CA LEU B 390 -23.08 19.39 13.59
C LEU B 390 -22.62 20.40 14.64
N ALA B 391 -21.31 20.45 14.83
CA ALA B 391 -20.69 21.42 15.71
C ALA B 391 -19.96 22.48 14.88
N ASP B 392 -19.57 23.56 15.56
CA ASP B 392 -18.96 24.69 14.86
C ASP B 392 -17.47 24.48 14.56
N ASP B 393 -16.83 23.50 15.19
CA ASP B 393 -15.40 23.33 14.99
C ASP B 393 -15.06 22.65 13.67
N VAL B 394 -15.97 21.85 13.12
CA VAL B 394 -15.69 21.09 11.91
C VAL B 394 -15.79 22.01 10.70
N ASP B 395 -14.77 21.97 9.83
CA ASP B 395 -14.79 22.68 8.56
C ASP B 395 -14.73 21.65 7.45
N LEU B 396 -15.70 21.71 6.53
CA LEU B 396 -15.79 20.71 5.48
C LEU B 396 -14.72 20.86 4.42
N GLU B 397 -14.07 22.03 4.35
CA GLU B 397 -13.03 22.23 3.34
C GLU B 397 -11.86 21.28 3.56
N GLN B 398 -11.42 21.13 4.80
CA GLN B 398 -10.32 20.22 5.10
C GLN B 398 -10.70 18.79 4.77
N VAL B 399 -11.92 18.38 5.11
CA VAL B 399 -12.38 17.02 4.81
C VAL B 399 -12.40 16.79 3.31
N ALA B 400 -12.90 17.77 2.56
CA ALA B 400 -12.91 17.64 1.10
C ALA B 400 -11.49 17.53 0.55
N ASN B 401 -10.56 18.29 1.12
CA ASN B 401 -9.18 18.23 0.64
C ASN B 401 -8.54 16.88 0.92
N GLU B 402 -8.75 16.33 2.11
CA GLU B 402 -8.02 15.13 2.50
C GLU B 402 -8.55 13.86 1.85
N THR B 403 -9.86 13.75 1.65
CA THR B 403 -10.44 12.57 1.02
C THR B 403 -10.07 12.57 -0.46
N HIS B 404 -9.07 11.76 -0.81
CA HIS B 404 -8.49 11.87 -2.16
C HIS B 404 -9.31 11.12 -3.20
N GLY B 405 -9.40 9.79 -3.06
CA GLY B 405 -9.96 8.99 -4.12
C GLY B 405 -11.37 8.48 -3.86
N HIS B 406 -12.23 9.35 -3.32
CA HIS B 406 -13.58 8.97 -2.96
C HIS B 406 -14.57 9.37 -4.05
N VAL B 407 -15.74 8.74 -4.01
CA VAL B 407 -16.86 9.07 -4.87
C VAL B 407 -18.06 9.40 -3.98
N GLY B 408 -19.21 9.70 -4.59
CA GLY B 408 -20.36 10.11 -3.80
C GLY B 408 -20.79 9.07 -2.77
N ALA B 409 -20.82 7.81 -3.18
CA ALA B 409 -21.18 6.75 -2.23
C ALA B 409 -20.19 6.66 -1.08
N ASP B 410 -18.90 6.82 -1.38
CA ASP B 410 -17.89 6.79 -0.32
C ASP B 410 -18.07 7.96 0.63
N LEU B 411 -18.40 9.15 0.12
CA LEU B 411 -18.64 10.29 0.99
C LEU B 411 -19.86 10.06 1.88
N ALA B 412 -20.93 9.49 1.32
CA ALA B 412 -22.10 9.18 2.15
C ALA B 412 -21.75 8.17 3.23
N ALA B 413 -20.97 7.14 2.88
CA ALA B 413 -20.55 6.16 3.87
C ALA B 413 -19.68 6.80 4.95
N LEU B 414 -18.81 7.72 4.56
CA LEU B 414 -17.97 8.41 5.54
C LEU B 414 -18.82 9.24 6.50
N CYS B 415 -19.81 9.95 5.99
CA CYS B 415 -20.67 10.72 6.87
C CYS B 415 -21.45 9.81 7.83
N SER B 416 -21.95 8.69 7.31
CA SER B 416 -22.67 7.74 8.17
C SER B 416 -21.75 7.18 9.25
N GLU B 417 -20.52 6.84 8.88
CA GLU B 417 -19.57 6.32 9.87
C GLU B 417 -19.24 7.36 10.92
N ALA B 418 -19.09 8.63 10.51
CA ALA B 418 -18.82 9.68 11.48
C ALA B 418 -19.98 9.83 12.46
N ALA B 419 -21.22 9.79 11.95
CA ALA B 419 -22.37 9.88 12.84
C ALA B 419 -22.42 8.69 13.79
N LEU B 420 -22.15 7.48 13.29
CA LEU B 420 -22.17 6.31 14.14
C LEU B 420 -21.11 6.40 15.24
N GLN B 421 -19.92 6.87 14.90
CA GLN B 421 -18.89 7.03 15.92
C GLN B 421 -19.25 8.12 16.91
N ALA B 422 -19.96 9.15 16.46
CA ALA B 422 -20.45 10.17 17.39
C ALA B 422 -21.43 9.57 18.38
N ILE B 423 -22.31 8.67 17.91
CA ILE B 423 -23.21 7.97 18.82
C ILE B 423 -22.42 7.10 19.79
N ARG B 424 -21.44 6.37 19.28
CA ARG B 424 -20.71 5.41 20.11
C ARG B 424 -19.87 6.12 21.17
N LYS B 425 -19.31 7.29 20.85
CA LYS B 425 -18.33 7.92 21.72
C LYS B 425 -18.94 8.33 23.05
N LYS B 426 -20.04 9.08 23.02
CA LYS B 426 -20.54 9.75 24.22
C LYS B 426 -21.87 9.20 24.69
N MET B 427 -22.89 9.17 23.83
CA MET B 427 -24.22 8.75 24.26
C MET B 427 -24.25 7.29 24.68
N ASP B 428 -23.32 6.46 24.22
CA ASP B 428 -23.39 5.03 24.46
C ASP B 428 -23.23 4.66 25.92
N LEU B 429 -22.81 5.60 26.76
CA LEU B 429 -22.72 5.36 28.19
C LEU B 429 -24.06 5.53 28.91
N ILE B 430 -25.12 5.87 28.18
CA ILE B 430 -26.42 6.12 28.80
C ILE B 430 -27.43 5.06 28.35
N ASP B 431 -27.66 4.98 27.04
CA ASP B 431 -28.67 4.08 26.50
C ASP B 431 -28.08 2.68 26.35
N LEU B 432 -28.54 1.74 27.18
CA LEU B 432 -27.99 0.40 27.16
C LEU B 432 -28.80 -0.56 26.28
N GLU B 433 -30.06 -0.80 26.64
CA GLU B 433 -30.90 -1.73 25.90
C GLU B 433 -32.30 -1.72 26.49
N ASP B 434 -33.27 -2.16 25.66
CA ASP B 434 -34.62 -2.47 26.11
C ASP B 434 -35.36 -1.28 26.69
N GLU B 435 -34.77 -0.09 26.59
CA GLU B 435 -35.36 1.13 27.13
C GLU B 435 -35.77 2.05 25.98
N THR B 436 -36.24 3.24 26.35
CA THR B 436 -36.58 4.27 25.39
C THR B 436 -35.71 5.49 25.66
N ILE B 437 -35.05 6.00 24.63
CA ILE B 437 -34.12 7.10 24.80
C ILE B 437 -34.89 8.39 25.03
N ASP B 438 -34.56 9.10 26.10
CA ASP B 438 -35.20 10.37 26.38
C ASP B 438 -34.71 11.44 25.41
N ALA B 439 -35.57 12.44 25.17
CA ALA B 439 -35.25 13.48 24.21
C ALA B 439 -34.09 14.37 24.66
N GLU B 440 -33.78 14.38 25.96
CA GLU B 440 -32.70 15.23 26.47
C GLU B 440 -31.36 14.85 25.85
N VAL B 441 -31.07 13.55 25.76
CA VAL B 441 -29.84 13.11 25.11
C VAL B 441 -30.01 12.93 23.61
N MET B 442 -31.24 12.93 23.11
CA MET B 442 -31.47 12.83 21.67
C MET B 442 -31.19 14.15 20.97
N ASN B 443 -31.83 15.23 21.43
CA ASN B 443 -31.64 16.53 20.78
C ASN B 443 -30.23 17.06 20.98
N SER B 444 -29.60 16.73 22.12
CA SER B 444 -28.27 17.25 22.43
C SER B 444 -27.19 16.28 21.96
N LEU B 445 -27.20 16.01 20.65
CA LEU B 445 -26.23 15.13 20.03
C LEU B 445 -25.60 15.87 18.84
N ALA B 446 -24.28 15.94 18.83
CA ALA B 446 -23.56 16.70 17.81
C ALA B 446 -22.35 15.89 17.36
N VAL B 447 -21.85 16.22 16.18
CA VAL B 447 -20.70 15.57 15.57
C VAL B 447 -19.54 16.54 15.55
N THR B 448 -18.38 16.11 16.06
CA THR B 448 -17.21 16.95 16.17
C THR B 448 -16.21 16.64 15.05
N MET B 449 -15.10 17.37 15.06
CA MET B 449 -14.08 17.18 14.03
C MET B 449 -13.29 15.90 14.25
N ASP B 450 -13.07 15.51 15.52
CA ASP B 450 -12.35 14.28 15.79
C ASP B 450 -13.09 13.06 15.27
N ASP B 451 -14.43 13.08 15.32
CA ASP B 451 -15.21 11.99 14.76
C ASP B 451 -15.00 11.89 13.25
N PHE B 452 -14.97 13.03 12.56
CA PHE B 452 -14.69 13.00 11.13
C PHE B 452 -13.28 12.50 10.84
N ARG B 453 -12.30 12.91 11.66
CA ARG B 453 -10.94 12.40 11.48
C ARG B 453 -10.89 10.89 11.66
N TRP B 454 -11.57 10.37 12.67
CA TRP B 454 -11.60 8.92 12.88
C TRP B 454 -12.26 8.22 11.70
N ALA B 455 -13.43 8.72 11.28
CA ALA B 455 -14.14 8.08 10.18
C ALA B 455 -13.31 8.09 8.90
N LEU B 456 -12.57 9.18 8.68
CA LEU B 456 -11.64 9.23 7.55
C LEU B 456 -10.54 8.20 7.71
N SER B 457 -10.04 8.02 8.93
CA SER B 457 -8.96 7.06 9.17
C SER B 457 -9.41 5.65 8.84
N GLN B 458 -10.61 5.26 9.25
CA GLN B 458 -11.13 3.92 8.99
C GLN B 458 -12.04 3.95 7.78
N SER B 459 -11.44 4.18 6.61
CA SER B 459 -12.19 4.24 5.36
C SER B 459 -11.28 3.91 4.21
N ASN B 460 -11.68 2.94 3.39
CA ASN B 460 -10.93 2.57 2.20
C ASN B 460 -11.67 3.06 0.96
N PRO B 461 -11.12 4.03 0.24
CA PRO B 461 -11.82 4.55 -0.95
C PRO B 461 -11.92 3.50 -2.04
N SER B 462 -12.99 3.61 -2.83
CA SER B 462 -13.23 2.66 -3.91
C SER B 462 -12.40 3.00 -5.15
N ALA B 463 -12.62 4.19 -5.71
CA ALA B 463 -11.93 4.60 -6.94
C ALA B 463 -10.59 5.22 -6.58
N LEU B 464 -9.66 4.35 -6.20
CA LEU B 464 -8.30 4.75 -5.84
C LEU B 464 -7.27 4.39 -6.89
N ARG B 465 -7.39 3.21 -7.50
CA ARG B 465 -6.44 2.78 -8.52
C ARG B 465 -6.86 3.22 -9.92
N GLU B 466 -7.13 4.52 -10.06
CA GLU B 466 -7.50 5.09 -11.34
C GLU B 466 -6.74 6.40 -11.53
N THR B 467 -6.41 6.70 -12.79
CA THR B 467 -5.67 7.92 -13.09
C THR B 467 -6.49 9.13 -12.72
N VAL B 468 -5.84 10.09 -12.07
CA VAL B 468 -6.50 11.32 -11.62
C VAL B 468 -6.38 12.36 -12.72
N VAL B 469 -7.52 12.87 -13.18
CA VAL B 469 -7.56 13.89 -14.23
C VAL B 469 -8.19 15.13 -13.60
N GLU B 470 -7.36 16.09 -13.24
CA GLU B 470 -7.85 17.30 -12.58
C GLU B 470 -6.85 18.43 -12.83
N VAL B 471 -7.32 19.64 -12.60
CA VAL B 471 -6.45 20.82 -12.75
C VAL B 471 -5.51 20.89 -11.56
N PRO B 472 -4.20 20.99 -11.78
CA PRO B 472 -3.26 21.02 -10.65
C PRO B 472 -3.38 22.30 -9.84
N GLN B 473 -2.92 22.23 -8.59
CA GLN B 473 -2.95 23.35 -7.67
C GLN B 473 -1.55 23.92 -7.42
N VAL B 474 -0.73 23.95 -8.46
CA VAL B 474 0.63 24.47 -8.39
C VAL B 474 0.75 25.62 -9.37
N THR B 475 1.18 26.78 -8.87
CA THR B 475 1.33 27.97 -9.68
C THR B 475 2.82 28.33 -9.78
N TRP B 476 3.10 29.42 -10.49
CA TRP B 476 4.47 29.87 -10.67
C TRP B 476 5.12 30.31 -9.37
N GLU B 477 4.35 30.54 -8.31
CA GLU B 477 4.91 30.99 -7.05
C GLU B 477 5.73 29.91 -6.36
N ASP B 478 5.48 28.64 -6.67
CA ASP B 478 6.18 27.54 -6.03
C ASP B 478 7.49 27.17 -6.72
N ILE B 479 7.86 27.88 -7.78
CA ILE B 479 9.05 27.58 -8.55
C ILE B 479 10.00 28.77 -8.48
N GLY B 480 11.26 28.51 -8.13
CA GLY B 480 12.27 29.54 -8.02
C GLY B 480 13.14 29.60 -9.26
N GLY B 481 13.40 30.82 -9.71
CA GLY B 481 14.22 31.00 -10.90
C GLY B 481 13.53 30.49 -12.15
N LEU B 482 14.35 30.02 -13.10
CA LEU B 482 13.86 29.44 -14.35
C LEU B 482 12.98 30.43 -15.11
N GLU B 483 13.42 31.68 -15.22
CA GLU B 483 12.61 32.71 -15.84
C GLU B 483 12.44 32.48 -17.34
N ASP B 484 13.53 32.16 -18.04
CA ASP B 484 13.45 31.96 -19.49
C ASP B 484 12.55 30.77 -19.83
N VAL B 485 12.67 29.69 -19.06
CA VAL B 485 11.89 28.49 -19.34
C VAL B 485 10.41 28.77 -19.19
N LYS B 486 10.02 29.64 -18.25
CA LYS B 486 8.62 29.96 -18.08
C LYS B 486 8.04 30.63 -19.33
N ARG B 487 8.76 31.59 -19.92
CA ARG B 487 8.27 32.22 -21.13
C ARG B 487 8.28 31.26 -22.31
N GLU B 488 9.35 30.46 -22.45
CA GLU B 488 9.42 29.52 -23.56
C GLU B 488 8.33 28.47 -23.47
N LEU B 489 7.89 28.15 -22.25
CA LEU B 489 6.81 27.18 -22.08
C LEU B 489 5.44 27.82 -22.25
N GLN B 490 5.29 29.08 -21.85
CA GLN B 490 4.03 29.79 -22.09
C GLN B 490 3.78 29.95 -23.58
N GLU B 491 4.81 30.29 -24.35
CA GLU B 491 4.62 30.53 -25.77
C GLU B 491 4.44 29.23 -26.56
N LEU B 492 4.41 28.08 -25.91
CA LEU B 492 4.24 26.80 -26.58
C LEU B 492 2.90 26.13 -26.31
N VAL B 493 2.26 26.41 -25.18
CA VAL B 493 1.03 25.71 -24.81
C VAL B 493 -0.12 26.71 -24.77
N GLN B 494 0.19 27.97 -24.48
CA GLN B 494 -0.84 28.99 -24.28
C GLN B 494 -1.14 29.78 -25.54
N TYR B 495 -0.12 30.14 -26.31
CA TYR B 495 -0.36 30.91 -27.54
C TYR B 495 -1.24 30.19 -28.56
N PRO B 496 -1.02 28.91 -28.87
CA PRO B 496 -1.85 28.27 -29.91
C PRO B 496 -3.34 28.25 -29.59
N VAL B 497 -3.72 28.15 -28.33
CA VAL B 497 -5.14 28.11 -27.98
C VAL B 497 -5.72 29.51 -27.86
N GLU B 498 -4.96 30.47 -27.34
CA GLU B 498 -5.49 31.81 -27.16
C GLU B 498 -5.69 32.53 -28.49
N HIS B 499 -4.76 32.36 -29.43
CA HIS B 499 -4.78 33.08 -30.70
C HIS B 499 -4.69 32.10 -31.86
N PRO B 500 -5.75 31.33 -32.12
CA PRO B 500 -5.74 30.45 -33.29
C PRO B 500 -5.62 31.19 -34.60
N ASP B 501 -6.20 32.40 -34.69
CA ASP B 501 -6.19 33.15 -35.93
C ASP B 501 -4.77 33.53 -36.34
N LYS B 502 -3.93 33.85 -35.36
CA LYS B 502 -2.54 34.19 -35.69
C LYS B 502 -1.81 33.00 -36.31
N PHE B 503 -2.01 31.81 -35.76
CA PHE B 503 -1.38 30.62 -36.32
C PHE B 503 -1.94 30.29 -37.70
N LEU B 504 -3.25 30.46 -37.88
CA LEU B 504 -3.84 30.20 -39.19
C LEU B 504 -3.31 31.19 -40.24
N LYS B 505 -3.13 32.45 -39.84
CA LYS B 505 -2.67 33.46 -40.78
C LYS B 505 -1.28 33.15 -41.29
N PHE B 506 -0.36 32.76 -40.41
CA PHE B 506 1.02 32.50 -40.79
C PHE B 506 1.27 31.04 -41.15
N GLY B 507 0.31 30.16 -40.92
CA GLY B 507 0.47 28.76 -41.30
C GLY B 507 1.59 28.03 -40.60
N MET B 508 1.76 28.27 -39.29
CA MET B 508 2.73 27.55 -38.48
C MET B 508 1.97 26.55 -37.62
N THR B 509 2.33 25.28 -37.75
CA THR B 509 1.69 24.25 -36.94
C THR B 509 2.23 24.30 -35.52
N PRO B 510 1.36 24.40 -34.51
CA PRO B 510 1.86 24.48 -33.13
C PRO B 510 2.61 23.22 -32.73
N SER B 511 3.63 23.41 -31.89
CA SER B 511 4.42 22.28 -31.42
C SER B 511 3.56 21.38 -30.54
N LYS B 512 3.80 20.08 -30.65
CA LYS B 512 3.00 19.09 -29.94
C LYS B 512 3.74 18.46 -28.76
N GLY B 513 5.02 18.75 -28.57
CA GLY B 513 5.76 18.13 -27.49
C GLY B 513 6.99 18.92 -27.11
N VAL B 514 7.61 18.48 -26.01
CA VAL B 514 8.83 19.09 -25.51
C VAL B 514 9.47 18.09 -24.55
N LEU B 515 10.80 18.07 -24.52
CA LEU B 515 11.56 17.14 -23.69
C LEU B 515 12.42 17.91 -22.70
N PHE B 516 12.37 17.52 -21.44
CA PHE B 516 13.17 18.12 -20.38
C PHE B 516 14.29 17.16 -20.01
N TYR B 517 15.52 17.67 -19.95
CA TYR B 517 16.65 16.86 -19.53
C TYR B 517 17.55 17.67 -18.60
N GLY B 518 18.06 17.01 -17.57
CA GLY B 518 18.92 17.66 -16.59
C GLY B 518 19.28 16.74 -15.45
N PRO B 519 19.97 17.27 -14.44
CA PRO B 519 20.37 16.46 -13.30
C PRO B 519 19.16 16.03 -12.49
N PRO B 520 19.29 14.98 -11.66
CA PRO B 520 18.12 14.44 -10.97
C PRO B 520 17.58 15.37 -9.90
N GLY B 521 16.49 16.06 -10.23
CA GLY B 521 15.74 16.88 -9.32
C GLY B 521 16.11 18.34 -9.46
N CYS B 522 15.35 19.08 -10.27
CA CYS B 522 15.51 20.52 -10.38
C CYS B 522 14.19 21.24 -10.60
N GLY B 523 13.06 20.53 -10.60
CA GLY B 523 11.78 21.12 -10.88
C GLY B 523 11.17 20.74 -12.22
N LYS B 524 11.60 19.63 -12.83
CA LYS B 524 11.02 19.21 -14.11
C LYS B 524 9.55 18.86 -13.95
N THR B 525 9.19 18.18 -12.87
CA THR B 525 7.79 17.85 -12.65
C THR B 525 6.97 19.07 -12.29
N LEU B 526 7.57 20.03 -11.58
CA LEU B 526 6.82 21.23 -11.18
C LEU B 526 6.40 22.05 -12.39
N LEU B 527 7.26 22.16 -13.40
CA LEU B 527 6.96 23.01 -14.54
C LEU B 527 5.74 22.53 -15.29
N ALA B 528 5.58 21.21 -15.46
CA ALA B 528 4.43 20.68 -16.17
C ALA B 528 3.14 21.02 -15.44
N LYS B 529 3.11 20.81 -14.12
CA LYS B 529 1.91 21.14 -13.35
C LYS B 529 1.62 22.63 -13.39
N ALA B 530 2.67 23.45 -13.33
CA ALA B 530 2.47 24.89 -13.36
C ALA B 530 1.87 25.34 -14.69
N ILE B 531 2.41 24.83 -15.80
CA ILE B 531 1.91 25.25 -17.10
C ILE B 531 0.50 24.70 -17.33
N ALA B 532 0.19 23.53 -16.77
CA ALA B 532 -1.19 23.04 -16.86
C ALA B 532 -2.14 23.86 -16.01
N ASN B 533 -1.66 24.39 -14.89
CA ASN B 533 -2.51 25.19 -14.02
C ASN B 533 -2.78 26.57 -14.60
N GLU B 534 -1.77 27.20 -15.18
CA GLU B 534 -1.95 28.55 -15.70
C GLU B 534 -2.99 28.59 -16.81
N CYS B 535 -2.95 27.62 -17.72
CA CYS B 535 -3.91 27.55 -18.81
C CYS B 535 -5.24 26.93 -18.40
N GLN B 536 -5.34 26.45 -17.16
CA GLN B 536 -6.55 25.79 -16.65
C GLN B 536 -6.95 24.61 -17.53
N ALA B 537 -6.03 23.66 -17.64
CA ALA B 537 -6.24 22.45 -18.42
C ALA B 537 -5.92 21.24 -17.56
N ASN B 538 -6.60 20.13 -17.87
CA ASN B 538 -6.42 18.90 -17.10
C ASN B 538 -5.00 18.37 -17.26
N PHE B 539 -4.55 17.64 -16.24
CA PHE B 539 -3.20 17.11 -16.20
C PHE B 539 -3.25 15.62 -15.90
N ILE B 540 -2.55 14.84 -16.72
CA ILE B 540 -2.47 13.39 -16.55
C ILE B 540 -0.99 13.01 -16.48
N SER B 541 -0.62 12.30 -15.42
CA SER B 541 0.77 11.98 -15.14
C SER B 541 1.00 10.49 -15.28
N ILE B 542 2.08 10.11 -15.97
CA ILE B 542 2.49 8.73 -16.13
C ILE B 542 3.95 8.62 -15.70
N LYS B 543 4.20 7.84 -14.66
CA LYS B 543 5.55 7.72 -14.11
C LYS B 543 6.27 6.52 -14.73
N GLY B 544 7.56 6.40 -14.37
CA GLY B 544 8.39 5.30 -14.85
C GLY B 544 7.96 3.91 -14.45
N PRO B 545 7.54 3.70 -13.20
CA PRO B 545 7.04 2.36 -12.82
C PRO B 545 5.89 1.87 -13.68
N GLU B 546 5.00 2.76 -14.14
CA GLU B 546 3.93 2.32 -15.03
C GLU B 546 4.48 1.80 -16.34
N LEU B 547 5.46 2.51 -16.91
CA LEU B 547 6.09 2.04 -18.14
C LEU B 547 6.79 0.71 -17.94
N LEU B 548 7.50 0.55 -16.82
CA LEU B 548 8.17 -0.72 -16.57
C LEU B 548 7.17 -1.84 -16.37
N THR B 549 6.04 -1.56 -15.73
CA THR B 549 4.99 -2.57 -15.58
C THR B 549 4.45 -2.99 -16.93
N MET B 550 4.22 -2.03 -17.82
CA MET B 550 3.74 -2.39 -19.15
C MET B 550 4.79 -3.13 -19.96
N TRP B 551 6.08 -2.88 -19.69
CA TRP B 551 7.14 -3.59 -20.40
C TRP B 551 7.28 -5.01 -19.90
N PHE B 552 7.20 -5.23 -18.59
CA PHE B 552 7.35 -6.56 -18.05
C PHE B 552 6.11 -7.41 -18.28
N GLY B 553 4.93 -6.81 -18.17
CA GLY B 553 3.69 -7.54 -18.31
C GLY B 553 3.24 -7.82 -19.72
N GLU B 554 3.99 -7.36 -20.72
CA GLU B 554 3.64 -7.54 -22.13
C GLU B 554 2.25 -6.99 -22.44
N SER B 555 1.93 -5.85 -21.83
CA SER B 555 0.61 -5.26 -21.98
C SER B 555 0.71 -3.87 -22.59
N GLU B 556 1.50 -3.73 -23.66
CA GLU B 556 1.66 -2.44 -24.30
C GLU B 556 0.35 -1.92 -24.89
N ALA B 557 -0.66 -2.79 -25.05
CA ALA B 557 -1.95 -2.36 -25.57
C ALA B 557 -2.68 -1.41 -24.64
N ASN B 558 -2.23 -1.28 -23.38
CA ASN B 558 -2.88 -0.37 -22.45
C ASN B 558 -2.65 1.10 -22.82
N VAL B 559 -1.59 1.40 -23.57
CA VAL B 559 -1.30 2.78 -23.93
C VAL B 559 -2.43 3.36 -24.75
N ARG B 560 -3.04 2.55 -25.61
CA ARG B 560 -4.18 3.00 -26.41
C ARG B 560 -5.29 3.56 -25.53
N GLU B 561 -5.40 3.05 -24.30
CA GLU B 561 -6.41 3.58 -23.38
C GLU B 561 -6.01 4.95 -22.85
N ILE B 562 -4.73 5.11 -22.49
CA ILE B 562 -4.31 6.32 -21.78
C ILE B 562 -4.61 7.56 -22.61
N PHE B 563 -4.18 7.57 -23.88
CA PHE B 563 -4.44 8.71 -24.73
C PHE B 563 -5.92 8.98 -24.87
N ASP B 564 -6.75 7.92 -24.85
CA ASP B 564 -8.18 8.13 -24.91
C ASP B 564 -8.66 8.97 -23.75
N LYS B 565 -8.18 8.66 -22.54
CA LYS B 565 -8.53 9.49 -21.39
C LYS B 565 -8.04 10.91 -21.57
N ALA B 566 -6.92 11.10 -22.27
CA ALA B 566 -6.46 12.44 -22.58
C ALA B 566 -7.30 13.09 -23.67
N ARG B 567 -7.83 12.28 -24.59
CA ARG B 567 -8.58 12.85 -25.70
C ARG B 567 -9.93 13.40 -25.24
N GLN B 568 -10.61 12.66 -24.35
CA GLN B 568 -11.90 13.12 -23.86
C GLN B 568 -11.76 14.39 -23.02
N ALA B 569 -10.72 14.45 -22.18
CA ALA B 569 -10.52 15.58 -21.27
C ALA B 569 -9.66 16.65 -21.95
N ALA B 570 -10.15 17.15 -23.07
CA ALA B 570 -9.36 18.20 -23.71
C ALA B 570 -9.86 19.58 -23.28
N PRO B 571 -8.96 20.56 -23.13
CA PRO B 571 -7.50 20.50 -23.32
C PRO B 571 -6.82 19.71 -22.22
N CYS B 572 -5.65 19.13 -22.48
CA CYS B 572 -4.97 18.31 -21.49
C CYS B 572 -3.48 18.40 -21.71
N VAL B 573 -2.74 18.07 -20.65
CA VAL B 573 -1.29 17.97 -20.69
C VAL B 573 -0.90 16.56 -20.26
N LEU B 574 -0.14 15.87 -21.09
CA LEU B 574 0.29 14.50 -20.84
C LEU B 574 1.77 14.52 -20.50
N PHE B 575 2.12 13.98 -19.33
CA PHE B 575 3.48 14.04 -18.83
C PHE B 575 4.00 12.62 -18.64
N PHE B 576 5.14 12.32 -19.28
CA PHE B 576 5.83 11.05 -19.12
C PHE B 576 7.13 11.30 -18.37
N ASP B 577 7.32 10.59 -17.27
CA ASP B 577 8.51 10.74 -16.45
C ASP B 577 9.39 9.52 -16.60
N GLU B 578 10.70 9.74 -16.70
CA GLU B 578 11.70 8.69 -16.86
C GLU B 578 11.44 7.88 -18.14
N LEU B 579 11.49 8.58 -19.27
CA LEU B 579 11.38 7.92 -20.56
C LEU B 579 12.56 6.99 -20.82
N ASP B 580 13.67 7.19 -20.11
CA ASP B 580 14.86 6.36 -20.27
C ASP B 580 14.87 5.15 -19.35
N SER B 581 13.79 4.95 -18.58
CA SER B 581 13.77 3.86 -17.60
C SER B 581 13.90 2.50 -18.28
N ILE B 582 13.17 2.31 -19.39
CA ILE B 582 13.22 1.03 -20.09
C ILE B 582 14.61 0.79 -20.64
N ALA B 583 15.19 1.81 -21.29
CA ALA B 583 16.53 1.67 -21.84
C ALA B 583 17.57 1.42 -20.75
N LYS B 584 17.41 2.09 -19.61
CA LYS B 584 18.34 1.88 -18.50
C LYS B 584 18.21 0.46 -17.94
N ALA B 585 16.98 -0.04 -17.82
CA ALA B 585 16.78 -1.36 -17.25
C ALA B 585 17.20 -2.48 -18.18
N ARG B 586 17.36 -2.19 -19.47
CA ARG B 586 17.71 -3.20 -20.46
C ARG B 586 19.21 -3.35 -20.64
N GLY B 587 20.01 -2.67 -19.83
CA GLY B 587 21.46 -2.81 -19.88
C GLY B 587 22.20 -1.49 -19.92
N GLY B 588 21.66 -0.53 -20.66
CA GLY B 588 22.24 0.80 -20.71
C GLY B 588 23.46 0.89 -21.61
N ASN B 589 23.50 1.94 -22.45
CA ASN B 589 24.61 2.19 -23.38
C ASN B 589 24.85 0.92 -24.19
N ILE B 590 26.08 0.48 -24.36
CA ILE B 590 26.37 -0.81 -25.02
C ILE B 590 26.38 -1.85 -23.90
N GLY B 591 25.20 -2.32 -23.54
CA GLY B 591 25.06 -3.29 -22.48
C GLY B 591 24.56 -4.64 -22.94
N ASP B 592 23.98 -4.67 -24.14
CA ASP B 592 23.47 -5.90 -24.72
C ASP B 592 23.30 -5.69 -26.22
N GLY B 593 22.81 -6.73 -26.90
CA GLY B 593 22.54 -6.64 -28.31
C GLY B 593 21.24 -5.92 -28.60
N GLY B 594 21.22 -4.61 -28.36
CA GLY B 594 20.03 -3.80 -28.60
C GLY B 594 20.36 -2.57 -29.43
N GLY B 595 19.30 -1.86 -29.78
CA GLY B 595 19.43 -0.66 -30.59
C GLY B 595 18.55 0.47 -30.13
N ALA B 596 18.28 0.54 -28.82
CA ALA B 596 17.44 1.58 -28.23
C ALA B 596 16.06 1.61 -28.87
N ALA B 597 15.34 0.50 -28.72
CA ALA B 597 13.99 0.38 -29.23
C ALA B 597 13.28 -0.73 -28.46
N ASP B 598 12.12 -0.41 -27.91
CA ASP B 598 11.40 -1.38 -27.09
C ASP B 598 9.94 -1.49 -27.53
N ARG B 599 9.13 -2.21 -26.75
CA ARG B 599 7.75 -2.48 -27.12
C ARG B 599 6.77 -1.47 -26.54
N VAL B 600 7.22 -0.54 -25.70
CA VAL B 600 6.34 0.45 -25.08
C VAL B 600 6.52 1.82 -25.74
N ILE B 601 7.76 2.27 -25.90
CA ILE B 601 8.01 3.53 -26.56
C ILE B 601 7.51 3.50 -27.99
N ASN B 602 7.59 2.34 -28.64
CA ASN B 602 7.02 2.20 -29.98
C ASN B 602 5.53 2.48 -29.97
N GLN B 603 4.81 1.93 -29.00
CA GLN B 603 3.37 2.18 -28.90
C GLN B 603 3.10 3.65 -28.60
N ILE B 604 3.92 4.27 -27.76
CA ILE B 604 3.75 5.69 -27.46
C ILE B 604 3.90 6.51 -28.73
N LEU B 605 4.92 6.22 -29.53
CA LEU B 605 5.12 6.94 -30.78
C LEU B 605 3.95 6.72 -31.73
N THR B 606 3.49 5.47 -31.84
CA THR B 606 2.40 5.16 -32.75
C THR B 606 1.13 5.92 -32.37
N GLU B 607 0.82 5.97 -31.07
CA GLU B 607 -0.39 6.66 -30.65
C GLU B 607 -0.23 8.18 -30.74
N MET B 608 0.97 8.70 -30.48
CA MET B 608 1.18 10.14 -30.54
C MET B 608 1.15 10.66 -31.97
N ASP B 609 1.61 9.86 -32.93
CA ASP B 609 1.56 10.29 -34.33
C ASP B 609 0.14 10.35 -34.88
N GLY B 610 -0.84 9.82 -34.16
CA GLY B 610 -2.22 9.85 -34.62
C GLY B 610 -3.09 10.80 -33.82
N MET B 611 -2.56 11.96 -33.47
CA MET B 611 -3.28 12.96 -32.70
C MET B 611 -3.67 14.13 -33.59
N SER B 612 -4.94 14.51 -33.52
CA SER B 612 -5.43 15.64 -34.30
C SER B 612 -5.15 16.95 -33.57
N THR B 613 -4.68 17.95 -34.33
CA THR B 613 -4.34 19.23 -33.73
C THR B 613 -5.56 20.05 -33.32
N LYS B 614 -6.76 19.67 -33.78
CA LYS B 614 -7.96 20.38 -33.34
C LYS B 614 -8.13 20.26 -31.83
N LYS B 615 -7.84 19.09 -31.28
CA LYS B 615 -7.86 18.90 -29.84
C LYS B 615 -6.48 19.21 -29.28
N ASN B 616 -6.44 20.05 -28.25
CA ASN B 616 -5.17 20.50 -27.67
C ASN B 616 -4.76 19.51 -26.59
N VAL B 617 -3.84 18.61 -26.94
CA VAL B 617 -3.29 17.64 -26.00
C VAL B 617 -1.77 17.75 -26.08
N PHE B 618 -1.19 18.58 -25.21
CA PHE B 618 0.24 18.77 -25.20
C PHE B 618 0.92 17.65 -24.42
N ILE B 619 2.05 17.19 -24.93
CA ILE B 619 2.78 16.06 -24.35
C ILE B 619 4.16 16.53 -23.91
N ILE B 620 4.53 16.22 -22.67
CA ILE B 620 5.81 16.61 -22.10
C ILE B 620 6.52 15.36 -21.61
N GLY B 621 7.79 15.22 -21.97
CA GLY B 621 8.62 14.11 -21.53
C GLY B 621 9.74 14.61 -20.65
N ALA B 622 10.18 13.76 -19.72
CA ALA B 622 11.24 14.09 -18.78
C ALA B 622 12.23 12.95 -18.68
N THR B 623 13.51 13.29 -18.58
CA THR B 623 14.57 12.30 -18.46
C THR B 623 15.80 12.96 -17.87
N ASN B 624 16.69 12.13 -17.32
CA ASN B 624 17.98 12.59 -16.85
C ASN B 624 19.14 11.81 -17.47
N ARG B 625 18.87 10.98 -18.47
CA ARG B 625 19.89 10.27 -19.23
C ARG B 625 19.63 10.46 -20.71
N PRO B 626 19.89 11.66 -21.23
CA PRO B 626 19.56 11.93 -22.64
C PRO B 626 20.35 11.09 -23.63
N ASP B 627 21.49 10.50 -23.22
CA ASP B 627 22.32 9.77 -24.16
C ASP B 627 21.70 8.45 -24.59
N ILE B 628 20.76 7.90 -23.82
CA ILE B 628 20.19 6.60 -24.10
C ILE B 628 18.72 6.70 -24.49
N ILE B 629 18.20 7.91 -24.69
CA ILE B 629 16.83 8.06 -25.16
C ILE B 629 16.74 7.58 -26.61
N ASP B 630 15.57 7.10 -26.99
CA ASP B 630 15.36 6.65 -28.36
C ASP B 630 15.43 7.85 -29.30
N PRO B 631 16.31 7.85 -30.30
CA PRO B 631 16.36 8.99 -31.22
C PRO B 631 15.08 9.19 -32.00
N ALA B 632 14.24 8.16 -32.13
CA ALA B 632 12.98 8.32 -32.86
C ALA B 632 12.01 9.25 -32.15
N ILE B 633 12.14 9.41 -30.83
CA ILE B 633 11.25 10.30 -30.10
C ILE B 633 11.53 11.75 -30.48
N LEU B 634 12.80 12.10 -30.68
CA LEU B 634 13.21 13.47 -30.92
C LEU B 634 12.93 13.93 -32.34
N ARG B 635 12.44 13.07 -33.21
CA ARG B 635 12.14 13.48 -34.57
C ARG B 635 11.05 14.55 -34.55
N PRO B 636 11.13 15.56 -35.43
CA PRO B 636 10.15 16.65 -35.41
C PRO B 636 8.74 16.13 -35.62
N GLY B 637 7.79 16.77 -34.95
CA GLY B 637 6.40 16.39 -34.98
C GLY B 637 5.95 15.57 -33.80
N ARG B 638 6.87 15.02 -33.01
CA ARG B 638 6.52 14.27 -31.81
C ARG B 638 7.01 14.98 -30.54
N LEU B 639 8.32 15.20 -30.42
CA LEU B 639 8.91 15.93 -29.31
C LEU B 639 10.08 16.71 -29.90
N ASP B 640 9.82 17.95 -30.32
CA ASP B 640 10.84 18.73 -31.02
C ASP B 640 11.71 19.52 -30.03
N GLN B 641 11.08 20.35 -29.20
CA GLN B 641 11.82 21.20 -28.29
C GLN B 641 12.58 20.37 -27.26
N LEU B 642 13.85 20.72 -27.05
CA LEU B 642 14.72 20.04 -26.08
C LEU B 642 15.26 21.10 -25.14
N ILE B 643 14.70 21.17 -23.94
CA ILE B 643 15.01 22.21 -22.97
C ILE B 643 15.94 21.64 -21.90
N TYR B 644 16.98 22.39 -21.57
CA TYR B 644 17.97 22.00 -20.59
C TYR B 644 17.68 22.70 -19.27
N ILE B 645 17.48 21.92 -18.21
CA ILE B 645 17.18 22.44 -16.87
C ILE B 645 18.45 22.33 -16.04
N PRO B 646 19.14 23.42 -15.74
CA PRO B 646 20.40 23.32 -15.02
C PRO B 646 20.23 23.35 -13.51
N LEU B 647 21.34 23.30 -12.78
CA LEU B 647 21.29 23.44 -11.34
C LEU B 647 21.01 24.90 -10.96
N PRO B 648 20.25 25.15 -9.89
CA PRO B 648 19.92 26.52 -9.53
C PRO B 648 21.15 27.33 -9.15
N ASP B 649 21.10 28.62 -9.43
CA ASP B 649 22.12 29.56 -9.00
C ASP B 649 21.65 30.27 -7.72
N GLU B 650 22.41 31.27 -7.29
CA GLU B 650 22.21 31.85 -5.96
C GLU B 650 20.82 32.47 -5.83
N LYS B 651 20.42 33.29 -6.80
CA LYS B 651 19.11 33.92 -6.71
C LYS B 651 18.00 32.87 -6.75
N SER B 652 18.14 31.89 -7.63
CA SER B 652 17.17 30.81 -7.68
C SER B 652 17.16 30.01 -6.39
N ARG B 653 18.34 29.82 -5.77
CA ARG B 653 18.38 29.11 -4.50
C ARG B 653 17.66 29.88 -3.40
N VAL B 654 17.83 31.20 -3.36
CA VAL B 654 17.09 32.02 -2.40
C VAL B 654 15.59 31.87 -2.64
N ALA B 655 15.18 31.93 -3.90
CA ALA B 655 13.76 31.80 -4.22
C ALA B 655 13.23 30.44 -3.81
N ILE B 656 14.01 29.38 -4.03
CA ILE B 656 13.57 28.03 -3.66
C ILE B 656 13.41 27.92 -2.15
N LEU B 657 14.39 28.42 -1.40
CA LEU B 657 14.32 28.36 0.05
C LEU B 657 13.12 29.14 0.58
N LYS B 658 12.86 30.32 0.02
CA LYS B 658 11.71 31.10 0.45
C LYS B 658 10.40 30.41 0.07
N ALA B 659 10.36 29.73 -1.08
CA ALA B 659 9.13 29.10 -1.53
C ALA B 659 8.81 27.83 -0.75
N ASN B 660 9.83 27.09 -0.31
CA ASN B 660 9.57 25.86 0.43
C ASN B 660 9.34 26.10 1.92
N LEU B 661 9.55 27.31 2.40
CA LEU B 661 9.40 27.61 3.83
C LEU B 661 8.12 28.35 4.16
N ARG B 662 7.36 28.81 3.16
CA ARG B 662 6.13 29.53 3.45
C ARG B 662 5.00 28.56 3.75
N LYS B 663 5.27 27.59 4.61
CA LYS B 663 4.27 26.66 5.12
C LYS B 663 4.38 26.42 6.62
N SER B 664 5.49 26.77 7.25
CA SER B 664 5.76 26.54 8.66
C SER B 664 6.29 27.82 9.30
N PRO B 665 6.05 28.01 10.59
CA PRO B 665 6.59 29.20 11.27
C PRO B 665 8.11 29.20 11.23
N VAL B 666 8.68 30.39 10.99
CA VAL B 666 10.11 30.59 10.96
C VAL B 666 10.44 31.86 11.71
N ALA B 667 11.45 31.81 12.58
CA ALA B 667 11.88 33.00 13.30
C ALA B 667 12.53 33.98 12.34
N LYS B 668 12.41 35.27 12.67
CA LYS B 668 12.87 36.32 11.77
C LYS B 668 14.39 36.43 11.71
N ASP B 669 15.11 35.86 12.68
CA ASP B 669 16.57 35.95 12.68
C ASP B 669 17.22 35.03 11.66
N VAL B 670 16.48 34.10 11.06
CA VAL B 670 17.05 33.19 10.08
C VAL B 670 17.43 33.97 8.83
N ASP B 671 18.64 33.72 8.33
CA ASP B 671 19.18 34.43 7.17
C ASP B 671 19.33 33.43 6.04
N LEU B 672 18.31 33.35 5.18
CA LEU B 672 18.33 32.41 4.07
C LEU B 672 19.39 32.77 3.04
N GLU B 673 19.72 34.07 2.93
CA GLU B 673 20.71 34.50 1.95
C GLU B 673 22.07 33.87 2.22
N PHE B 674 22.47 33.79 3.48
CA PHE B 674 23.75 33.16 3.81
C PHE B 674 23.74 31.68 3.46
N LEU B 675 22.63 30.99 3.72
CA LEU B 675 22.52 29.59 3.33
C LEU B 675 22.67 29.41 1.84
N ALA B 676 21.97 30.25 1.05
CA ALA B 676 22.07 30.14 -0.39
C ALA B 676 23.48 30.43 -0.88
N LYS B 677 24.15 31.40 -0.27
CA LYS B 677 25.53 31.68 -0.64
C LYS B 677 26.46 30.53 -0.27
N MET B 678 26.13 29.81 0.79
CA MET B 678 27.04 28.79 1.30
C MET B 678 26.90 27.45 0.58
N THR B 679 25.69 27.07 0.17
CA THR B 679 25.48 25.74 -0.41
C THR B 679 26.30 25.55 -1.68
N ASN B 680 25.98 26.30 -2.73
CA ASN B 680 26.77 26.35 -3.97
C ASN B 680 26.97 24.96 -4.57
N GLY B 681 25.86 24.37 -4.99
CA GLY B 681 25.94 23.11 -5.71
C GLY B 681 24.80 22.15 -5.44
N PHE B 682 23.97 22.46 -4.45
CA PHE B 682 22.84 21.59 -4.14
C PHE B 682 21.80 21.65 -5.26
N SER B 683 21.10 20.54 -5.45
CA SER B 683 20.01 20.48 -6.40
C SER B 683 18.74 21.04 -5.75
N GLY B 684 17.60 20.86 -6.40
CA GLY B 684 16.36 21.36 -5.85
C GLY B 684 15.75 20.52 -4.75
N ALA B 685 16.28 19.33 -4.51
CA ALA B 685 15.77 18.46 -3.45
C ALA B 685 16.60 18.51 -2.18
N ASP B 686 17.87 18.90 -2.26
CA ASP B 686 18.70 18.97 -1.07
C ASP B 686 18.22 20.06 -0.13
N LEU B 687 17.79 21.20 -0.68
CA LEU B 687 17.25 22.27 0.17
C LEU B 687 15.98 21.82 0.88
N THR B 688 15.12 21.09 0.18
CA THR B 688 13.93 20.54 0.81
C THR B 688 14.30 19.54 1.90
N GLU B 689 15.34 18.74 1.66
CA GLU B 689 15.82 17.82 2.70
C GLU B 689 16.29 18.57 3.93
N ILE B 690 17.01 19.68 3.72
CA ILE B 690 17.48 20.49 4.85
C ILE B 690 16.30 21.03 5.64
N CYS B 691 15.29 21.56 4.94
CA CYS B 691 14.13 22.09 5.63
C CYS B 691 13.39 20.99 6.40
N GLN B 692 13.27 19.81 5.81
CA GLN B 692 12.61 18.70 6.50
C GLN B 692 13.38 18.30 7.75
N ARG B 693 14.71 18.27 7.67
CA ARG B 693 15.51 17.93 8.85
C ARG B 693 15.34 18.98 9.95
N ALA B 694 15.30 20.25 9.57
CA ALA B 694 15.08 21.31 10.56
C ALA B 694 13.73 21.14 11.24
N CYS B 695 12.69 20.86 10.46
CA CYS B 695 11.36 20.66 11.05
C CYS B 695 11.35 19.44 11.97
N LYS B 696 12.04 18.37 11.58
CA LYS B 696 12.11 17.18 12.41
C LYS B 696 12.79 17.47 13.73
N LEU B 697 13.89 18.23 13.71
CA LEU B 697 14.57 18.59 14.95
C LEU B 697 13.67 19.43 15.84
N ALA B 698 12.93 20.38 15.24
CA ALA B 698 12.01 21.19 16.04
C ALA B 698 10.93 20.33 16.67
N ILE B 699 10.40 19.36 15.92
CA ILE B 699 9.39 18.46 16.47
C ILE B 699 9.95 17.67 17.63
N ARG B 700 11.16 17.13 17.47
CA ARG B 700 11.78 16.37 18.54
C ARG B 700 11.92 17.21 19.80
N GLU B 701 12.43 18.43 19.66
CA GLU B 701 12.64 19.29 20.82
C GLU B 701 11.32 19.62 21.50
N SER B 702 10.29 19.92 20.71
CA SER B 702 9.00 20.29 21.29
C SER B 702 8.38 19.11 22.05
N ILE B 703 8.44 17.92 21.46
CA ILE B 703 7.87 16.74 22.13
C ILE B 703 8.62 16.44 23.42
N GLU B 704 9.95 16.53 23.36
CA GLU B 704 10.77 16.28 24.55
C GLU B 704 10.43 17.27 25.65
N SER B 705 10.28 18.55 25.29
CA SER B 705 9.96 19.56 26.28
C SER B 705 8.58 19.32 26.90
N GLU B 706 7.61 18.94 26.07
CA GLU B 706 6.28 18.65 26.59
C GLU B 706 6.31 17.47 27.57
N ILE B 707 7.04 16.41 27.21
CA ILE B 707 7.15 15.25 28.10
C ILE B 707 7.82 15.65 29.41
N ARG B 708 8.89 16.45 29.32
CA ARG B 708 9.58 16.89 30.52
C ARG B 708 8.69 17.73 31.42
N ARG B 709 7.90 18.64 30.83
CA ARG B 709 7.02 19.50 31.61
C ARG B 709 5.81 18.77 32.15
N GLU B 710 5.42 17.64 31.55
CA GLU B 710 4.27 16.87 32.02
C GLU B 710 4.63 15.91 33.15
N ARG B 711 5.74 16.16 33.85
CA ARG B 711 6.14 15.34 34.98
C ARG B 711 5.94 16.02 36.33
N GLU B 712 5.89 17.35 36.37
CA GLU B 712 5.70 18.07 37.61
C GLU B 712 4.23 18.22 37.99
N ARG B 713 3.31 17.92 37.07
CA ARG B 713 1.89 18.06 37.37
C ARG B 713 1.43 17.13 38.48
N GLN B 714 2.15 16.02 38.70
CA GLN B 714 1.83 15.10 39.78
C GLN B 714 2.62 15.39 41.05
N THR B 715 3.46 16.42 41.05
CA THR B 715 4.26 16.77 42.22
C THR B 715 3.79 18.07 42.84
N ASP B 726 4.48 26.83 25.41
CA ASP B 726 5.05 26.66 24.07
C ASP B 726 6.52 27.08 24.06
N PRO B 727 7.40 26.19 24.51
CA PRO B 727 8.84 26.51 24.53
C PRO B 727 9.41 26.79 23.16
N VAL B 728 8.92 26.12 22.11
CA VAL B 728 9.43 26.32 20.76
C VAL B 728 8.27 26.63 19.84
N PRO B 729 7.83 27.89 19.77
CA PRO B 729 6.71 28.23 18.87
C PRO B 729 7.14 28.31 17.43
N GLU B 730 8.40 28.66 17.19
CA GLU B 730 8.91 28.84 15.84
C GLU B 730 10.29 28.20 15.74
N ILE B 731 10.67 27.86 14.51
CA ILE B 731 11.99 27.28 14.26
C ILE B 731 13.05 28.36 14.44
N ARG B 732 14.05 28.07 15.26
CA ARG B 732 15.09 29.03 15.55
C ARG B 732 16.27 28.84 14.61
N ARG B 733 17.25 29.75 14.70
CA ARG B 733 18.40 29.72 13.81
C ARG B 733 19.46 28.71 14.22
N ASP B 734 19.32 28.09 15.39
CA ASP B 734 20.26 27.03 15.77
C ASP B 734 19.85 25.66 15.25
N HIS B 735 18.56 25.47 14.95
CA HIS B 735 18.14 24.21 14.34
C HIS B 735 18.72 24.04 12.94
N PHE B 736 18.77 25.12 12.16
CA PHE B 736 19.31 25.03 10.82
C PHE B 736 20.80 24.71 10.84
N GLU B 737 21.52 25.23 11.84
CA GLU B 737 22.94 24.92 11.95
C GLU B 737 23.14 23.43 12.19
N GLU B 738 22.31 22.81 13.03
CA GLU B 738 22.42 21.38 13.26
C GLU B 738 22.01 20.60 12.02
N ALA B 739 20.94 21.03 11.35
CA ALA B 739 20.46 20.31 10.18
C ALA B 739 21.46 20.37 9.03
N MET B 740 22.24 21.45 8.93
CA MET B 740 23.24 21.55 7.87
C MET B 740 24.35 20.53 8.02
N ARG B 741 24.54 19.97 9.21
CA ARG B 741 25.57 18.95 9.38
C ARG B 741 25.26 17.71 8.56
N PHE B 742 24.00 17.31 8.50
CA PHE B 742 23.58 16.14 7.73
C PHE B 742 23.15 16.55 6.32
N ALA B 743 24.01 17.25 5.61
CA ALA B 743 23.72 17.72 4.25
C ALA B 743 24.78 17.21 3.30
N ARG B 744 24.35 16.74 2.13
CA ARG B 744 25.26 16.17 1.15
C ARG B 744 24.82 16.59 -0.25
N ARG B 745 25.79 16.73 -1.14
CA ARG B 745 25.52 17.07 -2.54
C ARG B 745 24.97 15.84 -3.26
N SER B 746 23.84 16.03 -3.96
CA SER B 746 23.25 14.92 -4.69
C SER B 746 24.05 14.59 -5.95
N VAL B 747 24.59 15.61 -6.62
CA VAL B 747 25.31 15.44 -7.87
C VAL B 747 26.70 16.03 -7.72
N SER B 748 27.72 15.25 -8.08
CA SER B 748 29.09 15.72 -8.02
C SER B 748 29.43 16.55 -9.25
N ASP B 749 30.64 17.12 -9.26
CA ASP B 749 31.08 17.92 -10.40
C ASP B 749 31.22 17.10 -11.66
N ASN B 750 31.40 15.77 -11.54
CA ASN B 750 31.53 14.94 -12.73
C ASN B 750 30.22 14.89 -13.51
N ASP B 751 29.09 14.76 -12.82
CA ASP B 751 27.80 14.75 -13.50
C ASP B 751 27.51 16.09 -14.15
N ILE B 752 27.86 17.19 -13.47
CA ILE B 752 27.76 18.50 -14.08
C ILE B 752 28.62 18.55 -15.33
N ARG B 753 29.80 17.93 -15.28
CA ARG B 753 30.66 17.86 -16.46
C ARG B 753 29.96 17.11 -17.60
N LYS B 754 29.31 15.99 -17.29
CA LYS B 754 28.62 15.23 -18.33
C LYS B 754 27.54 16.06 -19.00
N TYR B 755 26.68 16.68 -18.17
CA TYR B 755 25.58 17.46 -18.73
C TYR B 755 26.09 18.67 -19.51
N GLU B 756 27.13 19.32 -18.99
CA GLU B 756 27.71 20.46 -19.71
C GLU B 756 28.29 20.04 -21.04
N MET B 757 28.96 18.89 -21.09
CA MET B 757 29.51 18.41 -22.36
C MET B 757 28.40 18.11 -23.35
N PHE B 758 27.32 17.46 -22.89
CA PHE B 758 26.20 17.18 -23.79
C PHE B 758 25.60 18.47 -24.34
N ALA B 759 25.34 19.43 -23.45
CA ALA B 759 24.75 20.69 -23.87
C ALA B 759 25.67 21.44 -24.82
N GLN B 760 26.98 21.45 -24.55
CA GLN B 760 27.89 22.18 -25.40
C GLN B 760 28.06 21.51 -26.76
N THR B 761 27.98 20.17 -26.82
CA THR B 761 27.98 19.51 -28.11
C THR B 761 26.74 19.89 -28.91
N LEU B 762 25.58 19.92 -28.26
CA LEU B 762 24.37 20.35 -28.96
C LEU B 762 24.49 21.79 -29.45
N GLN B 763 25.05 22.67 -28.62
CA GLN B 763 25.18 24.07 -29.00
C GLN B 763 26.18 24.25 -30.15
N GLN B 764 27.30 23.54 -30.09
CA GLN B 764 28.29 23.62 -31.17
C GLN B 764 27.73 23.06 -32.46
N SER B 765 26.83 22.07 -32.38
CA SER B 765 26.18 21.59 -33.59
C SER B 765 25.32 22.68 -34.22
N ARG B 766 24.80 23.61 -33.42
CA ARG B 766 23.92 24.67 -33.92
C ARG B 766 24.75 25.94 -34.09
N GLY B 767 25.43 26.03 -35.22
CA GLY B 767 26.20 27.22 -35.54
C GLY B 767 25.59 28.05 -36.65
N PHE B 768 24.98 29.18 -36.30
CA PHE B 768 24.42 30.08 -37.30
C PHE B 768 24.55 31.51 -36.81
N GLY B 769 24.80 32.43 -37.74
CA GLY B 769 24.96 33.84 -37.40
C GLY B 769 26.41 34.27 -37.36
N VAL C 556 62.60 20.36 -0.75
CA VAL C 556 61.38 19.62 -0.46
C VAL C 556 61.68 18.12 -0.42
N TYR C 557 60.67 17.33 -0.02
CA TYR C 557 60.79 15.88 0.04
C TYR C 557 60.22 15.28 -1.23
N LEU C 558 60.97 14.35 -1.83
CA LEU C 558 60.55 13.78 -3.12
C LEU C 558 59.51 12.68 -2.93
N ASP C 559 59.92 11.56 -2.31
CA ASP C 559 59.01 10.45 -2.06
C ASP C 559 59.62 9.43 -1.10
N GLY C 560 58.93 9.15 0.00
CA GLY C 560 59.32 8.06 0.89
C GLY C 560 60.73 8.15 1.44
N ASP C 561 61.15 9.34 1.84
CA ASP C 561 62.49 9.56 2.34
C ASP C 561 62.53 9.57 3.86
N ARG C 562 63.72 9.36 4.41
CA ARG C 562 63.93 9.26 5.85
C ARG C 562 63.83 10.67 6.45
N THR C 563 62.59 11.14 6.60
CA THR C 563 62.36 12.47 7.12
C THR C 563 62.63 12.54 8.62
N ASN C 564 62.70 13.76 9.13
CA ASN C 564 62.89 13.97 10.56
C ASN C 564 61.69 13.54 11.38
N SER C 565 60.51 13.47 10.76
CA SER C 565 59.32 13.02 11.47
C SER C 565 59.48 11.55 11.87
N ARG C 566 59.13 11.25 13.12
CA ARG C 566 59.36 9.92 13.68
C ARG C 566 58.23 8.98 13.28
N SER C 567 58.60 7.82 12.74
CA SER C 567 57.61 6.79 12.44
C SER C 567 57.09 6.16 13.72
N THR C 568 55.78 5.93 13.76
CA THR C 568 55.12 5.34 14.93
C THR C 568 54.53 4.01 14.51
N GLY C 569 55.18 2.92 14.92
CA GLY C 569 54.72 1.59 14.58
C GLY C 569 54.99 1.16 13.16
N GLY C 570 55.81 1.91 12.42
CA GLY C 570 56.08 1.54 11.03
C GLY C 570 56.87 0.24 10.95
N LYS C 571 56.55 -0.56 9.93
CA LYS C 571 57.23 -1.82 9.72
C LYS C 571 58.55 -1.68 8.97
N CYS C 572 58.87 -0.48 8.48
CA CYS C 572 60.15 -0.27 7.82
C CYS C 572 61.31 -0.44 8.80
N GLY C 573 61.12 0.00 10.04
CA GLY C 573 62.13 -0.14 11.07
C GLY C 573 63.13 0.99 11.15
N CYS C 574 63.08 1.96 10.22
CA CYS C 574 64.00 3.09 10.27
C CYS C 574 63.62 4.11 11.32
N GLY C 575 62.37 4.09 11.79
CA GLY C 575 61.92 5.08 12.75
C GLY C 575 61.56 6.42 12.16
N PHE C 576 61.55 6.55 10.84
CA PHE C 576 61.25 7.80 10.18
C PHE C 576 60.00 7.65 9.33
N LYS C 577 59.23 8.74 9.25
CA LYS C 577 58.03 8.75 8.41
C LYS C 577 58.45 8.77 6.94
N HIS C 578 57.46 8.53 6.07
CA HIS C 578 57.70 8.48 4.64
C HIS C 578 56.73 9.41 3.93
N PHE C 579 57.20 9.96 2.80
CA PHE C 579 56.46 10.96 2.05
C PHE C 579 55.93 10.34 0.76
N TRP C 580 54.66 10.59 0.46
CA TRP C 580 54.05 10.04 -0.74
C TRP C 580 52.88 10.91 -1.15
N ASP C 581 52.93 11.44 -2.38
CA ASP C 581 51.84 12.19 -2.98
C ASP C 581 51.41 13.36 -2.09
N GLY C 582 52.39 14.12 -1.63
CA GLY C 582 52.10 15.30 -0.84
C GLY C 582 51.75 15.04 0.60
N LYS C 583 51.84 13.79 1.06
CA LYS C 583 51.45 13.43 2.41
C LYS C 583 52.58 12.68 3.10
N GLU C 584 52.56 12.73 4.43
CA GLU C 584 53.59 12.09 5.25
C GLU C 584 52.99 10.83 5.87
N TYR C 585 53.49 9.68 5.44
CA TYR C 585 52.96 8.38 5.86
C TYR C 585 54.00 7.64 6.71
N ASP C 586 53.59 6.50 7.25
CA ASP C 586 54.47 5.68 8.08
C ASP C 586 55.18 4.60 7.26
N ASN C 587 54.39 3.73 6.61
CA ASN C 587 54.94 2.63 5.84
C ASN C 587 54.90 2.98 4.35
N LEU C 588 55.23 2.00 3.51
CA LEU C 588 55.18 2.18 2.07
C LEU C 588 54.05 1.35 1.48
N PRO C 589 53.39 1.85 0.44
CA PRO C 589 52.25 1.12 -0.13
C PRO C 589 52.70 -0.05 -1.00
N GLU C 590 51.73 -0.90 -1.32
CA GLU C 590 51.91 -1.93 -2.33
C GLU C 590 51.54 -1.36 -3.69
N ALA C 591 51.64 -2.18 -4.72
CA ALA C 591 51.27 -1.79 -6.08
C ALA C 591 50.52 -2.93 -6.74
N PHE C 592 49.44 -2.59 -7.45
CA PHE C 592 48.66 -3.60 -8.15
C PHE C 592 48.25 -3.09 -9.52
N PRO C 593 48.35 -3.92 -10.55
CA PRO C 593 47.96 -3.49 -11.89
C PRO C 593 46.45 -3.58 -12.10
N ILE C 594 45.91 -2.61 -12.85
CA ILE C 594 44.50 -2.55 -13.17
C ILE C 594 44.34 -2.16 -14.63
N THR C 595 43.41 -2.83 -15.32
CA THR C 595 43.09 -2.55 -16.70
C THR C 595 41.70 -1.94 -16.80
N LEU C 596 41.56 -0.92 -17.65
CA LEU C 596 40.29 -0.27 -17.90
C LEU C 596 39.96 -0.39 -19.39
N GLU C 597 38.69 -0.67 -19.69
CA GLU C 597 38.30 -0.89 -21.08
C GLU C 597 36.96 -0.23 -21.43
N TRP C 598 36.54 0.76 -20.65
CA TRP C 598 35.25 1.42 -20.91
C TRP C 598 35.30 2.20 -22.21
N GLY C 599 34.20 2.14 -22.96
CA GLY C 599 34.10 2.90 -24.20
C GLY C 599 35.13 2.53 -25.23
N GLY C 600 35.48 1.26 -25.33
CA GLY C 600 36.48 0.82 -26.30
C GLY C 600 37.91 1.10 -25.93
N ARG C 601 38.22 2.31 -25.47
CA ARG C 601 39.58 2.66 -25.10
C ARG C 601 40.03 1.84 -23.89
N VAL C 602 41.26 1.34 -23.96
CA VAL C 602 41.84 0.49 -22.92
C VAL C 602 43.07 1.19 -22.38
N VAL C 603 43.16 1.30 -21.05
CA VAL C 603 44.29 1.92 -20.38
C VAL C 603 44.78 1.00 -19.28
N ARG C 604 46.05 1.15 -18.92
CA ARG C 604 46.69 0.38 -17.86
C ARG C 604 47.12 1.33 -16.76
N GLU C 605 46.92 0.92 -15.52
CA GLU C 605 47.22 1.79 -14.39
C GLU C 605 47.74 0.95 -13.23
N THR C 606 48.38 1.60 -12.28
CA THR C 606 48.84 0.97 -11.05
C THR C 606 48.18 1.65 -9.87
N VAL C 607 47.74 0.86 -8.89
CA VAL C 607 47.09 1.36 -7.70
C VAL C 607 47.97 1.08 -6.49
N TYR C 608 48.08 2.07 -5.61
CA TYR C 608 48.83 1.96 -4.37
C TYR C 608 47.85 1.88 -3.21
N TRP C 609 48.03 0.88 -2.36
CA TRP C 609 47.08 0.56 -1.30
C TRP C 609 47.75 0.75 0.06
N PHE C 610 47.07 1.46 0.95
CA PHE C 610 47.55 1.68 2.32
C PHE C 610 46.59 0.98 3.28
N GLN C 611 47.08 -0.06 3.94
CA GLN C 611 46.27 -0.84 4.87
C GLN C 611 46.78 -0.79 6.31
N TYR C 612 48.09 -0.74 6.51
CA TYR C 612 48.69 -0.71 7.84
C TYR C 612 49.09 0.73 8.15
N GLU C 613 48.45 1.32 9.15
CA GLU C 613 48.76 2.69 9.53
C GLU C 613 48.30 2.92 10.97
N SER C 614 48.86 3.96 11.59
CA SER C 614 48.51 4.31 12.95
C SER C 614 47.13 4.94 13.04
N ASP C 615 46.96 6.10 12.40
CA ASP C 615 45.69 6.80 12.41
C ASP C 615 44.71 6.15 11.44
N SER C 616 43.45 6.03 11.87
CA SER C 616 42.42 5.37 11.07
C SER C 616 41.87 6.24 9.96
N SER C 617 42.15 7.54 9.97
CA SER C 617 41.69 8.45 8.94
C SER C 617 42.60 8.49 7.73
N LEU C 618 43.68 7.70 7.74
CA LEU C 618 44.66 7.73 6.67
C LEU C 618 44.64 6.49 5.79
N ASN C 619 44.11 5.37 6.28
CA ASN C 619 44.08 4.15 5.49
C ASN C 619 43.26 4.33 4.22
N SER C 620 43.70 3.70 3.14
CA SER C 620 43.08 3.89 1.84
C SER C 620 41.62 3.43 1.86
N ASN C 621 40.77 4.16 1.15
CA ASN C 621 39.36 3.85 1.02
C ASN C 621 39.06 3.50 -0.42
N VAL C 622 38.45 2.34 -0.64
CA VAL C 622 38.28 1.81 -2.00
C VAL C 622 37.36 2.71 -2.83
N TYR C 623 36.25 3.17 -2.24
CA TYR C 623 35.28 3.94 -3.00
C TYR C 623 35.83 5.29 -3.45
N ASP C 624 36.90 5.77 -2.83
CA ASP C 624 37.54 7.00 -3.28
C ASP C 624 38.66 6.73 -4.27
N VAL C 625 39.44 5.67 -4.06
CA VAL C 625 40.51 5.33 -4.99
C VAL C 625 39.91 4.99 -6.36
N ALA C 626 38.86 4.18 -6.37
CA ALA C 626 38.23 3.82 -7.63
C ALA C 626 37.61 5.04 -8.31
N MET C 627 36.98 5.92 -7.54
CA MET C 627 36.40 7.13 -8.10
C MET C 627 37.46 8.01 -8.74
N LYS C 628 38.60 8.18 -8.06
CA LYS C 628 39.69 8.97 -8.63
C LYS C 628 40.24 8.33 -9.89
N LEU C 629 40.41 7.00 -9.88
CA LEU C 629 40.92 6.32 -11.06
C LEU C 629 39.99 6.48 -12.25
N VAL C 630 38.68 6.37 -12.03
CA VAL C 630 37.73 6.51 -13.13
C VAL C 630 37.68 7.95 -13.62
N THR C 631 37.66 8.92 -12.70
CA THR C 631 37.57 10.31 -13.11
C THR C 631 38.81 10.76 -13.88
N LYS C 632 40.00 10.34 -13.43
CA LYS C 632 41.23 10.81 -14.08
C LYS C 632 41.34 10.31 -15.52
N HIS C 633 40.76 9.15 -15.83
CA HIS C 633 40.90 8.58 -17.15
C HIS C 633 39.63 8.62 -17.99
N PHE C 634 38.47 8.78 -17.37
CA PHE C 634 37.19 8.86 -18.09
C PHE C 634 36.38 10.03 -17.56
N PRO C 635 36.85 11.26 -17.80
CA PRO C 635 36.13 12.43 -17.26
C PRO C 635 34.87 12.72 -18.06
N GLY C 636 33.74 12.83 -17.35
CA GLY C 636 32.50 13.22 -17.97
C GLY C 636 31.82 12.15 -18.79
N GLU C 637 32.31 10.91 -18.77
CA GLU C 637 31.65 9.85 -19.50
C GLU C 637 30.30 9.51 -18.88
N PHE C 638 29.30 9.30 -19.72
CA PHE C 638 27.96 9.03 -19.24
C PHE C 638 27.85 7.57 -18.79
N GLY C 639 27.24 7.38 -17.62
CA GLY C 639 27.02 6.03 -17.10
C GLY C 639 28.30 5.29 -16.79
N SER C 640 29.24 5.94 -16.14
CA SER C 640 30.53 5.34 -15.83
C SER C 640 30.56 4.67 -14.46
N GLU C 641 29.46 4.69 -13.71
CA GLU C 641 29.45 4.07 -12.40
C GLU C 641 29.56 2.55 -12.47
N ILE C 642 29.20 1.95 -13.60
CA ILE C 642 29.40 0.52 -13.78
C ILE C 642 30.88 0.18 -13.72
N LEU C 643 31.71 1.00 -14.38
CA LEU C 643 33.15 0.82 -14.28
C LEU C 643 33.64 0.99 -12.86
N VAL C 644 33.05 1.93 -12.12
CA VAL C 644 33.43 2.14 -10.73
C VAL C 644 33.15 0.88 -9.91
N GLN C 645 31.96 0.31 -10.07
CA GLN C 645 31.62 -0.91 -9.34
C GLN C 645 32.55 -2.06 -9.72
N LYS C 646 32.82 -2.20 -11.02
CA LYS C 646 33.66 -3.31 -11.48
C LYS C 646 35.08 -3.19 -10.92
N VAL C 647 35.66 -1.99 -10.98
CA VAL C 647 37.01 -1.83 -10.47
C VAL C 647 37.04 -1.97 -8.95
N VAL C 648 35.98 -1.51 -8.26
CA VAL C 648 35.91 -1.72 -6.81
C VAL C 648 35.93 -3.20 -6.50
N HIS C 649 35.10 -3.99 -7.19
CA HIS C 649 35.07 -5.41 -6.94
C HIS C 649 36.41 -6.06 -7.23
N THR C 650 37.05 -5.68 -8.33
CA THR C 650 38.32 -6.28 -8.71
C THR C 650 39.40 -5.98 -7.67
N ILE C 651 39.54 -4.70 -7.30
CA ILE C 651 40.59 -4.34 -6.36
C ILE C 651 40.32 -4.94 -4.99
N LEU C 652 39.05 -4.99 -4.57
CA LEU C 652 38.72 -5.58 -3.28
C LEU C 652 39.04 -7.07 -3.26
N HIS C 653 38.73 -7.78 -4.35
CA HIS C 653 39.03 -9.21 -4.42
C HIS C 653 40.53 -9.46 -4.44
N GLN C 654 41.29 -8.63 -5.15
CA GLN C 654 42.72 -8.87 -5.30
C GLN C 654 43.55 -8.23 -4.20
N THR C 655 42.93 -7.52 -3.25
CA THR C 655 43.64 -6.95 -2.11
C THR C 655 43.49 -7.78 -0.85
N ALA C 656 43.01 -9.02 -0.97
CA ALA C 656 42.73 -9.84 0.20
C ALA C 656 44.01 -10.13 0.98
N LYS C 657 43.84 -10.37 2.28
CA LYS C 657 44.93 -10.60 3.22
C LYS C 657 44.69 -11.91 3.97
N LYS C 658 44.47 -12.98 3.22
CA LYS C 658 44.15 -14.28 3.82
C LYS C 658 45.18 -14.67 4.87
N ASN C 659 46.46 -14.50 4.57
CA ASN C 659 47.52 -14.77 5.52
C ASN C 659 48.22 -13.47 5.88
N PRO C 660 48.41 -13.18 7.19
CA PRO C 660 48.96 -11.89 7.61
C PRO C 660 50.46 -11.74 7.38
N ASP C 661 50.91 -12.05 6.16
CA ASP C 661 52.30 -11.88 5.79
C ASP C 661 52.48 -11.32 4.39
N ASP C 662 51.41 -10.98 3.68
CA ASP C 662 51.51 -10.46 2.32
C ASP C 662 51.75 -8.95 2.37
N TYR C 663 52.94 -8.59 2.86
CA TYR C 663 53.36 -7.20 2.96
C TYR C 663 54.66 -7.04 2.18
N THR C 664 54.54 -6.58 0.93
CA THR C 664 55.69 -6.37 0.05
C THR C 664 55.64 -4.95 -0.48
N PRO C 665 55.98 -3.96 0.35
CA PRO C 665 55.93 -2.57 -0.10
C PRO C 665 56.93 -2.29 -1.19
N VAL C 666 56.56 -1.38 -2.08
CA VAL C 666 57.43 -1.00 -3.19
C VAL C 666 58.51 -0.06 -2.68
N ASN C 667 59.72 -0.20 -3.22
CA ASN C 667 60.84 0.64 -2.83
C ASN C 667 60.58 2.11 -3.16
PB ADP D . 19.32 -11.29 10.66
O1B ADP D . 19.57 -9.96 11.33
O2B ADP D . 20.38 -11.69 9.67
O3B ADP D . 17.91 -11.48 10.18
PA ADP D . 18.34 -12.38 13.01
O1A ADP D . 18.29 -11.01 13.64
O2A ADP D . 17.09 -12.98 12.43
O3A ADP D . 19.47 -12.35 11.86
O5' ADP D . 18.95 -13.41 14.08
C5' ADP D . 18.12 -13.93 15.11
C4' ADP D . 18.95 -14.58 16.19
O4' ADP D . 20.13 -13.81 16.43
C3' ADP D . 18.17 -14.67 17.47
O3' ADP D . 18.07 -16.03 17.89
C2' ADP D . 18.98 -13.89 18.50
O2' ADP D . 19.19 -14.71 19.65
C1' ADP D . 20.29 -13.55 17.83
N9 ADP D . 20.62 -12.12 18.01
C8 ADP D . 21.01 -11.30 17.01
N7 ADP D . 21.24 -10.05 17.47
C5 ADP D . 21.00 -10.05 18.79
C6 ADP D . 21.05 -9.05 19.87
N6 ADP D . 21.41 -7.77 19.63
N1 ADP D . 20.72 -9.45 21.11
C2 ADP D . 20.36 -10.71 21.37
N3 ADP D . 20.29 -11.69 20.44
C4 ADP D . 20.59 -11.41 19.14
PG ANP E . -20.69 -22.81 7.39
O1G ANP E . -21.74 -21.74 7.67
O2G ANP E . -21.18 -24.25 7.59
O3G ANP E . -19.90 -22.59 6.11
PB ANP E . -17.83 -22.92 8.57
O1B ANP E . -17.50 -23.94 7.53
O2B ANP E . -17.07 -21.62 8.62
N3B ANP E . -19.48 -22.69 8.71
PA ANP E . -17.78 -23.02 11.48
O1A ANP E . -18.82 -21.96 11.39
O2A ANP E . -16.47 -22.73 12.19
O3A ANP E . -17.49 -23.69 10.05
O5' ANP E . -18.51 -24.30 12.21
C5' ANP E . -18.96 -24.18 13.55
C4' ANP E . -18.19 -24.98 14.57
O4' ANP E . -16.80 -24.60 14.65
C3' ANP E . -18.69 -24.79 16.01
O3' ANP E . -19.84 -25.49 16.30
C2' ANP E . -17.48 -25.21 16.82
O2' ANP E . -17.39 -26.61 16.81
C1' ANP E . -16.36 -24.59 15.96
N9 ANP E . -16.01 -23.21 16.30
C8 ANP E . -15.70 -22.22 15.41
N7 ANP E . -15.42 -21.08 15.95
C5 ANP E . -15.55 -21.31 17.29
C6 ANP E . -15.40 -20.49 18.42
N6 ANP E . -15.06 -19.20 18.32
N1 ANP E . -15.60 -21.02 19.62
C2 ANP E . -15.95 -22.30 19.71
N3 ANP E . -16.13 -23.17 18.74
C4 ANP E . -15.92 -22.63 17.53
PB ADP F . 12.34 16.05 -10.81
O1B ADP F . 12.35 17.32 -11.62
O2B ADP F . 13.59 15.22 -10.92
O3B ADP F . 11.06 15.26 -10.90
PA ADP F . 11.01 17.21 -8.67
O1A ADP F . 10.57 18.34 -9.56
O2A ADP F . 10.07 16.06 -8.38
O3A ADP F . 12.35 16.58 -9.30
O5' ADP F . 11.52 17.80 -7.27
C5' ADP F . 10.92 17.36 -6.05
C4' ADP F . 10.97 18.47 -5.02
O4' ADP F . 12.05 19.37 -5.29
C3' ADP F . 9.70 19.30 -5.06
O3' ADP F . 8.88 18.99 -3.93
C2' ADP F . 10.14 20.74 -5.01
O2' ADP F . 9.67 21.34 -3.80
C1' ADP F . 11.66 20.71 -4.99
N9 ADP F . 12.18 21.62 -6.03
C8 ADP F . 13.04 21.28 -7.01
N7 ADP F . 13.34 22.33 -7.80
C5 ADP F . 12.65 23.39 -7.34
C6 ADP F . 12.50 24.81 -7.71
N6 ADP F . 13.17 25.33 -8.77
N1 ADP F . 11.70 25.58 -6.97
C2 ADP F . 11.03 25.09 -5.90
N3 ADP F . 11.11 23.80 -5.51
C4 ADP F . 11.90 22.92 -6.17
PG ANP G . -26.68 1.98 -10.24
O1G ANP G . -25.40 1.29 -10.69
O2G ANP G . -27.35 2.85 -11.32
O3G ANP G . -27.65 1.10 -9.47
PB ANP G . -24.61 3.82 -8.90
O1B ANP G . -24.15 4.48 -10.16
O2B ANP G . -23.70 2.84 -8.21
N3B ANP G . -26.16 3.23 -9.07
PA ANP G . -26.20 5.32 -6.95
O1A ANP G . -27.07 4.11 -6.97
O2A ANP G . -26.78 6.68 -7.25
O3A ANP G . -24.86 5.11 -7.82
O5' ANP G . -25.55 5.34 -5.43
C5' ANP G . -24.72 6.39 -5.01
C4' ANP G . -25.28 7.18 -3.85
O4' ANP G . -24.31 8.10 -3.36
C3' ANP G . -26.49 8.05 -4.20
O3' ANP G . -27.71 7.37 -4.15
C2' ANP G . -26.37 9.21 -3.22
O2' ANP G . -26.83 8.80 -1.97
C1' ANP G . -24.84 9.38 -3.22
N9 ANP G . -24.36 10.20 -4.32
C8 ANP G . -23.69 9.79 -5.44
N7 ANP G . -23.40 10.77 -6.25
C5 ANP G . -23.89 11.88 -5.63
C6 ANP G . -23.90 13.24 -5.98
N6 ANP G . -23.35 13.70 -7.10
N1 ANP G . -24.48 14.09 -5.14
C2 ANP G . -25.02 13.63 -4.01
N3 ANP G . -25.08 12.38 -3.59
C4 ANP G . -24.50 11.54 -4.44
#